data_6AIC
# 
_entry.id   6AIC 
# 
_audit_conform.dict_name       mmcif_pdbx.dic 
_audit_conform.dict_version    5.387 
_audit_conform.dict_location   http://mmcif.pdb.org/dictionaries/ascii/mmcif_pdbx.dic 
# 
loop_
_database_2.database_id 
_database_2.database_code 
_database_2.pdbx_database_accession 
_database_2.pdbx_DOI 
PDB   6AIC         pdb_00006aic 10.2210/pdb6aic/pdb 
WWPDB D_1300008821 ?            ?                   
# 
loop_
_pdbx_audit_revision_history.ordinal 
_pdbx_audit_revision_history.data_content_type 
_pdbx_audit_revision_history.major_revision 
_pdbx_audit_revision_history.minor_revision 
_pdbx_audit_revision_history.revision_date 
1 'Structure model' 1 0 2018-11-21 
2 'Structure model' 1 1 2024-03-27 
# 
_pdbx_audit_revision_details.ordinal             1 
_pdbx_audit_revision_details.revision_ordinal    1 
_pdbx_audit_revision_details.data_content_type   'Structure model' 
_pdbx_audit_revision_details.provider            repository 
_pdbx_audit_revision_details.type                'Initial release' 
_pdbx_audit_revision_details.description         ? 
_pdbx_audit_revision_details.details             ? 
# 
loop_
_pdbx_audit_revision_group.ordinal 
_pdbx_audit_revision_group.revision_ordinal 
_pdbx_audit_revision_group.data_content_type 
_pdbx_audit_revision_group.group 
1 2 'Structure model' 'Data collection'     
2 2 'Structure model' 'Database references' 
# 
loop_
_pdbx_audit_revision_category.ordinal 
_pdbx_audit_revision_category.revision_ordinal 
_pdbx_audit_revision_category.data_content_type 
_pdbx_audit_revision_category.category 
1 2 'Structure model' chem_comp_atom 
2 2 'Structure model' chem_comp_bond 
3 2 'Structure model' database_2     
# 
loop_
_pdbx_audit_revision_item.ordinal 
_pdbx_audit_revision_item.revision_ordinal 
_pdbx_audit_revision_item.data_content_type 
_pdbx_audit_revision_item.item 
1 2 'Structure model' '_database_2.pdbx_DOI'                
2 2 'Structure model' '_database_2.pdbx_database_accession' 
# 
_pdbx_database_status.status_code                     REL 
_pdbx_database_status.status_code_sf                  REL 
_pdbx_database_status.status_code_mr                  ? 
_pdbx_database_status.entry_id                        6AIC 
_pdbx_database_status.recvd_initial_deposition_date   2018-08-22 
_pdbx_database_status.SG_entry                        N 
_pdbx_database_status.deposit_site                    PDBJ 
_pdbx_database_status.process_site                    PDBJ 
_pdbx_database_status.status_code_cs                  ? 
_pdbx_database_status.methods_development_category    ? 
_pdbx_database_status.pdb_format_compatible           Y 
_pdbx_database_status.status_code_nmr_data            ? 
# 
_pdbx_database_related.db_name        PDB 
_pdbx_database_related.details        . 
_pdbx_database_related.db_id          6AIB 
_pdbx_database_related.content_type   unspecified 
# 
loop_
_audit_author.name 
_audit_author.pdbx_ordinal 
_audit_author.identifier_ORCID 
'Tian, T.'       1 0000-0002-3034-0423 
'Chengliang, W.' 2 0000-0001-5249-4856 
'Xiaobao, C.'    3 0000-0001-5249-4856 
'Xuan, Z.'       4 0000-0002-8951-2955 
'Jianye, Z.'     5 0000-0003-2648-9783 
# 
_citation.abstract                  ? 
_citation.abstract_id_CAS           ? 
_citation.book_id_ISBN              ? 
_citation.book_publisher            ? 
_citation.book_publisher_city       ? 
_citation.book_title                ? 
_citation.coordinate_linkage        ? 
_citation.country                   US 
_citation.database_id_Medline       ? 
_citation.details                   ? 
_citation.id                        primary 
_citation.journal_abbrev            'Acta Crystallogr F Struct Biol Commun' 
_citation.journal_id_ASTM           ACSFEN 
_citation.journal_id_CSD            ? 
_citation.journal_id_ISSN           2053-230X 
_citation.journal_full              ? 
_citation.journal_issue             ? 
_citation.journal_volume            74 
_citation.language                  ? 
_citation.page_first                704 
_citation.page_last                 709 
_citation.title                     
'Crystal structures of the N-terminal domain of the Staphylococcus aureus DEAD-box RNA helicase CshA and its complex with AMP' 
_citation.year                      2018 
_citation.database_id_CSD           ? 
_citation.pdbx_database_id_DOI      10.1107/S2053230X1801292X 
_citation.pdbx_database_id_PubMed   30387775 
_citation.unpublished_flag          ? 
# 
loop_
_citation_author.citation_id 
_citation_author.name 
_citation_author.ordinal 
_citation_author.identifier_ORCID 
primary 'Chen, X.'  1 ? 
primary 'Wang, C.'  2 ? 
primary 'Zhang, X.' 3 ? 
primary 'Tian, T.'  4 ? 
primary 'Zang, J.'  5 ? 
# 
loop_
_entity.id 
_entity.type 
_entity.src_method 
_entity.pdbx_description 
_entity.formula_weight 
_entity.pdbx_number_of_molecules 
_entity.pdbx_ec 
_entity.pdbx_mutation 
_entity.pdbx_fragment 
_entity.details 
1 polymer     man 'DEAD-box ATP-dependent RNA helicase CshA' 23808.789 1  3.6.4.13 ? 'UNP residues 1-208' ? 
2 non-polymer syn 'ADENOSINE MONOPHOSPHATE'                  347.221   1  ?        ? ?                    ? 
3 water       nat water                                      18.015    24 ?        ? ?                    ? 
# 
_entity_poly.entity_id                      1 
_entity_poly.type                           'polypeptide(L)' 
_entity_poly.nstd_linkage                   no 
_entity_poly.nstd_monomer                   no 
_entity_poly.pdbx_seq_one_letter_code       
;MQNFKELGISDNTVQSLESMGFKEPTPIQKDSIPYALQGIDILGQAQTGTGKTGAFGIPLIEKVVGKQGVQSLILAPTRE
LAMQVAEQLREFSRGQGVQVVTVFGGMPIERQIKALKKGPQIVVGTPGRVIDHLNRRTLKTDGIHTLILDEADEMMNMGF
IDDMRFIMDKIPAVQRQTMLFSATMPKAIQALVQQFMKSPKIIKTMNNHHHHHH
;
_entity_poly.pdbx_seq_one_letter_code_can   
;MQNFKELGISDNTVQSLESMGFKEPTPIQKDSIPYALQGIDILGQAQTGTGKTGAFGIPLIEKVVGKQGVQSLILAPTRE
LAMQVAEQLREFSRGQGVQVVTVFGGMPIERQIKALKKGPQIVVGTPGRVIDHLNRRTLKTDGIHTLILDEADEMMNMGF
IDDMRFIMDKIPAVQRQTMLFSATMPKAIQALVQQFMKSPKIIKTMNNHHHHHH
;
_entity_poly.pdbx_strand_id                 A 
_entity_poly.pdbx_target_identifier         ? 
# 
loop_
_pdbx_entity_nonpoly.entity_id 
_pdbx_entity_nonpoly.name 
_pdbx_entity_nonpoly.comp_id 
2 'ADENOSINE MONOPHOSPHATE' AMP 
3 water                     HOH 
# 
loop_
_entity_poly_seq.entity_id 
_entity_poly_seq.num 
_entity_poly_seq.mon_id 
_entity_poly_seq.hetero 
1 1   MET n 
1 2   GLN n 
1 3   ASN n 
1 4   PHE n 
1 5   LYS n 
1 6   GLU n 
1 7   LEU n 
1 8   GLY n 
1 9   ILE n 
1 10  SER n 
1 11  ASP n 
1 12  ASN n 
1 13  THR n 
1 14  VAL n 
1 15  GLN n 
1 16  SER n 
1 17  LEU n 
1 18  GLU n 
1 19  SER n 
1 20  MET n 
1 21  GLY n 
1 22  PHE n 
1 23  LYS n 
1 24  GLU n 
1 25  PRO n 
1 26  THR n 
1 27  PRO n 
1 28  ILE n 
1 29  GLN n 
1 30  LYS n 
1 31  ASP n 
1 32  SER n 
1 33  ILE n 
1 34  PRO n 
1 35  TYR n 
1 36  ALA n 
1 37  LEU n 
1 38  GLN n 
1 39  GLY n 
1 40  ILE n 
1 41  ASP n 
1 42  ILE n 
1 43  LEU n 
1 44  GLY n 
1 45  GLN n 
1 46  ALA n 
1 47  GLN n 
1 48  THR n 
1 49  GLY n 
1 50  THR n 
1 51  GLY n 
1 52  LYS n 
1 53  THR n 
1 54  GLY n 
1 55  ALA n 
1 56  PHE n 
1 57  GLY n 
1 58  ILE n 
1 59  PRO n 
1 60  LEU n 
1 61  ILE n 
1 62  GLU n 
1 63  LYS n 
1 64  VAL n 
1 65  VAL n 
1 66  GLY n 
1 67  LYS n 
1 68  GLN n 
1 69  GLY n 
1 70  VAL n 
1 71  GLN n 
1 72  SER n 
1 73  LEU n 
1 74  ILE n 
1 75  LEU n 
1 76  ALA n 
1 77  PRO n 
1 78  THR n 
1 79  ARG n 
1 80  GLU n 
1 81  LEU n 
1 82  ALA n 
1 83  MET n 
1 84  GLN n 
1 85  VAL n 
1 86  ALA n 
1 87  GLU n 
1 88  GLN n 
1 89  LEU n 
1 90  ARG n 
1 91  GLU n 
1 92  PHE n 
1 93  SER n 
1 94  ARG n 
1 95  GLY n 
1 96  GLN n 
1 97  GLY n 
1 98  VAL n 
1 99  GLN n 
1 100 VAL n 
1 101 VAL n 
1 102 THR n 
1 103 VAL n 
1 104 PHE n 
1 105 GLY n 
1 106 GLY n 
1 107 MET n 
1 108 PRO n 
1 109 ILE n 
1 110 GLU n 
1 111 ARG n 
1 112 GLN n 
1 113 ILE n 
1 114 LYS n 
1 115 ALA n 
1 116 LEU n 
1 117 LYS n 
1 118 LYS n 
1 119 GLY n 
1 120 PRO n 
1 121 GLN n 
1 122 ILE n 
1 123 VAL n 
1 124 VAL n 
1 125 GLY n 
1 126 THR n 
1 127 PRO n 
1 128 GLY n 
1 129 ARG n 
1 130 VAL n 
1 131 ILE n 
1 132 ASP n 
1 133 HIS n 
1 134 LEU n 
1 135 ASN n 
1 136 ARG n 
1 137 ARG n 
1 138 THR n 
1 139 LEU n 
1 140 LYS n 
1 141 THR n 
1 142 ASP n 
1 143 GLY n 
1 144 ILE n 
1 145 HIS n 
1 146 THR n 
1 147 LEU n 
1 148 ILE n 
1 149 LEU n 
1 150 ASP n 
1 151 GLU n 
1 152 ALA n 
1 153 ASP n 
1 154 GLU n 
1 155 MET n 
1 156 MET n 
1 157 ASN n 
1 158 MET n 
1 159 GLY n 
1 160 PHE n 
1 161 ILE n 
1 162 ASP n 
1 163 ASP n 
1 164 MET n 
1 165 ARG n 
1 166 PHE n 
1 167 ILE n 
1 168 MET n 
1 169 ASP n 
1 170 LYS n 
1 171 ILE n 
1 172 PRO n 
1 173 ALA n 
1 174 VAL n 
1 175 GLN n 
1 176 ARG n 
1 177 GLN n 
1 178 THR n 
1 179 MET n 
1 180 LEU n 
1 181 PHE n 
1 182 SER n 
1 183 ALA n 
1 184 THR n 
1 185 MET n 
1 186 PRO n 
1 187 LYS n 
1 188 ALA n 
1 189 ILE n 
1 190 GLN n 
1 191 ALA n 
1 192 LEU n 
1 193 VAL n 
1 194 GLN n 
1 195 GLN n 
1 196 PHE n 
1 197 MET n 
1 198 LYS n 
1 199 SER n 
1 200 PRO n 
1 201 LYS n 
1 202 ILE n 
1 203 ILE n 
1 204 LYS n 
1 205 THR n 
1 206 MET n 
1 207 ASN n 
1 208 ASN n 
1 209 HIS n 
1 210 HIS n 
1 211 HIS n 
1 212 HIS n 
1 213 HIS n 
1 214 HIS n 
# 
_entity_src_gen.entity_id                          1 
_entity_src_gen.pdbx_src_id                        1 
_entity_src_gen.pdbx_alt_source_flag               sample 
_entity_src_gen.pdbx_seq_type                      'Biological sequence' 
_entity_src_gen.pdbx_beg_seq_num                   1 
_entity_src_gen.pdbx_end_seq_num                   214 
_entity_src_gen.gene_src_common_name               ? 
_entity_src_gen.gene_src_genus                     ? 
_entity_src_gen.pdbx_gene_src_gene                 'cshA, SAR2168' 
_entity_src_gen.gene_src_species                   ? 
_entity_src_gen.gene_src_strain                    MRSA252 
_entity_src_gen.gene_src_tissue                    ? 
_entity_src_gen.gene_src_tissue_fraction           ? 
_entity_src_gen.gene_src_details                   ? 
_entity_src_gen.pdbx_gene_src_fragment             ? 
_entity_src_gen.pdbx_gene_src_scientific_name      'Staphylococcus aureus subsp. aureus MRSA252' 
_entity_src_gen.pdbx_gene_src_ncbi_taxonomy_id     282458 
_entity_src_gen.pdbx_gene_src_variant              ? 
_entity_src_gen.pdbx_gene_src_cell_line            ? 
_entity_src_gen.pdbx_gene_src_atcc                 ? 
_entity_src_gen.pdbx_gene_src_organ                ? 
_entity_src_gen.pdbx_gene_src_organelle            ? 
_entity_src_gen.pdbx_gene_src_cell                 ? 
_entity_src_gen.pdbx_gene_src_cellular_location    ? 
_entity_src_gen.host_org_common_name               ? 
_entity_src_gen.pdbx_host_org_scientific_name      'Escherichia coli BL21(DE3)' 
_entity_src_gen.pdbx_host_org_ncbi_taxonomy_id     469008 
_entity_src_gen.host_org_genus                     ? 
_entity_src_gen.pdbx_host_org_gene                 ? 
_entity_src_gen.pdbx_host_org_organ                ? 
_entity_src_gen.host_org_species                   ? 
_entity_src_gen.pdbx_host_org_tissue               ? 
_entity_src_gen.pdbx_host_org_tissue_fraction      ? 
_entity_src_gen.pdbx_host_org_strain               'BL21(DE3)' 
_entity_src_gen.pdbx_host_org_variant              ? 
_entity_src_gen.pdbx_host_org_cell_line            ? 
_entity_src_gen.pdbx_host_org_atcc                 ? 
_entity_src_gen.pdbx_host_org_culture_collection   ? 
_entity_src_gen.pdbx_host_org_cell                 ? 
_entity_src_gen.pdbx_host_org_organelle            ? 
_entity_src_gen.pdbx_host_org_cellular_location    ? 
_entity_src_gen.pdbx_host_org_vector_type          ? 
_entity_src_gen.pdbx_host_org_vector               ? 
_entity_src_gen.host_org_details                   ? 
_entity_src_gen.expression_system_id               ? 
_entity_src_gen.plasmid_name                       ? 
_entity_src_gen.plasmid_details                    ? 
_entity_src_gen.pdbx_description                   ? 
# 
loop_
_chem_comp.id 
_chem_comp.type 
_chem_comp.mon_nstd_flag 
_chem_comp.name 
_chem_comp.pdbx_synonyms 
_chem_comp.formula 
_chem_comp.formula_weight 
ALA 'L-peptide linking' y ALANINE                   ? 'C3 H7 N O2'      89.093  
AMP non-polymer         . 'ADENOSINE MONOPHOSPHATE' ? 'C10 H14 N5 O7 P' 347.221 
ARG 'L-peptide linking' y ARGININE                  ? 'C6 H15 N4 O2 1'  175.209 
ASN 'L-peptide linking' y ASPARAGINE                ? 'C4 H8 N2 O3'     132.118 
ASP 'L-peptide linking' y 'ASPARTIC ACID'           ? 'C4 H7 N O4'      133.103 
GLN 'L-peptide linking' y GLUTAMINE                 ? 'C5 H10 N2 O3'    146.144 
GLU 'L-peptide linking' y 'GLUTAMIC ACID'           ? 'C5 H9 N O4'      147.129 
GLY 'peptide linking'   y GLYCINE                   ? 'C2 H5 N O2'      75.067  
HIS 'L-peptide linking' y HISTIDINE                 ? 'C6 H10 N3 O2 1'  156.162 
HOH non-polymer         . WATER                     ? 'H2 O'            18.015  
ILE 'L-peptide linking' y ISOLEUCINE                ? 'C6 H13 N O2'     131.173 
LEU 'L-peptide linking' y LEUCINE                   ? 'C6 H13 N O2'     131.173 
LYS 'L-peptide linking' y LYSINE                    ? 'C6 H15 N2 O2 1'  147.195 
MET 'L-peptide linking' y METHIONINE                ? 'C5 H11 N O2 S'   149.211 
PHE 'L-peptide linking' y PHENYLALANINE             ? 'C9 H11 N O2'     165.189 
PRO 'L-peptide linking' y PROLINE                   ? 'C5 H9 N O2'      115.130 
SER 'L-peptide linking' y SERINE                    ? 'C3 H7 N O3'      105.093 
THR 'L-peptide linking' y THREONINE                 ? 'C4 H9 N O3'      119.119 
TYR 'L-peptide linking' y TYROSINE                  ? 'C9 H11 N O3'     181.189 
VAL 'L-peptide linking' y VALINE                    ? 'C5 H11 N O2'     117.146 
# 
loop_
_pdbx_poly_seq_scheme.asym_id 
_pdbx_poly_seq_scheme.entity_id 
_pdbx_poly_seq_scheme.seq_id 
_pdbx_poly_seq_scheme.mon_id 
_pdbx_poly_seq_scheme.ndb_seq_num 
_pdbx_poly_seq_scheme.pdb_seq_num 
_pdbx_poly_seq_scheme.auth_seq_num 
_pdbx_poly_seq_scheme.pdb_mon_id 
_pdbx_poly_seq_scheme.auth_mon_id 
_pdbx_poly_seq_scheme.pdb_strand_id 
_pdbx_poly_seq_scheme.pdb_ins_code 
_pdbx_poly_seq_scheme.hetero 
A 1 1   MET 1   1   ?   ?   ?   A . n 
A 1 2   GLN 2   2   ?   ?   ?   A . n 
A 1 3   ASN 3   3   3   ASN ASN A . n 
A 1 4   PHE 4   4   4   PHE PHE A . n 
A 1 5   LYS 5   5   5   LYS LYS A . n 
A 1 6   GLU 6   6   6   GLU GLU A . n 
A 1 7   LEU 7   7   7   LEU LEU A . n 
A 1 8   GLY 8   8   8   GLY GLY A . n 
A 1 9   ILE 9   9   9   ILE ILE A . n 
A 1 10  SER 10  10  10  SER SER A . n 
A 1 11  ASP 11  11  11  ASP ASP A . n 
A 1 12  ASN 12  12  12  ASN ASN A . n 
A 1 13  THR 13  13  13  THR THR A . n 
A 1 14  VAL 14  14  14  VAL VAL A . n 
A 1 15  GLN 15  15  15  GLN GLN A . n 
A 1 16  SER 16  16  16  SER SER A . n 
A 1 17  LEU 17  17  17  LEU LEU A . n 
A 1 18  GLU 18  18  18  GLU GLU A . n 
A 1 19  SER 19  19  19  SER SER A . n 
A 1 20  MET 20  20  20  MET MET A . n 
A 1 21  GLY 21  21  21  GLY GLY A . n 
A 1 22  PHE 22  22  22  PHE PHE A . n 
A 1 23  LYS 23  23  23  LYS LYS A . n 
A 1 24  GLU 24  24  24  GLU GLU A . n 
A 1 25  PRO 25  25  25  PRO PRO A . n 
A 1 26  THR 26  26  26  THR THR A . n 
A 1 27  PRO 27  27  27  PRO PRO A . n 
A 1 28  ILE 28  28  28  ILE ILE A . n 
A 1 29  GLN 29  29  29  GLN GLN A . n 
A 1 30  LYS 30  30  30  LYS LYS A . n 
A 1 31  ASP 31  31  31  ASP ASP A . n 
A 1 32  SER 32  32  32  SER SER A . n 
A 1 33  ILE 33  33  33  ILE ILE A . n 
A 1 34  PRO 34  34  34  PRO PRO A . n 
A 1 35  TYR 35  35  35  TYR TYR A . n 
A 1 36  ALA 36  36  36  ALA ALA A . n 
A 1 37  LEU 37  37  37  LEU LEU A . n 
A 1 38  GLN 38  38  38  GLN GLN A . n 
A 1 39  GLY 39  39  39  GLY GLY A . n 
A 1 40  ILE 40  40  40  ILE ILE A . n 
A 1 41  ASP 41  41  41  ASP ASP A . n 
A 1 42  ILE 42  42  42  ILE ILE A . n 
A 1 43  LEU 43  43  43  LEU LEU A . n 
A 1 44  GLY 44  44  44  GLY GLY A . n 
A 1 45  GLN 45  45  45  GLN GLN A . n 
A 1 46  ALA 46  46  46  ALA ALA A . n 
A 1 47  GLN 47  47  47  GLN GLN A . n 
A 1 48  THR 48  48  48  THR THR A . n 
A 1 49  GLY 49  49  49  GLY GLY A . n 
A 1 50  THR 50  50  50  THR THR A . n 
A 1 51  GLY 51  51  51  GLY GLY A . n 
A 1 52  LYS 52  52  52  LYS LYS A . n 
A 1 53  THR 53  53  53  THR THR A . n 
A 1 54  GLY 54  54  54  GLY GLY A . n 
A 1 55  ALA 55  55  55  ALA ALA A . n 
A 1 56  PHE 56  56  56  PHE PHE A . n 
A 1 57  GLY 57  57  57  GLY GLY A . n 
A 1 58  ILE 58  58  58  ILE ILE A . n 
A 1 59  PRO 59  59  59  PRO PRO A . n 
A 1 60  LEU 60  60  60  LEU LEU A . n 
A 1 61  ILE 61  61  61  ILE ILE A . n 
A 1 62  GLU 62  62  62  GLU GLU A . n 
A 1 63  LYS 63  63  63  LYS LYS A . n 
A 1 64  VAL 64  64  64  VAL VAL A . n 
A 1 65  VAL 65  65  65  VAL VAL A . n 
A 1 66  GLY 66  66  66  GLY GLY A . n 
A 1 67  LYS 67  67  67  LYS LYS A . n 
A 1 68  GLN 68  68  68  GLN GLN A . n 
A 1 69  GLY 69  69  69  GLY GLY A . n 
A 1 70  VAL 70  70  70  VAL VAL A . n 
A 1 71  GLN 71  71  71  GLN GLN A . n 
A 1 72  SER 72  72  72  SER SER A . n 
A 1 73  LEU 73  73  73  LEU LEU A . n 
A 1 74  ILE 74  74  74  ILE ILE A . n 
A 1 75  LEU 75  75  75  LEU LEU A . n 
A 1 76  ALA 76  76  76  ALA ALA A . n 
A 1 77  PRO 77  77  77  PRO PRO A . n 
A 1 78  THR 78  78  78  THR THR A . n 
A 1 79  ARG 79  79  79  ARG ARG A . n 
A 1 80  GLU 80  80  80  GLU GLU A . n 
A 1 81  LEU 81  81  81  LEU LEU A . n 
A 1 82  ALA 82  82  82  ALA ALA A . n 
A 1 83  MET 83  83  83  MET MET A . n 
A 1 84  GLN 84  84  84  GLN GLN A . n 
A 1 85  VAL 85  85  85  VAL VAL A . n 
A 1 86  ALA 86  86  86  ALA ALA A . n 
A 1 87  GLU 87  87  87  GLU GLU A . n 
A 1 88  GLN 88  88  88  GLN GLN A . n 
A 1 89  LEU 89  89  89  LEU LEU A . n 
A 1 90  ARG 90  90  90  ARG ARG A . n 
A 1 91  GLU 91  91  91  GLU GLU A . n 
A 1 92  PHE 92  92  92  PHE PHE A . n 
A 1 93  SER 93  93  93  SER SER A . n 
A 1 94  ARG 94  94  94  ARG ARG A . n 
A 1 95  GLY 95  95  95  GLY GLY A . n 
A 1 96  GLN 96  96  96  GLN GLN A . n 
A 1 97  GLY 97  97  97  GLY GLY A . n 
A 1 98  VAL 98  98  98  VAL VAL A . n 
A 1 99  GLN 99  99  99  GLN GLN A . n 
A 1 100 VAL 100 100 100 VAL VAL A . n 
A 1 101 VAL 101 101 101 VAL VAL A . n 
A 1 102 THR 102 102 102 THR THR A . n 
A 1 103 VAL 103 103 103 VAL VAL A . n 
A 1 104 PHE 104 104 104 PHE PHE A . n 
A 1 105 GLY 105 105 105 GLY GLY A . n 
A 1 106 GLY 106 106 106 GLY GLY A . n 
A 1 107 MET 107 107 107 MET MET A . n 
A 1 108 PRO 108 108 108 PRO PRO A . n 
A 1 109 ILE 109 109 109 ILE ILE A . n 
A 1 110 GLU 110 110 110 GLU GLU A . n 
A 1 111 ARG 111 111 111 ARG ARG A . n 
A 1 112 GLN 112 112 112 GLN GLN A . n 
A 1 113 ILE 113 113 113 ILE ILE A . n 
A 1 114 LYS 114 114 114 LYS LYS A . n 
A 1 115 ALA 115 115 115 ALA ALA A . n 
A 1 116 LEU 116 116 116 LEU LEU A . n 
A 1 117 LYS 117 117 117 LYS LYS A . n 
A 1 118 LYS 118 118 118 LYS LYS A . n 
A 1 119 GLY 119 119 119 GLY GLY A . n 
A 1 120 PRO 120 120 120 PRO PRO A . n 
A 1 121 GLN 121 121 121 GLN GLN A . n 
A 1 122 ILE 122 122 122 ILE ILE A . n 
A 1 123 VAL 123 123 123 VAL VAL A . n 
A 1 124 VAL 124 124 124 VAL VAL A . n 
A 1 125 GLY 125 125 125 GLY GLY A . n 
A 1 126 THR 126 126 126 THR THR A . n 
A 1 127 PRO 127 127 127 PRO PRO A . n 
A 1 128 GLY 128 128 128 GLY GLY A . n 
A 1 129 ARG 129 129 129 ARG ARG A . n 
A 1 130 VAL 130 130 130 VAL VAL A . n 
A 1 131 ILE 131 131 131 ILE ILE A . n 
A 1 132 ASP 132 132 132 ASP ASP A . n 
A 1 133 HIS 133 133 133 HIS HIS A . n 
A 1 134 LEU 134 134 134 LEU LEU A . n 
A 1 135 ASN 135 135 135 ASN ASN A . n 
A 1 136 ARG 136 136 136 ARG ARG A . n 
A 1 137 ARG 137 137 137 ARG ARG A . n 
A 1 138 THR 138 138 138 THR THR A . n 
A 1 139 LEU 139 139 139 LEU LEU A . n 
A 1 140 LYS 140 140 140 LYS LYS A . n 
A 1 141 THR 141 141 141 THR THR A . n 
A 1 142 ASP 142 142 142 ASP ASP A . n 
A 1 143 GLY 143 143 143 GLY GLY A . n 
A 1 144 ILE 144 144 144 ILE ILE A . n 
A 1 145 HIS 145 145 145 HIS HIS A . n 
A 1 146 THR 146 146 146 THR THR A . n 
A 1 147 LEU 147 147 147 LEU LEU A . n 
A 1 148 ILE 148 148 148 ILE ILE A . n 
A 1 149 LEU 149 149 149 LEU LEU A . n 
A 1 150 ASP 150 150 150 ASP ASP A . n 
A 1 151 GLU 151 151 151 GLU GLU A . n 
A 1 152 ALA 152 152 152 ALA ALA A . n 
A 1 153 ASP 153 153 153 ASP ASP A . n 
A 1 154 GLU 154 154 154 GLU GLU A . n 
A 1 155 MET 155 155 155 MET MET A . n 
A 1 156 MET 156 156 156 MET MET A . n 
A 1 157 ASN 157 157 157 ASN ASN A . n 
A 1 158 MET 158 158 158 MET MET A . n 
A 1 159 GLY 159 159 159 GLY GLY A . n 
A 1 160 PHE 160 160 160 PHE PHE A . n 
A 1 161 ILE 161 161 161 ILE ILE A . n 
A 1 162 ASP 162 162 162 ASP ASP A . n 
A 1 163 ASP 163 163 163 ASP ASP A . n 
A 1 164 MET 164 164 164 MET MET A . n 
A 1 165 ARG 165 165 165 ARG ARG A . n 
A 1 166 PHE 166 166 166 PHE PHE A . n 
A 1 167 ILE 167 167 167 ILE ILE A . n 
A 1 168 MET 168 168 168 MET MET A . n 
A 1 169 ASP 169 169 169 ASP ASP A . n 
A 1 170 LYS 170 170 170 LYS LYS A . n 
A 1 171 ILE 171 171 171 ILE ILE A . n 
A 1 172 PRO 172 172 172 PRO PRO A . n 
A 1 173 ALA 173 173 173 ALA ALA A . n 
A 1 174 VAL 174 174 174 VAL VAL A . n 
A 1 175 GLN 175 175 175 GLN GLN A . n 
A 1 176 ARG 176 176 176 ARG ARG A . n 
A 1 177 GLN 177 177 177 GLN GLN A . n 
A 1 178 THR 178 178 178 THR THR A . n 
A 1 179 MET 179 179 179 MET MET A . n 
A 1 180 LEU 180 180 180 LEU LEU A . n 
A 1 181 PHE 181 181 181 PHE PHE A . n 
A 1 182 SER 182 182 182 SER SER A . n 
A 1 183 ALA 183 183 183 ALA ALA A . n 
A 1 184 THR 184 184 184 THR THR A . n 
A 1 185 MET 185 185 185 MET MET A . n 
A 1 186 PRO 186 186 186 PRO PRO A . n 
A 1 187 LYS 187 187 187 LYS LYS A . n 
A 1 188 ALA 188 188 188 ALA ALA A . n 
A 1 189 ILE 189 189 189 ILE ILE A . n 
A 1 190 GLN 190 190 190 GLN GLN A . n 
A 1 191 ALA 191 191 191 ALA ALA A . n 
A 1 192 LEU 192 192 192 LEU LEU A . n 
A 1 193 VAL 193 193 193 VAL VAL A . n 
A 1 194 GLN 194 194 194 GLN GLN A . n 
A 1 195 GLN 195 195 195 GLN GLN A . n 
A 1 196 PHE 196 196 196 PHE PHE A . n 
A 1 197 MET 197 197 197 MET MET A . n 
A 1 198 LYS 198 198 198 LYS LYS A . n 
A 1 199 SER 199 199 199 SER SER A . n 
A 1 200 PRO 200 200 200 PRO PRO A . n 
A 1 201 LYS 201 201 201 LYS LYS A . n 
A 1 202 ILE 202 202 202 ILE ILE A . n 
A 1 203 ILE 203 203 203 ILE ILE A . n 
A 1 204 LYS 204 204 204 LYS LYS A . n 
A 1 205 THR 205 205 ?   ?   ?   A . n 
A 1 206 MET 206 206 ?   ?   ?   A . n 
A 1 207 ASN 207 207 ?   ?   ?   A . n 
A 1 208 ASN 208 208 ?   ?   ?   A . n 
A 1 209 HIS 209 209 ?   ?   ?   A . n 
A 1 210 HIS 210 210 ?   ?   ?   A . n 
A 1 211 HIS 211 211 ?   ?   ?   A . n 
A 1 212 HIS 212 212 ?   ?   ?   A . n 
A 1 213 HIS 213 213 ?   ?   ?   A . n 
A 1 214 HIS 214 214 ?   ?   ?   A . n 
# 
loop_
_pdbx_nonpoly_scheme.asym_id 
_pdbx_nonpoly_scheme.entity_id 
_pdbx_nonpoly_scheme.mon_id 
_pdbx_nonpoly_scheme.ndb_seq_num 
_pdbx_nonpoly_scheme.pdb_seq_num 
_pdbx_nonpoly_scheme.auth_seq_num 
_pdbx_nonpoly_scheme.pdb_mon_id 
_pdbx_nonpoly_scheme.auth_mon_id 
_pdbx_nonpoly_scheme.pdb_strand_id 
_pdbx_nonpoly_scheme.pdb_ins_code 
B 2 AMP 1  301 1  AMP AMP A . 
C 3 HOH 1  401 22 HOH HOH A . 
C 3 HOH 2  402 11 HOH HOH A . 
C 3 HOH 3  403 8  HOH HOH A . 
C 3 HOH 4  404 19 HOH HOH A . 
C 3 HOH 5  405 4  HOH HOH A . 
C 3 HOH 6  406 5  HOH HOH A . 
C 3 HOH 7  407 7  HOH HOH A . 
C 3 HOH 8  408 14 HOH HOH A . 
C 3 HOH 9  409 15 HOH HOH A . 
C 3 HOH 10 410 20 HOH HOH A . 
C 3 HOH 11 411 23 HOH HOH A . 
C 3 HOH 12 412 10 HOH HOH A . 
C 3 HOH 13 413 1  HOH HOH A . 
C 3 HOH 14 414 3  HOH HOH A . 
C 3 HOH 15 415 12 HOH HOH A . 
C 3 HOH 16 416 9  HOH HOH A . 
C 3 HOH 17 417 2  HOH HOH A . 
C 3 HOH 18 418 6  HOH HOH A . 
C 3 HOH 19 419 21 HOH HOH A . 
C 3 HOH 20 420 13 HOH HOH A . 
C 3 HOH 21 421 17 HOH HOH A . 
C 3 HOH 22 422 24 HOH HOH A . 
C 3 HOH 23 423 18 HOH HOH A . 
C 3 HOH 24 424 16 HOH HOH A . 
# 
loop_
_software.citation_id 
_software.classification 
_software.compiler_name 
_software.compiler_version 
_software.contact_author 
_software.contact_author_email 
_software.date 
_software.description 
_software.dependencies 
_software.hardware 
_software.language 
_software.location 
_software.mods 
_software.name 
_software.os 
_software.os_version 
_software.type 
_software.version 
_software.pdbx_ordinal 
? refinement       ? ? ? ? ? ? ? ? ? ? ? REFMAC   ? ? ? 5.8.0103 1 
? 'data reduction' ? ? ? ? ? ? ? ? ? ? ? HKL-2000 ? ? ? .        2 
? 'data scaling'   ? ? ? ? ? ? ? ? ? ? ? HKL-2000 ? ? ? .        3 
? phasing          ? ? ? ? ? ? ? ? ? ? ? PHENIX   ? ? ? .        4 
# 
_cell.angle_alpha                  90.00 
_cell.angle_alpha_esd              ? 
_cell.angle_beta                   118.53 
_cell.angle_beta_esd               ? 
_cell.angle_gamma                  90.00 
_cell.angle_gamma_esd              ? 
_cell.entry_id                     6AIC 
_cell.details                      ? 
_cell.formula_units_Z              ? 
_cell.length_a                     44.386 
_cell.length_a_esd                 ? 
_cell.length_b                     52.183 
_cell.length_b_esd                 ? 
_cell.length_c                     44.419 
_cell.length_c_esd                 ? 
_cell.volume                       ? 
_cell.volume_esd                   ? 
_cell.Z_PDB                        2 
_cell.reciprocal_angle_alpha       ? 
_cell.reciprocal_angle_beta        ? 
_cell.reciprocal_angle_gamma       ? 
_cell.reciprocal_angle_alpha_esd   ? 
_cell.reciprocal_angle_beta_esd    ? 
_cell.reciprocal_angle_gamma_esd   ? 
_cell.reciprocal_length_a          ? 
_cell.reciprocal_length_b          ? 
_cell.reciprocal_length_c          ? 
_cell.reciprocal_length_a_esd      ? 
_cell.reciprocal_length_b_esd      ? 
_cell.reciprocal_length_c_esd      ? 
_cell.pdbx_unique_axis             ? 
# 
_symmetry.entry_id                         6AIC 
_symmetry.cell_setting                     ? 
_symmetry.Int_Tables_number                4 
_symmetry.space_group_name_Hall            ? 
_symmetry.space_group_name_H-M             'P 1 21 1' 
_symmetry.pdbx_full_space_group_name_H-M   ? 
# 
_exptl.absorpt_coefficient_mu     ? 
_exptl.absorpt_correction_T_max   ? 
_exptl.absorpt_correction_T_min   ? 
_exptl.absorpt_correction_type    ? 
_exptl.absorpt_process_details    ? 
_exptl.entry_id                   6AIC 
_exptl.crystals_number            1 
_exptl.details                    ? 
_exptl.method                     'X-RAY DIFFRACTION' 
_exptl.method_details             ? 
# 
_exptl_crystal.colour                      ? 
_exptl_crystal.density_diffrn              ? 
_exptl_crystal.density_Matthews            1.90 
_exptl_crystal.density_method              ? 
_exptl_crystal.density_percent_sol         35.20 
_exptl_crystal.description                 ? 
_exptl_crystal.F_000                       ? 
_exptl_crystal.id                          1 
_exptl_crystal.preparation                 ? 
_exptl_crystal.size_max                    ? 
_exptl_crystal.size_mid                    ? 
_exptl_crystal.size_min                    ? 
_exptl_crystal.size_rad                    ? 
_exptl_crystal.colour_lustre               ? 
_exptl_crystal.colour_modifier             ? 
_exptl_crystal.colour_primary              ? 
_exptl_crystal.density_meas                ? 
_exptl_crystal.density_meas_esd            ? 
_exptl_crystal.density_meas_gt             ? 
_exptl_crystal.density_meas_lt             ? 
_exptl_crystal.density_meas_temp           ? 
_exptl_crystal.density_meas_temp_esd       ? 
_exptl_crystal.density_meas_temp_gt        ? 
_exptl_crystal.density_meas_temp_lt        ? 
_exptl_crystal.pdbx_crystal_image_url      ? 
_exptl_crystal.pdbx_crystal_image_format   ? 
_exptl_crystal.pdbx_mosaicity              ? 
_exptl_crystal.pdbx_mosaicity_esd          ? 
# 
_exptl_crystal_grow.apparatus       ? 
_exptl_crystal_grow.atmosphere      ? 
_exptl_crystal_grow.crystal_id      1 
_exptl_crystal_grow.details         ? 
_exptl_crystal_grow.method          'VAPOR DIFFUSION, SITTING DROP' 
_exptl_crystal_grow.method_ref      ? 
_exptl_crystal_grow.pH              ? 
_exptl_crystal_grow.pressure        ? 
_exptl_crystal_grow.pressure_esd    ? 
_exptl_crystal_grow.seeding         ? 
_exptl_crystal_grow.seeding_ref     ? 
_exptl_crystal_grow.temp            289 
_exptl_crystal_grow.temp_details    ? 
_exptl_crystal_grow.temp_esd        ? 
_exptl_crystal_grow.time            ? 
_exptl_crystal_grow.pdbx_details    '1.4M sodium malonate pH 6.0' 
_exptl_crystal_grow.pdbx_pH_range   ? 
# 
_diffrn.ambient_environment              ? 
_diffrn.ambient_temp                     100 
_diffrn.ambient_temp_details             ? 
_diffrn.ambient_temp_esd                 ? 
_diffrn.crystal_id                       1 
_diffrn.crystal_support                  ? 
_diffrn.crystal_treatment                ? 
_diffrn.details                          ? 
_diffrn.id                               1 
_diffrn.ambient_pressure                 ? 
_diffrn.ambient_pressure_esd             ? 
_diffrn.ambient_pressure_gt              ? 
_diffrn.ambient_pressure_lt              ? 
_diffrn.ambient_temp_gt                  ? 
_diffrn.ambient_temp_lt                  ? 
_diffrn.pdbx_serial_crystal_experiment   ? 
# 
_diffrn_detector.details                      ? 
_diffrn_detector.detector                     PIXEL 
_diffrn_detector.diffrn_id                    1 
_diffrn_detector.type                         'DECTRIS PILATUS3 6M' 
_diffrn_detector.area_resol_mean              ? 
_diffrn_detector.dtime                        ? 
_diffrn_detector.pdbx_frames_total            ? 
_diffrn_detector.pdbx_collection_time_total   ? 
_diffrn_detector.pdbx_collection_date         2015-05-16 
_diffrn_detector.pdbx_frequency               ? 
# 
_diffrn_radiation.collimation                      ? 
_diffrn_radiation.diffrn_id                        1 
_diffrn_radiation.filter_edge                      ? 
_diffrn_radiation.inhomogeneity                    ? 
_diffrn_radiation.monochromator                    ? 
_diffrn_radiation.polarisn_norm                    ? 
_diffrn_radiation.polarisn_ratio                   ? 
_diffrn_radiation.probe                            ? 
_diffrn_radiation.type                             ? 
_diffrn_radiation.xray_symbol                      ? 
_diffrn_radiation.wavelength_id                    1 
_diffrn_radiation.pdbx_monochromatic_or_laue_m_l   M 
_diffrn_radiation.pdbx_wavelength_list             ? 
_diffrn_radiation.pdbx_wavelength                  ? 
_diffrn_radiation.pdbx_diffrn_protocol             'SINGLE WAVELENGTH' 
_diffrn_radiation.pdbx_analyzer                    ? 
_diffrn_radiation.pdbx_scattering_type             x-ray 
# 
_diffrn_radiation_wavelength.id           1 
_diffrn_radiation_wavelength.wavelength   0.9792 
_diffrn_radiation_wavelength.wt           1.0 
# 
_diffrn_source.current                     ? 
_diffrn_source.details                     ? 
_diffrn_source.diffrn_id                   1 
_diffrn_source.power                       ? 
_diffrn_source.size                        ? 
_diffrn_source.source                      SYNCHROTRON 
_diffrn_source.target                      ? 
_diffrn_source.type                        'SSRF BEAMLINE BL18U1' 
_diffrn_source.voltage                     ? 
_diffrn_source.take-off_angle              ? 
_diffrn_source.pdbx_wavelength_list        0.9792 
_diffrn_source.pdbx_wavelength             ? 
_diffrn_source.pdbx_synchrotron_beamline   BL18U1 
_diffrn_source.pdbx_synchrotron_site       SSRF 
# 
_reflns.B_iso_Wilson_estimate            ? 
_reflns.entry_id                         6AIC 
_reflns.data_reduction_details           ? 
_reflns.data_reduction_method            ? 
_reflns.d_resolution_high                1.8 
_reflns.d_resolution_low                 50 
_reflns.details                          ? 
_reflns.limit_h_max                      ? 
_reflns.limit_h_min                      ? 
_reflns.limit_k_max                      ? 
_reflns.limit_k_min                      ? 
_reflns.limit_l_max                      ? 
_reflns.limit_l_min                      ? 
_reflns.number_all                       ? 
_reflns.number_obs                       16589 
_reflns.observed_criterion               ? 
_reflns.observed_criterion_F_max         ? 
_reflns.observed_criterion_F_min         ? 
_reflns.observed_criterion_I_max         ? 
_reflns.observed_criterion_I_min         ? 
_reflns.observed_criterion_sigma_F       ? 
_reflns.observed_criterion_sigma_I       ? 
_reflns.percent_possible_obs             99 
_reflns.R_free_details                   ? 
_reflns.Rmerge_F_all                     ? 
_reflns.Rmerge_F_obs                     ? 
_reflns.Friedel_coverage                 ? 
_reflns.number_gt                        ? 
_reflns.threshold_expression             ? 
_reflns.pdbx_redundancy                  3.6 
_reflns.pdbx_Rmerge_I_obs                ? 
_reflns.pdbx_Rmerge_I_all                ? 
_reflns.pdbx_Rsym_value                  ? 
_reflns.pdbx_netI_over_av_sigmaI         ? 
_reflns.pdbx_netI_over_sigmaI            10.93 
_reflns.pdbx_res_netI_over_av_sigmaI_2   ? 
_reflns.pdbx_res_netI_over_sigmaI_2      ? 
_reflns.pdbx_chi_squared                 ? 
_reflns.pdbx_scaling_rejects             ? 
_reflns.pdbx_d_res_high_opt              ? 
_reflns.pdbx_d_res_low_opt               ? 
_reflns.pdbx_d_res_opt_method            ? 
_reflns.phase_calculation_details        ? 
_reflns.pdbx_Rrim_I_all                  ? 
_reflns.pdbx_Rpim_I_all                  ? 
_reflns.pdbx_d_opt                       ? 
_reflns.pdbx_number_measured_all         ? 
_reflns.pdbx_diffrn_id                   1 
_reflns.pdbx_ordinal                     1 
_reflns.pdbx_CC_half                     ? 
_reflns.pdbx_R_split                     ? 
# 
_reflns_shell.d_res_high                  1.80 
_reflns_shell.d_res_low                   1.83 
_reflns_shell.meanI_over_sigI_all         ? 
_reflns_shell.meanI_over_sigI_obs         ? 
_reflns_shell.number_measured_all         ? 
_reflns_shell.number_measured_obs         ? 
_reflns_shell.number_possible             ? 
_reflns_shell.number_unique_all           ? 
_reflns_shell.number_unique_obs           ? 
_reflns_shell.percent_possible_all        ? 
_reflns_shell.percent_possible_obs        ? 
_reflns_shell.Rmerge_F_all                ? 
_reflns_shell.Rmerge_F_obs                ? 
_reflns_shell.Rmerge_I_all                ? 
_reflns_shell.Rmerge_I_obs                ? 
_reflns_shell.meanI_over_sigI_gt          ? 
_reflns_shell.meanI_over_uI_all           ? 
_reflns_shell.meanI_over_uI_gt            ? 
_reflns_shell.number_measured_gt          ? 
_reflns_shell.number_unique_gt            ? 
_reflns_shell.percent_possible_gt         ? 
_reflns_shell.Rmerge_F_gt                 ? 
_reflns_shell.Rmerge_I_gt                 ? 
_reflns_shell.pdbx_redundancy             ? 
_reflns_shell.pdbx_Rsym_value             ? 
_reflns_shell.pdbx_chi_squared            ? 
_reflns_shell.pdbx_netI_over_sigmaI_all   ? 
_reflns_shell.pdbx_netI_over_sigmaI_obs   ? 
_reflns_shell.pdbx_Rrim_I_all             ? 
_reflns_shell.pdbx_Rpim_I_all             ? 
_reflns_shell.pdbx_rejects                ? 
_reflns_shell.pdbx_ordinal                1 
_reflns_shell.pdbx_diffrn_id              1 
_reflns_shell.pdbx_CC_half                ? 
_reflns_shell.pdbx_R_split                ? 
# 
_refine.aniso_B[1][1]                            1.87 
_refine.aniso_B[1][2]                            0.00 
_refine.aniso_B[1][3]                            0.41 
_refine.aniso_B[2][2]                            -1.33 
_refine.aniso_B[2][3]                            0.00 
_refine.aniso_B[3][3]                            -0.62 
_refine.B_iso_max                                ? 
_refine.B_iso_mean                               24.118 
_refine.B_iso_min                                ? 
_refine.correlation_coeff_Fo_to_Fc               0.943 
_refine.correlation_coeff_Fo_to_Fc_free          0.928 
_refine.details                                  'HYDROGENS HAVE BEEN ADDED IN THE RIDING POSITIONS' 
_refine.diff_density_max                         ? 
_refine.diff_density_max_esd                     ? 
_refine.diff_density_min                         ? 
_refine.diff_density_min_esd                     ? 
_refine.diff_density_rms                         ? 
_refine.diff_density_rms_esd                     ? 
_refine.entry_id                                 6AIC 
_refine.pdbx_refine_id                           'X-RAY DIFFRACTION' 
_refine.ls_abs_structure_details                 ? 
_refine.ls_abs_structure_Flack                   ? 
_refine.ls_abs_structure_Flack_esd               ? 
_refine.ls_abs_structure_Rogers                  ? 
_refine.ls_abs_structure_Rogers_esd              ? 
_refine.ls_d_res_high                            1.80 
_refine.ls_d_res_low                             39.03 
_refine.ls_extinction_coef                       ? 
_refine.ls_extinction_coef_esd                   ? 
_refine.ls_extinction_expression                 ? 
_refine.ls_extinction_method                     ? 
_refine.ls_goodness_of_fit_all                   ? 
_refine.ls_goodness_of_fit_all_esd               ? 
_refine.ls_goodness_of_fit_obs                   ? 
_refine.ls_goodness_of_fit_obs_esd               ? 
_refine.ls_hydrogen_treatment                    ? 
_refine.ls_matrix_type                           ? 
_refine.ls_number_constraints                    ? 
_refine.ls_number_parameters                     ? 
_refine.ls_number_reflns_all                     ? 
_refine.ls_number_reflns_obs                     15638 
_refine.ls_number_reflns_R_free                  770 
_refine.ls_number_reflns_R_work                  ? 
_refine.ls_number_restraints                     ? 
_refine.ls_percent_reflns_obs                    98.87 
_refine.ls_percent_reflns_R_free                 4.7 
_refine.ls_R_factor_all                          ? 
_refine.ls_R_factor_obs                          0.19078 
_refine.ls_R_factor_R_free                       0.23546 
_refine.ls_R_factor_R_free_error                 ? 
_refine.ls_R_factor_R_free_error_details         ? 
_refine.ls_R_factor_R_work                       0.18855 
_refine.ls_R_Fsqd_factor_obs                     ? 
_refine.ls_R_I_factor_obs                        ? 
_refine.ls_redundancy_reflns_all                 ? 
_refine.ls_redundancy_reflns_obs                 ? 
_refine.ls_restrained_S_all                      ? 
_refine.ls_restrained_S_obs                      ? 
_refine.ls_shift_over_esd_max                    ? 
_refine.ls_shift_over_esd_mean                   ? 
_refine.ls_structure_factor_coef                 ? 
_refine.ls_weighting_details                     ? 
_refine.ls_weighting_scheme                      ? 
_refine.ls_wR_factor_all                         ? 
_refine.ls_wR_factor_obs                         ? 
_refine.ls_wR_factor_R_free                      ? 
_refine.ls_wR_factor_R_work                      ? 
_refine.occupancy_max                            ? 
_refine.occupancy_min                            ? 
_refine.solvent_model_details                    MASK 
_refine.solvent_model_param_bsol                 ? 
_refine.solvent_model_param_ksol                 ? 
_refine.ls_R_factor_gt                           ? 
_refine.ls_goodness_of_fit_gt                    ? 
_refine.ls_goodness_of_fit_ref                   ? 
_refine.ls_shift_over_su_max                     ? 
_refine.ls_shift_over_su_max_lt                  ? 
_refine.ls_shift_over_su_mean                    ? 
_refine.ls_shift_over_su_mean_lt                 ? 
_refine.pdbx_ls_sigma_I                          ? 
_refine.pdbx_ls_sigma_F                          ? 
_refine.pdbx_ls_sigma_Fsqd                       ? 
_refine.pdbx_data_cutoff_high_absF               ? 
_refine.pdbx_data_cutoff_high_rms_absF           ? 
_refine.pdbx_data_cutoff_low_absF                ? 
_refine.pdbx_isotropic_thermal_model             ? 
_refine.pdbx_ls_cross_valid_method               THROUGHOUT 
_refine.pdbx_method_to_determine_struct          'MOLECULAR REPLACEMENT' 
_refine.pdbx_starting_model                      ? 
_refine.pdbx_stereochemistry_target_values       'MAXIMUM LIKELIHOOD' 
_refine.pdbx_R_Free_selection_details            RANDOM 
_refine.pdbx_stereochem_target_val_spec_case     ? 
_refine.pdbx_overall_ESU_R                       0.145 
_refine.pdbx_overall_ESU_R_Free                  0.139 
_refine.pdbx_solvent_vdw_probe_radii             1.20 
_refine.pdbx_solvent_ion_probe_radii             0.80 
_refine.pdbx_solvent_shrinkage_radii             0.80 
_refine.pdbx_real_space_R                        ? 
_refine.pdbx_density_correlation                 ? 
_refine.pdbx_pd_number_of_powder_patterns        ? 
_refine.pdbx_pd_number_of_points                 ? 
_refine.pdbx_pd_meas_number_of_points            ? 
_refine.pdbx_pd_proc_ls_prof_R_factor            ? 
_refine.pdbx_pd_proc_ls_prof_wR_factor           ? 
_refine.pdbx_pd_Marquardt_correlation_coeff      ? 
_refine.pdbx_pd_Fsqrd_R_factor                   ? 
_refine.pdbx_pd_ls_matrix_band_width             ? 
_refine.pdbx_overall_phase_error                 ? 
_refine.pdbx_overall_SU_R_free_Cruickshank_DPI   ? 
_refine.pdbx_overall_SU_R_free_Blow_DPI          ? 
_refine.pdbx_overall_SU_R_Blow_DPI               ? 
_refine.pdbx_TLS_residual_ADP_flag               ? 
_refine.pdbx_diffrn_id                           1 
_refine.overall_SU_B                             ? 
_refine.overall_SU_ML                            ? 
_refine.overall_SU_R_Cruickshank_DPI             ? 
_refine.overall_SU_R_free                        ? 
_refine.overall_FOM_free_R_set                   ? 
_refine.overall_FOM_work_R_set                   ? 
_refine.pdbx_average_fsc_overall                 ? 
_refine.pdbx_average_fsc_work                    ? 
_refine.pdbx_average_fsc_free                    ? 
# 
_refine_hist.pdbx_refine_id                   'X-RAY DIFFRACTION' 
_refine_hist.cycle_id                         1 
_refine_hist.pdbx_number_atoms_protein        1555 
_refine_hist.pdbx_number_atoms_nucleic_acid   0 
_refine_hist.pdbx_number_atoms_ligand         23 
_refine_hist.number_atoms_solvent             24 
_refine_hist.number_atoms_total               1602 
_refine_hist.d_res_high                       1.80 
_refine_hist.d_res_low                        39.03 
# 
loop_
_refine_ls_restr.pdbx_refine_id 
_refine_ls_restr.criterion 
_refine_ls_restr.dev_ideal 
_refine_ls_restr.dev_ideal_target 
_refine_ls_restr.number 
_refine_ls_restr.rejects 
_refine_ls_restr.type 
_refine_ls_restr.weight 
_refine_ls_restr.pdbx_restraint_function 
'X-RAY DIFFRACTION' ? 0.012  0.019  1608 ? r_bond_refined_d             ? ? 
'X-RAY DIFFRACTION' ? 0.000  0.020  1625 ? r_bond_other_d               ? ? 
'X-RAY DIFFRACTION' ? 1.676  2.003  2169 ? r_angle_refined_deg          ? ? 
'X-RAY DIFFRACTION' ? 3.572  3.000  3750 ? r_angle_other_deg            ? ? 
'X-RAY DIFFRACTION' ? 4.867  5.000  203  ? r_dihedral_angle_1_deg       ? ? 
'X-RAY DIFFRACTION' ? 37.346 25.312 64   ? r_dihedral_angle_2_deg       ? ? 
'X-RAY DIFFRACTION' ? 13.868 15.000 310  ? r_dihedral_angle_3_deg       ? ? 
'X-RAY DIFFRACTION' ? 20.730 15.000 9    ? r_dihedral_angle_4_deg       ? ? 
'X-RAY DIFFRACTION' ? 0.094  0.200  251  ? r_chiral_restr               ? ? 
'X-RAY DIFFRACTION' ? 0.006  0.021  1782 ? r_gen_planes_refined         ? ? 
'X-RAY DIFFRACTION' ? 0.008  0.020  334  ? r_gen_planes_other           ? ? 
'X-RAY DIFFRACTION' ? ?      ?      ?    ? r_nbd_refined                ? ? 
'X-RAY DIFFRACTION' ? ?      ?      ?    ? r_nbd_other                  ? ? 
'X-RAY DIFFRACTION' ? ?      ?      ?    ? r_nbtor_refined              ? ? 
'X-RAY DIFFRACTION' ? ?      ?      ?    ? r_nbtor_other                ? ? 
'X-RAY DIFFRACTION' ? ?      ?      ?    ? r_xyhbond_nbd_refined        ? ? 
'X-RAY DIFFRACTION' ? ?      ?      ?    ? r_xyhbond_nbd_other          ? ? 
'X-RAY DIFFRACTION' ? ?      ?      ?    ? r_metal_ion_refined          ? ? 
'X-RAY DIFFRACTION' ? ?      ?      ?    ? r_metal_ion_other            ? ? 
'X-RAY DIFFRACTION' ? ?      ?      ?    ? r_symmetry_vdw_refined       ? ? 
'X-RAY DIFFRACTION' ? ?      ?      ?    ? r_symmetry_vdw_other         ? ? 
'X-RAY DIFFRACTION' ? ?      ?      ?    ? r_symmetry_hbond_refined     ? ? 
'X-RAY DIFFRACTION' ? ?      ?      ?    ? r_symmetry_hbond_other       ? ? 
'X-RAY DIFFRACTION' ? ?      ?      ?    ? r_symmetry_metal_ion_refined ? ? 
'X-RAY DIFFRACTION' ? ?      ?      ?    ? r_symmetry_metal_ion_other   ? ? 
'X-RAY DIFFRACTION' ? 1.674  2.092  809  ? r_mcbond_it                  ? ? 
'X-RAY DIFFRACTION' ? 1.675  2.090  808  ? r_mcbond_other               ? ? 
'X-RAY DIFFRACTION' ? 2.522  3.130  1010 ? r_mcangle_it                 ? ? 
'X-RAY DIFFRACTION' ? 2.521  3.132  1011 ? r_mcangle_other              ? ? 
'X-RAY DIFFRACTION' ? 2.967  2.608  799  ? r_scbond_it                  ? ? 
'X-RAY DIFFRACTION' ? 2.965  2.607  800  ? r_scbond_other               ? ? 
'X-RAY DIFFRACTION' ? ?      ?      ?    ? r_scangle_it                 ? ? 
'X-RAY DIFFRACTION' ? 4.843  3.700  1159 ? r_scangle_other              ? ? 
'X-RAY DIFFRACTION' ? 5.871  16.633 1691 ? r_long_range_B_refined       ? ? 
'X-RAY DIFFRACTION' ? 5.873  16.620 1689 ? r_long_range_B_other         ? ? 
'X-RAY DIFFRACTION' ? ?      ?      ?    ? r_rigid_bond_restr           ? ? 
'X-RAY DIFFRACTION' ? ?      ?      ?    ? r_sphericity_free            ? ? 
'X-RAY DIFFRACTION' ? ?      ?      ?    ? r_sphericity_bonded          ? ? 
# 
_refine_ls_shell.pdbx_refine_id                   'X-RAY DIFFRACTION' 
_refine_ls_shell.d_res_high                       1.802 
_refine_ls_shell.d_res_low                        1.848 
_refine_ls_shell.number_reflns_all                ? 
_refine_ls_shell.number_reflns_obs                ? 
_refine_ls_shell.number_reflns_R_free             48 
_refine_ls_shell.number_reflns_R_work             1141 
_refine_ls_shell.percent_reflns_obs               98.26 
_refine_ls_shell.percent_reflns_R_free            ? 
_refine_ls_shell.R_factor_all                     ? 
_refine_ls_shell.R_factor_obs                     ? 
_refine_ls_shell.R_factor_R_free                  0.294 
_refine_ls_shell.R_factor_R_free_error            ? 
_refine_ls_shell.R_factor_R_work                  0.186 
_refine_ls_shell.redundancy_reflns_all            ? 
_refine_ls_shell.redundancy_reflns_obs            ? 
_refine_ls_shell.wR_factor_all                    ? 
_refine_ls_shell.wR_factor_obs                    ? 
_refine_ls_shell.wR_factor_R_free                 ? 
_refine_ls_shell.wR_factor_R_work                 ? 
_refine_ls_shell.pdbx_total_number_of_bins_used   20 
_refine_ls_shell.pdbx_phase_error                 ? 
_refine_ls_shell.pdbx_fsc_work                    ? 
_refine_ls_shell.pdbx_fsc_free                    ? 
# 
_struct.entry_id                     6AIC 
_struct.title                        
'Crystal structures of the N-terminal domain of Staphylococcus aureus DEAD-box Cold shock RNA helicase CshA in complex with AMP' 
_struct.pdbx_model_details           ? 
_struct.pdbx_formula_weight          ? 
_struct.pdbx_formula_weight_method   ? 
_struct.pdbx_model_type_details      ? 
_struct.pdbx_CASP_flag               N 
# 
_struct_keywords.entry_id        6AIC 
_struct_keywords.text            'STRUCTURAL PROTEIN' 
_struct_keywords.pdbx_keywords   'STRUCTURAL PROTEIN' 
# 
loop_
_struct_asym.id 
_struct_asym.pdbx_blank_PDB_chainid_flag 
_struct_asym.pdbx_modified 
_struct_asym.entity_id 
_struct_asym.details 
A N N 1 ? 
B N N 2 ? 
C N N 3 ? 
# 
_struct_ref.id                         1 
_struct_ref.db_name                    UNP 
_struct_ref.db_code                    CSHA_STAAR 
_struct_ref.pdbx_db_accession          Q6GEZ3 
_struct_ref.pdbx_db_isoform            ? 
_struct_ref.entity_id                  1 
_struct_ref.pdbx_seq_one_letter_code   
;MQNFKELGISDNTVQSLESMGFKEPTPIQKDSIPYALQGIDILGQAQTGTGKTGAFGIPLIEKVVGKQGVQSLILAPTRE
LAMQVAEQLREFSRGQGVQVVTVFGGMPIERQIKALKKGPQIVVGTPGRVIDHLNRRTLKTDGIHTLILDEADEMMNMGF
IDDMRFIMDKIPAVQRQTMLFSATMPKAIQALVQQFMKSPKIIKTMNN
;
_struct_ref.pdbx_align_begin           1 
# 
_struct_ref_seq.align_id                      1 
_struct_ref_seq.ref_id                        1 
_struct_ref_seq.pdbx_PDB_id_code              6AIC 
_struct_ref_seq.pdbx_strand_id                A 
_struct_ref_seq.seq_align_beg                 1 
_struct_ref_seq.pdbx_seq_align_beg_ins_code   ? 
_struct_ref_seq.seq_align_end                 208 
_struct_ref_seq.pdbx_seq_align_end_ins_code   ? 
_struct_ref_seq.pdbx_db_accession             Q6GEZ3 
_struct_ref_seq.db_align_beg                  1 
_struct_ref_seq.pdbx_db_align_beg_ins_code    ? 
_struct_ref_seq.db_align_end                  208 
_struct_ref_seq.pdbx_db_align_end_ins_code    ? 
_struct_ref_seq.pdbx_auth_seq_align_beg       1 
_struct_ref_seq.pdbx_auth_seq_align_end       208 
# 
loop_
_struct_ref_seq_dif.align_id 
_struct_ref_seq_dif.pdbx_pdb_id_code 
_struct_ref_seq_dif.mon_id 
_struct_ref_seq_dif.pdbx_pdb_strand_id 
_struct_ref_seq_dif.seq_num 
_struct_ref_seq_dif.pdbx_pdb_ins_code 
_struct_ref_seq_dif.pdbx_seq_db_name 
_struct_ref_seq_dif.pdbx_seq_db_accession_code 
_struct_ref_seq_dif.db_mon_id 
_struct_ref_seq_dif.pdbx_seq_db_seq_num 
_struct_ref_seq_dif.details 
_struct_ref_seq_dif.pdbx_auth_seq_num 
_struct_ref_seq_dif.pdbx_ordinal 
1 6AIC HIS A 209 ? UNP Q6GEZ3 ? ? 'expression tag' 209 1 
1 6AIC HIS A 210 ? UNP Q6GEZ3 ? ? 'expression tag' 210 2 
1 6AIC HIS A 211 ? UNP Q6GEZ3 ? ? 'expression tag' 211 3 
1 6AIC HIS A 212 ? UNP Q6GEZ3 ? ? 'expression tag' 212 4 
1 6AIC HIS A 213 ? UNP Q6GEZ3 ? ? 'expression tag' 213 5 
1 6AIC HIS A 214 ? UNP Q6GEZ3 ? ? 'expression tag' 214 6 
# 
_pdbx_struct_assembly.id                   1 
_pdbx_struct_assembly.details              author_and_software_defined_assembly 
_pdbx_struct_assembly.method_details       PISA 
_pdbx_struct_assembly.oligomeric_details   monomeric 
_pdbx_struct_assembly.oligomeric_count     1 
# 
loop_
_pdbx_struct_assembly_prop.biol_id 
_pdbx_struct_assembly_prop.type 
_pdbx_struct_assembly_prop.value 
_pdbx_struct_assembly_prop.details 
1 'ABSA (A^2)' 530  ? 
1 MORE         -4   ? 
1 'SSA (A^2)'  9420 ? 
# 
_pdbx_struct_assembly_gen.assembly_id       1 
_pdbx_struct_assembly_gen.oper_expression   1 
_pdbx_struct_assembly_gen.asym_id_list      A,B,C 
# 
_pdbx_struct_assembly_auth_evidence.id                     1 
_pdbx_struct_assembly_auth_evidence.assembly_id            1 
_pdbx_struct_assembly_auth_evidence.experimental_support   'gel filtration' 
_pdbx_struct_assembly_auth_evidence.details                ? 
# 
_pdbx_struct_oper_list.id                   1 
_pdbx_struct_oper_list.type                 'identity operation' 
_pdbx_struct_oper_list.name                 1_555 
_pdbx_struct_oper_list.symmetry_operation   x,y,z 
_pdbx_struct_oper_list.matrix[1][1]         1.0000000000 
_pdbx_struct_oper_list.matrix[1][2]         0.0000000000 
_pdbx_struct_oper_list.matrix[1][3]         0.0000000000 
_pdbx_struct_oper_list.vector[1]            0.0000000000 
_pdbx_struct_oper_list.matrix[2][1]         0.0000000000 
_pdbx_struct_oper_list.matrix[2][2]         1.0000000000 
_pdbx_struct_oper_list.matrix[2][3]         0.0000000000 
_pdbx_struct_oper_list.vector[2]            0.0000000000 
_pdbx_struct_oper_list.matrix[3][1]         0.0000000000 
_pdbx_struct_oper_list.matrix[3][2]         0.0000000000 
_pdbx_struct_oper_list.matrix[3][3]         1.0000000000 
_pdbx_struct_oper_list.vector[3]            0.0000000000 
# 
loop_
_struct_conf.conf_type_id 
_struct_conf.id 
_struct_conf.pdbx_PDB_helix_id 
_struct_conf.beg_label_comp_id 
_struct_conf.beg_label_asym_id 
_struct_conf.beg_label_seq_id 
_struct_conf.pdbx_beg_PDB_ins_code 
_struct_conf.end_label_comp_id 
_struct_conf.end_label_asym_id 
_struct_conf.end_label_seq_id 
_struct_conf.pdbx_end_PDB_ins_code 
_struct_conf.beg_auth_comp_id 
_struct_conf.beg_auth_asym_id 
_struct_conf.beg_auth_seq_id 
_struct_conf.end_auth_comp_id 
_struct_conf.end_auth_asym_id 
_struct_conf.end_auth_seq_id 
_struct_conf.pdbx_PDB_helix_class 
_struct_conf.details 
_struct_conf.pdbx_PDB_helix_length 
HELX_P HELX_P1  AA1 ASN A 3   ? GLY A 8   ? ASN A 3   GLY A 8   1 ? 6  
HELX_P HELX_P2  AA2 SER A 10  ? MET A 20  ? SER A 10  MET A 20  1 ? 11 
HELX_P HELX_P3  AA3 THR A 26  ? GLN A 38  ? THR A 26  GLN A 38  1 ? 13 
HELX_P HELX_P4  AA4 GLY A 51  ? VAL A 65  ? GLY A 51  VAL A 65  1 ? 15 
HELX_P HELX_P5  AA5 THR A 78  ? SER A 93  ? THR A 78  SER A 93  1 ? 16 
HELX_P HELX_P6  AA6 PRO A 108 ? LYS A 117 ? PRO A 108 LYS A 117 1 ? 10 
HELX_P HELX_P7  AA7 THR A 126 ? ARG A 136 ? THR A 126 ARG A 136 1 ? 11 
HELX_P HELX_P8  AA8 GLU A 151 ? MET A 158 ? GLU A 151 MET A 158 1 ? 8  
HELX_P HELX_P9  AA9 PHE A 160 ? ILE A 171 ? PHE A 160 ILE A 171 1 ? 12 
HELX_P HELX_P10 AB1 PRO A 186 ? MET A 197 ? PRO A 186 MET A 197 1 ? 12 
# 
_struct_conf_type.id          HELX_P 
_struct_conf_type.criteria    ? 
_struct_conf_type.reference   ? 
# 
_struct_sheet.id               AA1 
_struct_sheet.type             ? 
_struct_sheet.number_strands   7 
_struct_sheet.details          ? 
# 
loop_
_struct_sheet_order.sheet_id 
_struct_sheet_order.range_id_1 
_struct_sheet_order.range_id_2 
_struct_sheet_order.offset 
_struct_sheet_order.sense 
AA1 1 2 ? parallel 
AA1 2 3 ? parallel 
AA1 3 4 ? parallel 
AA1 4 5 ? parallel 
AA1 5 6 ? parallel 
AA1 6 7 ? parallel 
# 
loop_
_struct_sheet_range.sheet_id 
_struct_sheet_range.id 
_struct_sheet_range.beg_label_comp_id 
_struct_sheet_range.beg_label_asym_id 
_struct_sheet_range.beg_label_seq_id 
_struct_sheet_range.pdbx_beg_PDB_ins_code 
_struct_sheet_range.end_label_comp_id 
_struct_sheet_range.end_label_asym_id 
_struct_sheet_range.end_label_seq_id 
_struct_sheet_range.pdbx_end_PDB_ins_code 
_struct_sheet_range.beg_auth_comp_id 
_struct_sheet_range.beg_auth_asym_id 
_struct_sheet_range.beg_auth_seq_id 
_struct_sheet_range.end_auth_comp_id 
_struct_sheet_range.end_auth_asym_id 
_struct_sheet_range.end_auth_seq_id 
AA1 1 VAL A 100 ? VAL A 103 ? VAL A 100 VAL A 103 
AA1 2 ILE A 122 ? GLY A 125 ? ILE A 122 GLY A 125 
AA1 3 SER A 72  ? LEU A 75  ? SER A 72  LEU A 75  
AA1 4 THR A 146 ? ASP A 150 ? THR A 146 ASP A 150 
AA1 5 GLN A 177 ? PHE A 181 ? GLN A 177 PHE A 181 
AA1 6 ILE A 42  ? GLY A 44  ? ILE A 42  GLY A 44  
AA1 7 LYS A 201 ? ILE A 203 ? LYS A 201 ILE A 203 
# 
loop_
_pdbx_struct_sheet_hbond.sheet_id 
_pdbx_struct_sheet_hbond.range_id_1 
_pdbx_struct_sheet_hbond.range_id_2 
_pdbx_struct_sheet_hbond.range_1_label_atom_id 
_pdbx_struct_sheet_hbond.range_1_label_comp_id 
_pdbx_struct_sheet_hbond.range_1_label_asym_id 
_pdbx_struct_sheet_hbond.range_1_label_seq_id 
_pdbx_struct_sheet_hbond.range_1_PDB_ins_code 
_pdbx_struct_sheet_hbond.range_1_auth_atom_id 
_pdbx_struct_sheet_hbond.range_1_auth_comp_id 
_pdbx_struct_sheet_hbond.range_1_auth_asym_id 
_pdbx_struct_sheet_hbond.range_1_auth_seq_id 
_pdbx_struct_sheet_hbond.range_2_label_atom_id 
_pdbx_struct_sheet_hbond.range_2_label_comp_id 
_pdbx_struct_sheet_hbond.range_2_label_asym_id 
_pdbx_struct_sheet_hbond.range_2_label_seq_id 
_pdbx_struct_sheet_hbond.range_2_PDB_ins_code 
_pdbx_struct_sheet_hbond.range_2_auth_atom_id 
_pdbx_struct_sheet_hbond.range_2_auth_comp_id 
_pdbx_struct_sheet_hbond.range_2_auth_asym_id 
_pdbx_struct_sheet_hbond.range_2_auth_seq_id 
AA1 1 2 N VAL A 101 ? N VAL A 101 O VAL A 124 ? O VAL A 124 
AA1 2 3 O GLY A 125 ? O GLY A 125 N ILE A 74  ? N ILE A 74  
AA1 3 4 N LEU A 75  ? N LEU A 75  O ILE A 148 ? O ILE A 148 
AA1 4 5 N LEU A 149 ? N LEU A 149 O PHE A 181 ? O PHE A 181 
AA1 5 6 O LEU A 180 ? O LEU A 180 N GLY A 44  ? N GLY A 44  
AA1 6 7 N LEU A 43  ? N LEU A 43  O LYS A 201 ? O LYS A 201 
# 
_struct_site.id                   AC1 
_struct_site.pdbx_evidence_code   Software 
_struct_site.pdbx_auth_asym_id    A 
_struct_site.pdbx_auth_comp_id    AMP 
_struct_site.pdbx_auth_seq_id     301 
_struct_site.pdbx_auth_ins_code   ? 
_struct_site.pdbx_num_residues    11 
_struct_site.details              'binding site for residue AMP A 301' 
# 
loop_
_struct_site_gen.id 
_struct_site_gen.site_id 
_struct_site_gen.pdbx_num_res 
_struct_site_gen.label_comp_id 
_struct_site_gen.label_asym_id 
_struct_site_gen.label_seq_id 
_struct_site_gen.pdbx_auth_ins_code 
_struct_site_gen.auth_comp_id 
_struct_site_gen.auth_asym_id 
_struct_site_gen.auth_seq_id 
_struct_site_gen.label_atom_id 
_struct_site_gen.label_alt_id 
_struct_site_gen.symmetry 
_struct_site_gen.details 
1  AC1 11 PHE A 22 ? PHE A 22  . ? 1_555 ? 
2  AC1 11 GLU A 24 ? GLU A 24  . ? 1_555 ? 
3  AC1 11 GLN A 29 ? GLN A 29  . ? 1_555 ? 
4  AC1 11 GLY A 49 ? GLY A 49  . ? 1_555 ? 
5  AC1 11 THR A 50 ? THR A 50  . ? 1_555 ? 
6  AC1 11 GLY A 51 ? GLY A 51  . ? 1_555 ? 
7  AC1 11 LYS A 52 ? LYS A 52  . ? 1_555 ? 
8  AC1 11 THR A 53 ? THR A 53  . ? 1_555 ? 
9  AC1 11 GLN A 88 ? GLN A 88  . ? 1_555 ? 
10 AC1 11 HOH C .  ? HOH A 408 . ? 1_555 ? 
11 AC1 11 HOH C .  ? HOH A 413 . ? 1_555 ? 
# 
loop_
_pdbx_validate_torsion.id 
_pdbx_validate_torsion.PDB_model_num 
_pdbx_validate_torsion.auth_comp_id 
_pdbx_validate_torsion.auth_asym_id 
_pdbx_validate_torsion.auth_seq_id 
_pdbx_validate_torsion.PDB_ins_code 
_pdbx_validate_torsion.label_alt_id 
_pdbx_validate_torsion.phi 
_pdbx_validate_torsion.psi 
1 1 LYS A 198 ? ? -110.84 79.02 
2 1 SER A 199 ? ? 38.04   68.11 
# 
loop_
_pdbx_unobs_or_zero_occ_residues.id 
_pdbx_unobs_or_zero_occ_residues.PDB_model_num 
_pdbx_unobs_or_zero_occ_residues.polymer_flag 
_pdbx_unobs_or_zero_occ_residues.occupancy_flag 
_pdbx_unobs_or_zero_occ_residues.auth_asym_id 
_pdbx_unobs_or_zero_occ_residues.auth_comp_id 
_pdbx_unobs_or_zero_occ_residues.auth_seq_id 
_pdbx_unobs_or_zero_occ_residues.PDB_ins_code 
_pdbx_unobs_or_zero_occ_residues.label_asym_id 
_pdbx_unobs_or_zero_occ_residues.label_comp_id 
_pdbx_unobs_or_zero_occ_residues.label_seq_id 
1  1 Y 1 A MET 1   ? A MET 1   
2  1 Y 1 A GLN 2   ? A GLN 2   
3  1 Y 1 A THR 205 ? A THR 205 
4  1 Y 1 A MET 206 ? A MET 206 
5  1 Y 1 A ASN 207 ? A ASN 207 
6  1 Y 1 A ASN 208 ? A ASN 208 
7  1 Y 1 A HIS 209 ? A HIS 209 
8  1 Y 1 A HIS 210 ? A HIS 210 
9  1 Y 1 A HIS 211 ? A HIS 211 
10 1 Y 1 A HIS 212 ? A HIS 212 
11 1 Y 1 A HIS 213 ? A HIS 213 
12 1 Y 1 A HIS 214 ? A HIS 214 
# 
loop_
_chem_comp_atom.comp_id 
_chem_comp_atom.atom_id 
_chem_comp_atom.type_symbol 
_chem_comp_atom.pdbx_aromatic_flag 
_chem_comp_atom.pdbx_stereo_config 
_chem_comp_atom.pdbx_ordinal 
ALA N      N N N 1   
ALA CA     C N S 2   
ALA C      C N N 3   
ALA O      O N N 4   
ALA CB     C N N 5   
ALA OXT    O N N 6   
ALA H      H N N 7   
ALA H2     H N N 8   
ALA HA     H N N 9   
ALA HB1    H N N 10  
ALA HB2    H N N 11  
ALA HB3    H N N 12  
ALA HXT    H N N 13  
AMP P      P N N 14  
AMP O1P    O N N 15  
AMP O2P    O N N 16  
AMP O3P    O N N 17  
AMP "O5'"  O N N 18  
AMP "C5'"  C N N 19  
AMP "C4'"  C N R 20  
AMP "O4'"  O N N 21  
AMP "C3'"  C N S 22  
AMP "O3'"  O N N 23  
AMP "C2'"  C N R 24  
AMP "O2'"  O N N 25  
AMP "C1'"  C N R 26  
AMP N9     N Y N 27  
AMP C8     C Y N 28  
AMP N7     N Y N 29  
AMP C5     C Y N 30  
AMP C6     C Y N 31  
AMP N6     N N N 32  
AMP N1     N Y N 33  
AMP C2     C Y N 34  
AMP N3     N Y N 35  
AMP C4     C Y N 36  
AMP HOP2   H N N 37  
AMP HOP3   H N N 38  
AMP "H5'1" H N N 39  
AMP "H5'2" H N N 40  
AMP "H4'"  H N N 41  
AMP "H3'"  H N N 42  
AMP "HO3'" H N N 43  
AMP "H2'"  H N N 44  
AMP "HO2'" H N N 45  
AMP "H1'"  H N N 46  
AMP H8     H N N 47  
AMP HN61   H N N 48  
AMP HN62   H N N 49  
AMP H2     H N N 50  
ARG N      N N N 51  
ARG CA     C N S 52  
ARG C      C N N 53  
ARG O      O N N 54  
ARG CB     C N N 55  
ARG CG     C N N 56  
ARG CD     C N N 57  
ARG NE     N N N 58  
ARG CZ     C N N 59  
ARG NH1    N N N 60  
ARG NH2    N N N 61  
ARG OXT    O N N 62  
ARG H      H N N 63  
ARG H2     H N N 64  
ARG HA     H N N 65  
ARG HB2    H N N 66  
ARG HB3    H N N 67  
ARG HG2    H N N 68  
ARG HG3    H N N 69  
ARG HD2    H N N 70  
ARG HD3    H N N 71  
ARG HE     H N N 72  
ARG HH11   H N N 73  
ARG HH12   H N N 74  
ARG HH21   H N N 75  
ARG HH22   H N N 76  
ARG HXT    H N N 77  
ASN N      N N N 78  
ASN CA     C N S 79  
ASN C      C N N 80  
ASN O      O N N 81  
ASN CB     C N N 82  
ASN CG     C N N 83  
ASN OD1    O N N 84  
ASN ND2    N N N 85  
ASN OXT    O N N 86  
ASN H      H N N 87  
ASN H2     H N N 88  
ASN HA     H N N 89  
ASN HB2    H N N 90  
ASN HB3    H N N 91  
ASN HD21   H N N 92  
ASN HD22   H N N 93  
ASN HXT    H N N 94  
ASP N      N N N 95  
ASP CA     C N S 96  
ASP C      C N N 97  
ASP O      O N N 98  
ASP CB     C N N 99  
ASP CG     C N N 100 
ASP OD1    O N N 101 
ASP OD2    O N N 102 
ASP OXT    O N N 103 
ASP H      H N N 104 
ASP H2     H N N 105 
ASP HA     H N N 106 
ASP HB2    H N N 107 
ASP HB3    H N N 108 
ASP HD2    H N N 109 
ASP HXT    H N N 110 
GLN N      N N N 111 
GLN CA     C N S 112 
GLN C      C N N 113 
GLN O      O N N 114 
GLN CB     C N N 115 
GLN CG     C N N 116 
GLN CD     C N N 117 
GLN OE1    O N N 118 
GLN NE2    N N N 119 
GLN OXT    O N N 120 
GLN H      H N N 121 
GLN H2     H N N 122 
GLN HA     H N N 123 
GLN HB2    H N N 124 
GLN HB3    H N N 125 
GLN HG2    H N N 126 
GLN HG3    H N N 127 
GLN HE21   H N N 128 
GLN HE22   H N N 129 
GLN HXT    H N N 130 
GLU N      N N N 131 
GLU CA     C N S 132 
GLU C      C N N 133 
GLU O      O N N 134 
GLU CB     C N N 135 
GLU CG     C N N 136 
GLU CD     C N N 137 
GLU OE1    O N N 138 
GLU OE2    O N N 139 
GLU OXT    O N N 140 
GLU H      H N N 141 
GLU H2     H N N 142 
GLU HA     H N N 143 
GLU HB2    H N N 144 
GLU HB3    H N N 145 
GLU HG2    H N N 146 
GLU HG3    H N N 147 
GLU HE2    H N N 148 
GLU HXT    H N N 149 
GLY N      N N N 150 
GLY CA     C N N 151 
GLY C      C N N 152 
GLY O      O N N 153 
GLY OXT    O N N 154 
GLY H      H N N 155 
GLY H2     H N N 156 
GLY HA2    H N N 157 
GLY HA3    H N N 158 
GLY HXT    H N N 159 
HIS N      N N N 160 
HIS CA     C N S 161 
HIS C      C N N 162 
HIS O      O N N 163 
HIS CB     C N N 164 
HIS CG     C Y N 165 
HIS ND1    N Y N 166 
HIS CD2    C Y N 167 
HIS CE1    C Y N 168 
HIS NE2    N Y N 169 
HIS OXT    O N N 170 
HIS H      H N N 171 
HIS H2     H N N 172 
HIS HA     H N N 173 
HIS HB2    H N N 174 
HIS HB3    H N N 175 
HIS HD1    H N N 176 
HIS HD2    H N N 177 
HIS HE1    H N N 178 
HIS HE2    H N N 179 
HIS HXT    H N N 180 
HOH O      O N N 181 
HOH H1     H N N 182 
HOH H2     H N N 183 
ILE N      N N N 184 
ILE CA     C N S 185 
ILE C      C N N 186 
ILE O      O N N 187 
ILE CB     C N S 188 
ILE CG1    C N N 189 
ILE CG2    C N N 190 
ILE CD1    C N N 191 
ILE OXT    O N N 192 
ILE H      H N N 193 
ILE H2     H N N 194 
ILE HA     H N N 195 
ILE HB     H N N 196 
ILE HG12   H N N 197 
ILE HG13   H N N 198 
ILE HG21   H N N 199 
ILE HG22   H N N 200 
ILE HG23   H N N 201 
ILE HD11   H N N 202 
ILE HD12   H N N 203 
ILE HD13   H N N 204 
ILE HXT    H N N 205 
LEU N      N N N 206 
LEU CA     C N S 207 
LEU C      C N N 208 
LEU O      O N N 209 
LEU CB     C N N 210 
LEU CG     C N N 211 
LEU CD1    C N N 212 
LEU CD2    C N N 213 
LEU OXT    O N N 214 
LEU H      H N N 215 
LEU H2     H N N 216 
LEU HA     H N N 217 
LEU HB2    H N N 218 
LEU HB3    H N N 219 
LEU HG     H N N 220 
LEU HD11   H N N 221 
LEU HD12   H N N 222 
LEU HD13   H N N 223 
LEU HD21   H N N 224 
LEU HD22   H N N 225 
LEU HD23   H N N 226 
LEU HXT    H N N 227 
LYS N      N N N 228 
LYS CA     C N S 229 
LYS C      C N N 230 
LYS O      O N N 231 
LYS CB     C N N 232 
LYS CG     C N N 233 
LYS CD     C N N 234 
LYS CE     C N N 235 
LYS NZ     N N N 236 
LYS OXT    O N N 237 
LYS H      H N N 238 
LYS H2     H N N 239 
LYS HA     H N N 240 
LYS HB2    H N N 241 
LYS HB3    H N N 242 
LYS HG2    H N N 243 
LYS HG3    H N N 244 
LYS HD2    H N N 245 
LYS HD3    H N N 246 
LYS HE2    H N N 247 
LYS HE3    H N N 248 
LYS HZ1    H N N 249 
LYS HZ2    H N N 250 
LYS HZ3    H N N 251 
LYS HXT    H N N 252 
MET N      N N N 253 
MET CA     C N S 254 
MET C      C N N 255 
MET O      O N N 256 
MET CB     C N N 257 
MET CG     C N N 258 
MET SD     S N N 259 
MET CE     C N N 260 
MET OXT    O N N 261 
MET H      H N N 262 
MET H2     H N N 263 
MET HA     H N N 264 
MET HB2    H N N 265 
MET HB3    H N N 266 
MET HG2    H N N 267 
MET HG3    H N N 268 
MET HE1    H N N 269 
MET HE2    H N N 270 
MET HE3    H N N 271 
MET HXT    H N N 272 
PHE N      N N N 273 
PHE CA     C N S 274 
PHE C      C N N 275 
PHE O      O N N 276 
PHE CB     C N N 277 
PHE CG     C Y N 278 
PHE CD1    C Y N 279 
PHE CD2    C Y N 280 
PHE CE1    C Y N 281 
PHE CE2    C Y N 282 
PHE CZ     C Y N 283 
PHE OXT    O N N 284 
PHE H      H N N 285 
PHE H2     H N N 286 
PHE HA     H N N 287 
PHE HB2    H N N 288 
PHE HB3    H N N 289 
PHE HD1    H N N 290 
PHE HD2    H N N 291 
PHE HE1    H N N 292 
PHE HE2    H N N 293 
PHE HZ     H N N 294 
PHE HXT    H N N 295 
PRO N      N N N 296 
PRO CA     C N S 297 
PRO C      C N N 298 
PRO O      O N N 299 
PRO CB     C N N 300 
PRO CG     C N N 301 
PRO CD     C N N 302 
PRO OXT    O N N 303 
PRO H      H N N 304 
PRO HA     H N N 305 
PRO HB2    H N N 306 
PRO HB3    H N N 307 
PRO HG2    H N N 308 
PRO HG3    H N N 309 
PRO HD2    H N N 310 
PRO HD3    H N N 311 
PRO HXT    H N N 312 
SER N      N N N 313 
SER CA     C N S 314 
SER C      C N N 315 
SER O      O N N 316 
SER CB     C N N 317 
SER OG     O N N 318 
SER OXT    O N N 319 
SER H      H N N 320 
SER H2     H N N 321 
SER HA     H N N 322 
SER HB2    H N N 323 
SER HB3    H N N 324 
SER HG     H N N 325 
SER HXT    H N N 326 
THR N      N N N 327 
THR CA     C N S 328 
THR C      C N N 329 
THR O      O N N 330 
THR CB     C N R 331 
THR OG1    O N N 332 
THR CG2    C N N 333 
THR OXT    O N N 334 
THR H      H N N 335 
THR H2     H N N 336 
THR HA     H N N 337 
THR HB     H N N 338 
THR HG1    H N N 339 
THR HG21   H N N 340 
THR HG22   H N N 341 
THR HG23   H N N 342 
THR HXT    H N N 343 
TYR N      N N N 344 
TYR CA     C N S 345 
TYR C      C N N 346 
TYR O      O N N 347 
TYR CB     C N N 348 
TYR CG     C Y N 349 
TYR CD1    C Y N 350 
TYR CD2    C Y N 351 
TYR CE1    C Y N 352 
TYR CE2    C Y N 353 
TYR CZ     C Y N 354 
TYR OH     O N N 355 
TYR OXT    O N N 356 
TYR H      H N N 357 
TYR H2     H N N 358 
TYR HA     H N N 359 
TYR HB2    H N N 360 
TYR HB3    H N N 361 
TYR HD1    H N N 362 
TYR HD2    H N N 363 
TYR HE1    H N N 364 
TYR HE2    H N N 365 
TYR HH     H N N 366 
TYR HXT    H N N 367 
VAL N      N N N 368 
VAL CA     C N S 369 
VAL C      C N N 370 
VAL O      O N N 371 
VAL CB     C N N 372 
VAL CG1    C N N 373 
VAL CG2    C N N 374 
VAL OXT    O N N 375 
VAL H      H N N 376 
VAL H2     H N N 377 
VAL HA     H N N 378 
VAL HB     H N N 379 
VAL HG11   H N N 380 
VAL HG12   H N N 381 
VAL HG13   H N N 382 
VAL HG21   H N N 383 
VAL HG22   H N N 384 
VAL HG23   H N N 385 
VAL HXT    H N N 386 
# 
loop_
_chem_comp_bond.comp_id 
_chem_comp_bond.atom_id_1 
_chem_comp_bond.atom_id_2 
_chem_comp_bond.value_order 
_chem_comp_bond.pdbx_aromatic_flag 
_chem_comp_bond.pdbx_stereo_config 
_chem_comp_bond.pdbx_ordinal 
ALA N     CA     sing N N 1   
ALA N     H      sing N N 2   
ALA N     H2     sing N N 3   
ALA CA    C      sing N N 4   
ALA CA    CB     sing N N 5   
ALA CA    HA     sing N N 6   
ALA C     O      doub N N 7   
ALA C     OXT    sing N N 8   
ALA CB    HB1    sing N N 9   
ALA CB    HB2    sing N N 10  
ALA CB    HB3    sing N N 11  
ALA OXT   HXT    sing N N 12  
AMP P     O1P    doub N N 13  
AMP P     O2P    sing N N 14  
AMP P     O3P    sing N N 15  
AMP P     "O5'"  sing N N 16  
AMP O2P   HOP2   sing N N 17  
AMP O3P   HOP3   sing N N 18  
AMP "O5'" "C5'"  sing N N 19  
AMP "C5'" "C4'"  sing N N 20  
AMP "C5'" "H5'1" sing N N 21  
AMP "C5'" "H5'2" sing N N 22  
AMP "C4'" "O4'"  sing N N 23  
AMP "C4'" "C3'"  sing N N 24  
AMP "C4'" "H4'"  sing N N 25  
AMP "O4'" "C1'"  sing N N 26  
AMP "C3'" "O3'"  sing N N 27  
AMP "C3'" "C2'"  sing N N 28  
AMP "C3'" "H3'"  sing N N 29  
AMP "O3'" "HO3'" sing N N 30  
AMP "C2'" "O2'"  sing N N 31  
AMP "C2'" "C1'"  sing N N 32  
AMP "C2'" "H2'"  sing N N 33  
AMP "O2'" "HO2'" sing N N 34  
AMP "C1'" N9     sing N N 35  
AMP "C1'" "H1'"  sing N N 36  
AMP N9    C8     sing Y N 37  
AMP N9    C4     sing Y N 38  
AMP C8    N7     doub Y N 39  
AMP C8    H8     sing N N 40  
AMP N7    C5     sing Y N 41  
AMP C5    C6     sing Y N 42  
AMP C5    C4     doub Y N 43  
AMP C6    N6     sing N N 44  
AMP C6    N1     doub Y N 45  
AMP N6    HN61   sing N N 46  
AMP N6    HN62   sing N N 47  
AMP N1    C2     sing Y N 48  
AMP C2    N3     doub Y N 49  
AMP C2    H2     sing N N 50  
AMP N3    C4     sing Y N 51  
ARG N     CA     sing N N 52  
ARG N     H      sing N N 53  
ARG N     H2     sing N N 54  
ARG CA    C      sing N N 55  
ARG CA    CB     sing N N 56  
ARG CA    HA     sing N N 57  
ARG C     O      doub N N 58  
ARG C     OXT    sing N N 59  
ARG CB    CG     sing N N 60  
ARG CB    HB2    sing N N 61  
ARG CB    HB3    sing N N 62  
ARG CG    CD     sing N N 63  
ARG CG    HG2    sing N N 64  
ARG CG    HG3    sing N N 65  
ARG CD    NE     sing N N 66  
ARG CD    HD2    sing N N 67  
ARG CD    HD3    sing N N 68  
ARG NE    CZ     sing N N 69  
ARG NE    HE     sing N N 70  
ARG CZ    NH1    sing N N 71  
ARG CZ    NH2    doub N N 72  
ARG NH1   HH11   sing N N 73  
ARG NH1   HH12   sing N N 74  
ARG NH2   HH21   sing N N 75  
ARG NH2   HH22   sing N N 76  
ARG OXT   HXT    sing N N 77  
ASN N     CA     sing N N 78  
ASN N     H      sing N N 79  
ASN N     H2     sing N N 80  
ASN CA    C      sing N N 81  
ASN CA    CB     sing N N 82  
ASN CA    HA     sing N N 83  
ASN C     O      doub N N 84  
ASN C     OXT    sing N N 85  
ASN CB    CG     sing N N 86  
ASN CB    HB2    sing N N 87  
ASN CB    HB3    sing N N 88  
ASN CG    OD1    doub N N 89  
ASN CG    ND2    sing N N 90  
ASN ND2   HD21   sing N N 91  
ASN ND2   HD22   sing N N 92  
ASN OXT   HXT    sing N N 93  
ASP N     CA     sing N N 94  
ASP N     H      sing N N 95  
ASP N     H2     sing N N 96  
ASP CA    C      sing N N 97  
ASP CA    CB     sing N N 98  
ASP CA    HA     sing N N 99  
ASP C     O      doub N N 100 
ASP C     OXT    sing N N 101 
ASP CB    CG     sing N N 102 
ASP CB    HB2    sing N N 103 
ASP CB    HB3    sing N N 104 
ASP CG    OD1    doub N N 105 
ASP CG    OD2    sing N N 106 
ASP OD2   HD2    sing N N 107 
ASP OXT   HXT    sing N N 108 
GLN N     CA     sing N N 109 
GLN N     H      sing N N 110 
GLN N     H2     sing N N 111 
GLN CA    C      sing N N 112 
GLN CA    CB     sing N N 113 
GLN CA    HA     sing N N 114 
GLN C     O      doub N N 115 
GLN C     OXT    sing N N 116 
GLN CB    CG     sing N N 117 
GLN CB    HB2    sing N N 118 
GLN CB    HB3    sing N N 119 
GLN CG    CD     sing N N 120 
GLN CG    HG2    sing N N 121 
GLN CG    HG3    sing N N 122 
GLN CD    OE1    doub N N 123 
GLN CD    NE2    sing N N 124 
GLN NE2   HE21   sing N N 125 
GLN NE2   HE22   sing N N 126 
GLN OXT   HXT    sing N N 127 
GLU N     CA     sing N N 128 
GLU N     H      sing N N 129 
GLU N     H2     sing N N 130 
GLU CA    C      sing N N 131 
GLU CA    CB     sing N N 132 
GLU CA    HA     sing N N 133 
GLU C     O      doub N N 134 
GLU C     OXT    sing N N 135 
GLU CB    CG     sing N N 136 
GLU CB    HB2    sing N N 137 
GLU CB    HB3    sing N N 138 
GLU CG    CD     sing N N 139 
GLU CG    HG2    sing N N 140 
GLU CG    HG3    sing N N 141 
GLU CD    OE1    doub N N 142 
GLU CD    OE2    sing N N 143 
GLU OE2   HE2    sing N N 144 
GLU OXT   HXT    sing N N 145 
GLY N     CA     sing N N 146 
GLY N     H      sing N N 147 
GLY N     H2     sing N N 148 
GLY CA    C      sing N N 149 
GLY CA    HA2    sing N N 150 
GLY CA    HA3    sing N N 151 
GLY C     O      doub N N 152 
GLY C     OXT    sing N N 153 
GLY OXT   HXT    sing N N 154 
HIS N     CA     sing N N 155 
HIS N     H      sing N N 156 
HIS N     H2     sing N N 157 
HIS CA    C      sing N N 158 
HIS CA    CB     sing N N 159 
HIS CA    HA     sing N N 160 
HIS C     O      doub N N 161 
HIS C     OXT    sing N N 162 
HIS CB    CG     sing N N 163 
HIS CB    HB2    sing N N 164 
HIS CB    HB3    sing N N 165 
HIS CG    ND1    sing Y N 166 
HIS CG    CD2    doub Y N 167 
HIS ND1   CE1    doub Y N 168 
HIS ND1   HD1    sing N N 169 
HIS CD2   NE2    sing Y N 170 
HIS CD2   HD2    sing N N 171 
HIS CE1   NE2    sing Y N 172 
HIS CE1   HE1    sing N N 173 
HIS NE2   HE2    sing N N 174 
HIS OXT   HXT    sing N N 175 
HOH O     H1     sing N N 176 
HOH O     H2     sing N N 177 
ILE N     CA     sing N N 178 
ILE N     H      sing N N 179 
ILE N     H2     sing N N 180 
ILE CA    C      sing N N 181 
ILE CA    CB     sing N N 182 
ILE CA    HA     sing N N 183 
ILE C     O      doub N N 184 
ILE C     OXT    sing N N 185 
ILE CB    CG1    sing N N 186 
ILE CB    CG2    sing N N 187 
ILE CB    HB     sing N N 188 
ILE CG1   CD1    sing N N 189 
ILE CG1   HG12   sing N N 190 
ILE CG1   HG13   sing N N 191 
ILE CG2   HG21   sing N N 192 
ILE CG2   HG22   sing N N 193 
ILE CG2   HG23   sing N N 194 
ILE CD1   HD11   sing N N 195 
ILE CD1   HD12   sing N N 196 
ILE CD1   HD13   sing N N 197 
ILE OXT   HXT    sing N N 198 
LEU N     CA     sing N N 199 
LEU N     H      sing N N 200 
LEU N     H2     sing N N 201 
LEU CA    C      sing N N 202 
LEU CA    CB     sing N N 203 
LEU CA    HA     sing N N 204 
LEU C     O      doub N N 205 
LEU C     OXT    sing N N 206 
LEU CB    CG     sing N N 207 
LEU CB    HB2    sing N N 208 
LEU CB    HB3    sing N N 209 
LEU CG    CD1    sing N N 210 
LEU CG    CD2    sing N N 211 
LEU CG    HG     sing N N 212 
LEU CD1   HD11   sing N N 213 
LEU CD1   HD12   sing N N 214 
LEU CD1   HD13   sing N N 215 
LEU CD2   HD21   sing N N 216 
LEU CD2   HD22   sing N N 217 
LEU CD2   HD23   sing N N 218 
LEU OXT   HXT    sing N N 219 
LYS N     CA     sing N N 220 
LYS N     H      sing N N 221 
LYS N     H2     sing N N 222 
LYS CA    C      sing N N 223 
LYS CA    CB     sing N N 224 
LYS CA    HA     sing N N 225 
LYS C     O      doub N N 226 
LYS C     OXT    sing N N 227 
LYS CB    CG     sing N N 228 
LYS CB    HB2    sing N N 229 
LYS CB    HB3    sing N N 230 
LYS CG    CD     sing N N 231 
LYS CG    HG2    sing N N 232 
LYS CG    HG3    sing N N 233 
LYS CD    CE     sing N N 234 
LYS CD    HD2    sing N N 235 
LYS CD    HD3    sing N N 236 
LYS CE    NZ     sing N N 237 
LYS CE    HE2    sing N N 238 
LYS CE    HE3    sing N N 239 
LYS NZ    HZ1    sing N N 240 
LYS NZ    HZ2    sing N N 241 
LYS NZ    HZ3    sing N N 242 
LYS OXT   HXT    sing N N 243 
MET N     CA     sing N N 244 
MET N     H      sing N N 245 
MET N     H2     sing N N 246 
MET CA    C      sing N N 247 
MET CA    CB     sing N N 248 
MET CA    HA     sing N N 249 
MET C     O      doub N N 250 
MET C     OXT    sing N N 251 
MET CB    CG     sing N N 252 
MET CB    HB2    sing N N 253 
MET CB    HB3    sing N N 254 
MET CG    SD     sing N N 255 
MET CG    HG2    sing N N 256 
MET CG    HG3    sing N N 257 
MET SD    CE     sing N N 258 
MET CE    HE1    sing N N 259 
MET CE    HE2    sing N N 260 
MET CE    HE3    sing N N 261 
MET OXT   HXT    sing N N 262 
PHE N     CA     sing N N 263 
PHE N     H      sing N N 264 
PHE N     H2     sing N N 265 
PHE CA    C      sing N N 266 
PHE CA    CB     sing N N 267 
PHE CA    HA     sing N N 268 
PHE C     O      doub N N 269 
PHE C     OXT    sing N N 270 
PHE CB    CG     sing N N 271 
PHE CB    HB2    sing N N 272 
PHE CB    HB3    sing N N 273 
PHE CG    CD1    doub Y N 274 
PHE CG    CD2    sing Y N 275 
PHE CD1   CE1    sing Y N 276 
PHE CD1   HD1    sing N N 277 
PHE CD2   CE2    doub Y N 278 
PHE CD2   HD2    sing N N 279 
PHE CE1   CZ     doub Y N 280 
PHE CE1   HE1    sing N N 281 
PHE CE2   CZ     sing Y N 282 
PHE CE2   HE2    sing N N 283 
PHE CZ    HZ     sing N N 284 
PHE OXT   HXT    sing N N 285 
PRO N     CA     sing N N 286 
PRO N     CD     sing N N 287 
PRO N     H      sing N N 288 
PRO CA    C      sing N N 289 
PRO CA    CB     sing N N 290 
PRO CA    HA     sing N N 291 
PRO C     O      doub N N 292 
PRO C     OXT    sing N N 293 
PRO CB    CG     sing N N 294 
PRO CB    HB2    sing N N 295 
PRO CB    HB3    sing N N 296 
PRO CG    CD     sing N N 297 
PRO CG    HG2    sing N N 298 
PRO CG    HG3    sing N N 299 
PRO CD    HD2    sing N N 300 
PRO CD    HD3    sing N N 301 
PRO OXT   HXT    sing N N 302 
SER N     CA     sing N N 303 
SER N     H      sing N N 304 
SER N     H2     sing N N 305 
SER CA    C      sing N N 306 
SER CA    CB     sing N N 307 
SER CA    HA     sing N N 308 
SER C     O      doub N N 309 
SER C     OXT    sing N N 310 
SER CB    OG     sing N N 311 
SER CB    HB2    sing N N 312 
SER CB    HB3    sing N N 313 
SER OG    HG     sing N N 314 
SER OXT   HXT    sing N N 315 
THR N     CA     sing N N 316 
THR N     H      sing N N 317 
THR N     H2     sing N N 318 
THR CA    C      sing N N 319 
THR CA    CB     sing N N 320 
THR CA    HA     sing N N 321 
THR C     O      doub N N 322 
THR C     OXT    sing N N 323 
THR CB    OG1    sing N N 324 
THR CB    CG2    sing N N 325 
THR CB    HB     sing N N 326 
THR OG1   HG1    sing N N 327 
THR CG2   HG21   sing N N 328 
THR CG2   HG22   sing N N 329 
THR CG2   HG23   sing N N 330 
THR OXT   HXT    sing N N 331 
TYR N     CA     sing N N 332 
TYR N     H      sing N N 333 
TYR N     H2     sing N N 334 
TYR CA    C      sing N N 335 
TYR CA    CB     sing N N 336 
TYR CA    HA     sing N N 337 
TYR C     O      doub N N 338 
TYR C     OXT    sing N N 339 
TYR CB    CG     sing N N 340 
TYR CB    HB2    sing N N 341 
TYR CB    HB3    sing N N 342 
TYR CG    CD1    doub Y N 343 
TYR CG    CD2    sing Y N 344 
TYR CD1   CE1    sing Y N 345 
TYR CD1   HD1    sing N N 346 
TYR CD2   CE2    doub Y N 347 
TYR CD2   HD2    sing N N 348 
TYR CE1   CZ     doub Y N 349 
TYR CE1   HE1    sing N N 350 
TYR CE2   CZ     sing Y N 351 
TYR CE2   HE2    sing N N 352 
TYR CZ    OH     sing N N 353 
TYR OH    HH     sing N N 354 
TYR OXT   HXT    sing N N 355 
VAL N     CA     sing N N 356 
VAL N     H      sing N N 357 
VAL N     H2     sing N N 358 
VAL CA    C      sing N N 359 
VAL CA    CB     sing N N 360 
VAL CA    HA     sing N N 361 
VAL C     O      doub N N 362 
VAL C     OXT    sing N N 363 
VAL CB    CG1    sing N N 364 
VAL CB    CG2    sing N N 365 
VAL CB    HB     sing N N 366 
VAL CG1   HG11   sing N N 367 
VAL CG1   HG12   sing N N 368 
VAL CG1   HG13   sing N N 369 
VAL CG2   HG21   sing N N 370 
VAL CG2   HG22   sing N N 371 
VAL CG2   HG23   sing N N 372 
VAL OXT   HXT    sing N N 373 
# 
_atom_sites.entry_id                    6AIC 
_atom_sites.fract_transf_matrix[1][1]   -0.01294168 
_atom_sites.fract_transf_matrix[1][2]   0.01884689 
_atom_sites.fract_transf_matrix[1][3]   0.01161455 
_atom_sites.fract_transf_matrix[2][1]   -0.00113472 
_atom_sites.fract_transf_matrix[2][2]   -0.01059466 
_atom_sites.fract_transf_matrix[2][3]   0.01592753 
_atom_sites.fract_transf_matrix[3][1]   0.01321370 
_atom_sites.fract_transf_matrix[3][2]   0.01783379 
_atom_sites.fract_transf_matrix[3][3]   0.01280404 
_atom_sites.fract_transf_vector[1]      -0.187882 
_atom_sites.fract_transf_vector[2]      -0.109339 
_atom_sites.fract_transf_vector[3]      -0.230483 
# 
loop_
_atom_type.symbol 
C 
N 
O 
P 
S 
# 
loop_
_atom_site.group_PDB 
_atom_site.id 
_atom_site.type_symbol 
_atom_site.label_atom_id 
_atom_site.label_alt_id 
_atom_site.label_comp_id 
_atom_site.label_asym_id 
_atom_site.label_entity_id 
_atom_site.label_seq_id 
_atom_site.pdbx_PDB_ins_code 
_atom_site.Cartn_x 
_atom_site.Cartn_y 
_atom_site.Cartn_z 
_atom_site.occupancy 
_atom_site.B_iso_or_equiv 
_atom_site.pdbx_formal_charge 
_atom_site.auth_seq_id 
_atom_site.auth_comp_id 
_atom_site.auth_asym_id 
_atom_site.auth_atom_id 
_atom_site.pdbx_PDB_model_num 
ATOM   1    N N     . ASN A 1 3   ? 22.891  1.710   3.054   1.00 27.30 ? 3   ASN A N     1 
ATOM   2    C CA    . ASN A 1 3   ? 21.994  2.889   3.339   1.00 26.44 ? 3   ASN A CA    1 
ATOM   3    C C     . ASN A 1 3   ? 20.899  2.984   2.265   1.00 22.68 ? 3   ASN A C     1 
ATOM   4    O O     . ASN A 1 3   ? 20.885  2.181   1.319   1.00 22.13 ? 3   ASN A O     1 
ATOM   5    C CB    . ASN A 1 3   ? 22.783  4.216   3.500   1.00 28.66 ? 3   ASN A CB    1 
ATOM   6    C CG    . ASN A 1 3   ? 23.522  4.664   2.224   1.00 32.13 ? 3   ASN A CG    1 
ATOM   7    O OD1   . ASN A 1 3   ? 23.319  4.131   1.126   1.00 33.72 ? 3   ASN A OD1   1 
ATOM   8    N ND2   . ASN A 1 3   ? 24.385  5.675   2.374   1.00 34.18 ? 3   ASN A ND2   1 
ATOM   9    N N     . PHE A 1 4   ? 19.992  3.952   2.395   1.00 20.67 ? 4   PHE A N     1 
ATOM   10   C CA    . PHE A 1 4   ? 18.847  4.010   1.470   1.00 19.34 ? 4   PHE A CA    1 
ATOM   11   C C     . PHE A 1 4   ? 19.308  4.285   0.039   1.00 20.59 ? 4   PHE A C     1 
ATOM   12   O O     . PHE A 1 4   ? 18.777  3.700   -0.901  1.00 20.97 ? 4   PHE A O     1 
ATOM   13   C CB    . PHE A 1 4   ? 17.785  5.020   1.918   1.00 19.70 ? 4   PHE A CB    1 
ATOM   14   C CG    . PHE A 1 4   ? 16.987  4.593   3.115   1.00 19.07 ? 4   PHE A CG    1 
ATOM   15   C CD1   . PHE A 1 4   ? 16.009  3.601   3.000   1.00 18.91 ? 4   PHE A CD1   1 
ATOM   16   C CD2   . PHE A 1 4   ? 17.177  5.200   4.342   1.00 20.08 ? 4   PHE A CD2   1 
ATOM   17   C CE1   . PHE A 1 4   ? 15.245  3.226   4.092   1.00 18.79 ? 4   PHE A CE1   1 
ATOM   18   C CE2   . PHE A 1 4   ? 16.411  4.831   5.442   1.00 20.04 ? 4   PHE A CE2   1 
ATOM   19   C CZ    . PHE A 1 4   ? 15.439  3.857   5.312   1.00 19.21 ? 4   PHE A CZ    1 
ATOM   20   N N     . LYS A 1 5   ? 20.321  5.131   -0.129  1.00 22.42 ? 5   LYS A N     1 
ATOM   21   C CA    . LYS A 1 5   ? 20.888  5.363   -1.467  1.00 25.44 ? 5   LYS A CA    1 
ATOM   22   C C     . LYS A 1 5   ? 21.344  4.063   -2.118  1.00 23.62 ? 5   LYS A C     1 
ATOM   23   O O     . LYS A 1 5   ? 20.993  3.775   -3.269  1.00 24.10 ? 5   LYS A O     1 
ATOM   24   C CB    . LYS A 1 5   ? 22.026  6.409   -1.441  1.00 29.91 ? 5   LYS A CB    1 
ATOM   25   C CG    . LYS A 1 5   ? 21.569  7.853   -1.611  1.00 35.60 ? 5   LYS A CG    1 
ATOM   26   C CD    . LYS A 1 5   ? 20.767  8.118   -2.896  1.00 41.91 ? 5   LYS A CD    1 
ATOM   27   C CE    . LYS A 1 5   ? 21.539  7.800   -4.174  1.00 46.57 ? 5   LYS A CE    1 
ATOM   28   N NZ    . LYS A 1 5   ? 20.694  8.020   -5.386  1.00 48.33 ? 5   LYS A NZ    1 
ATOM   29   N N     . GLU A 1 6   ? 22.064  3.250   -1.368  1.00 26.03 ? 6   GLU A N     1 
ATOM   30   C CA    . GLU A 1 6   ? 22.556  1.943   -1.866  1.00 27.76 ? 6   GLU A CA    1 
ATOM   31   C C     . GLU A 1 6   ? 21.434  0.933   -2.142  1.00 25.95 ? 6   GLU A C     1 
ATOM   32   O O     . GLU A 1 6   ? 21.580  0.045   -3.009  1.00 24.85 ? 6   GLU A O     1 
ATOM   33   C CB    . GLU A 1 6   ? 23.602  1.358   -0.907  1.00 31.23 ? 6   GLU A CB    1 
ATOM   34   C CG    . GLU A 1 6   ? 24.880  2.197   -0.867  1.00 36.40 ? 6   GLU A CG    1 
ATOM   35   C CD    . GLU A 1 6   ? 25.689  2.110   0.436   1.00 43.21 ? 6   GLU A CD    1 
ATOM   36   O OE1   . GLU A 1 6   ? 25.286  1.404   1.386   1.00 45.79 ? 6   GLU A OE1   1 
ATOM   37   O OE2   . GLU A 1 6   ? 26.755  2.777   0.516   1.00 47.97 ? 6   GLU A OE2   1 
ATOM   38   N N     . LEU A 1 7   ? 20.292  1.096   -1.471  1.00 23.45 ? 7   LEU A N     1 
ATOM   39   C CA    . LEU A 1 7   ? 19.128  0.289   -1.784  1.00 22.81 ? 7   LEU A CA    1 
ATOM   40   C C     . LEU A 1 7   ? 18.444  0.661   -3.090  1.00 23.62 ? 7   LEU A C     1 
ATOM   41   O O     . LEU A 1 7   ? 17.580  -0.097  -3.550  1.00 26.53 ? 7   LEU A O     1 
ATOM   42   C CB    . LEU A 1 7   ? 18.116  0.317   -0.644  1.00 23.19 ? 7   LEU A CB    1 
ATOM   43   C CG    . LEU A 1 7   ? 18.603  -0.233  0.692   1.00 24.16 ? 7   LEU A CG    1 
ATOM   44   C CD1   . LEU A 1 7   ? 17.485  -0.070  1.714   1.00 23.35 ? 7   LEU A CD1   1 
ATOM   45   C CD2   . LEU A 1 7   ? 19.084  -1.680  0.572   1.00 23.60 ? 7   LEU A CD2   1 
ATOM   46   N N     . GLY A 1 8   ? 18.800  1.798   -3.679  1.00 22.65 ? 8   GLY A N     1 
ATOM   47   C CA    . GLY A 1 8   ? 18.208  2.264   -4.944  1.00 22.81 ? 8   GLY A CA    1 
ATOM   48   C C     . GLY A 1 8   ? 17.224  3.409   -4.863  1.00 21.21 ? 8   GLY A C     1 
ATOM   49   O O     . GLY A 1 8   ? 16.560  3.737   -5.860  1.00 20.64 ? 8   GLY A O     1 
ATOM   50   N N     . ILE A 1 9   ? 17.143  4.044   -3.702  1.00 19.52 ? 9   ILE A N     1 
ATOM   51   C CA    . ILE A 1 9   ? 16.209  5.167   -3.468  1.00 19.28 ? 9   ILE A CA    1 
ATOM   52   C C     . ILE A 1 9   ? 16.782  6.510   -3.967  1.00 20.69 ? 9   ILE A C     1 
ATOM   53   O O     . ILE A 1 9   ? 17.953  6.791   -3.753  1.00 20.85 ? 9   ILE A O     1 
ATOM   54   C CB    . ILE A 1 9   ? 15.831  5.245   -1.974  1.00 18.92 ? 9   ILE A CB    1 
ATOM   55   C CG1   . ILE A 1 9   ? 15.237  3.915   -1.479  1.00 19.29 ? 9   ILE A CG1   1 
ATOM   56   C CG2   . ILE A 1 9   ? 14.856  6.379   -1.717  1.00 18.85 ? 9   ILE A CG2   1 
ATOM   57   C CD1   . ILE A 1 9   ? 14.116  3.336   -2.327  1.00 20.83 ? 9   ILE A CD1   1 
ATOM   58   N N     . SER A 1 10  ? 15.943  7.349   -4.577  1.00 20.93 ? 10  SER A N     1 
ATOM   59   C CA    . SER A 1 10  ? 16.383  8.628   -5.186  1.00 22.73 ? 10  SER A CA    1 
ATOM   60   C C     . SER A 1 10  ? 16.792  9.678   -4.157  1.00 23.23 ? 10  SER A C     1 
ATOM   61   O O     . SER A 1 10  ? 16.376  9.607   -3.001  1.00 21.29 ? 10  SER A O     1 
ATOM   62   C CB    . SER A 1 10  ? 15.259  9.208   -6.054  1.00 24.41 ? 10  SER A CB    1 
ATOM   63   O OG    . SER A 1 10  ? 14.206  9.681   -5.224  1.00 29.41 ? 10  SER A OG    1 
ATOM   64   N N     . ASP A 1 11  ? 17.541  10.685  -4.597  1.00 23.00 ? 11  ASP A N     1 
ATOM   65   C CA    . ASP A 1 11  ? 18.152  11.653  -3.686  1.00 24.95 ? 11  ASP A CA    1 
ATOM   66   C C     . ASP A 1 11  ? 17.128  12.443  -2.853  1.00 22.80 ? 11  ASP A C     1 
ATOM   67   O O     . ASP A 1 11  ? 17.310  12.619  -1.642  1.00 20.75 ? 11  ASP A O     1 
ATOM   68   C CB    . ASP A 1 11  ? 19.076  12.625  -4.439  1.00 29.06 ? 11  ASP A CB    1 
ATOM   69   C CG    . ASP A 1 11  ? 20.465  12.031  -4.733  1.00 36.13 ? 11  ASP A CG    1 
ATOM   70   O OD1   . ASP A 1 11  ? 20.641  10.789  -4.683  1.00 42.91 ? 11  ASP A OD1   1 
ATOM   71   O OD2   . ASP A 1 11  ? 21.397  12.817  -4.999  1.00 40.52 ? 11  ASP A OD2   1 
ATOM   72   N N     . ASN A 1 12  ? 16.053  12.909  -3.490  1.00 21.15 ? 12  ASN A N     1 
ATOM   73   C CA    . ASN A 1 12  ? 15.104  13.736  -2.769  1.00 20.51 ? 12  ASN A CA    1 
ATOM   74   C C     . ASN A 1 12  ? 14.342  12.936  -1.731  1.00 19.50 ? 12  ASN A C     1 
ATOM   75   O O     . ASN A 1 12  ? 14.070  13.444  -0.656  1.00 18.37 ? 12  ASN A O     1 
ATOM   76   C CB    . ASN A 1 12  ? 14.161  14.479  -3.728  1.00 21.77 ? 12  ASN A CB    1 
ATOM   77   C CG    . ASN A 1 12  ? 14.840  15.677  -4.378  1.00 24.29 ? 12  ASN A CG    1 
ATOM   78   O OD1   . ASN A 1 12  ? 15.665  16.350  -3.759  1.00 27.29 ? 12  ASN A OD1   1 
ATOM   79   N ND2   . ASN A 1 12  ? 14.510  15.950  -5.626  1.00 24.70 ? 12  ASN A ND2   1 
ATOM   80   N N     . THR A 1 13  ? 13.992  11.693  -2.058  1.00 17.85 ? 13  THR A N     1 
ATOM   81   C CA    . THR A 1 13  ? 13.355  10.841  -1.081  1.00 17.08 ? 13  THR A CA    1 
ATOM   82   C C     . THR A 1 13  ? 14.287  10.542  0.091   1.00 17.14 ? 13  THR A C     1 
ATOM   83   O O     . THR A 1 13  ? 13.876  10.597  1.251   1.00 16.54 ? 13  THR A O     1 
ATOM   84   C CB    . THR A 1 13  ? 12.836  9.558   -1.737  1.00 18.21 ? 13  THR A CB    1 
ATOM   85   O OG1   . THR A 1 13  ? 11.942  9.935   -2.804  1.00 19.24 ? 13  THR A OG1   1 
ATOM   86   C CG2   . THR A 1 13  ? 12.098  8.708   -0.741  1.00 18.05 ? 13  THR A CG2   1 
ATOM   87   N N     . VAL A 1 14  ? 15.541  10.239  -0.199  1.00 18.01 ? 14  VAL A N     1 
ATOM   88   C CA    . VAL A 1 14  ? 16.508  9.989   0.885   1.00 18.71 ? 14  VAL A CA    1 
ATOM   89   C C     . VAL A 1 14  ? 16.608  11.207  1.817   1.00 17.50 ? 14  VAL A C     1 
ATOM   90   O O     . VAL A 1 14  ? 16.617  11.038  3.019   1.00 18.15 ? 14  VAL A O     1 
ATOM   91   C CB    . VAL A 1 14  ? 17.879  9.606   0.335   1.00 19.89 ? 14  VAL A CB    1 
ATOM   92   C CG1   . VAL A 1 14  ? 18.956  9.629   1.433   1.00 21.85 ? 14  VAL A CG1   1 
ATOM   93   C CG2   . VAL A 1 14  ? 17.789  8.242   -0.340  1.00 20.26 ? 14  VAL A CG2   1 
ATOM   94   N N     . GLN A 1 15  ? 16.628  12.419  1.271   1.00 18.98 ? 15  GLN A N     1 
ATOM   95   C CA    . GLN A 1 15  ? 16.696  13.632  2.109   1.00 20.73 ? 15  GLN A CA    1 
ATOM   96   C C     . GLN A 1 15  ? 15.496  13.707  3.026   1.00 19.84 ? 15  GLN A C     1 
ATOM   97   O O     . GLN A 1 15  ? 15.612  14.026  4.166   1.00 18.10 ? 15  GLN A O     1 
ATOM   98   C CB    . GLN A 1 15  ? 16.837  14.997  1.383   1.00 25.72 ? 15  GLN A CB    1 
ATOM   99   C CG    . GLN A 1 15  ? 17.090  16.117  2.438   1.00 31.38 ? 15  GLN A CG    1 
ATOM   100  C CD    . GLN A 1 15  ? 16.509  17.528  2.219   1.00 37.80 ? 15  GLN A CD    1 
ATOM   101  O OE1   . GLN A 1 15  ? 16.563  18.062  1.103   1.00 48.03 ? 15  GLN A OE1   1 
ATOM   102  N NE2   . GLN A 1 15  ? 16.045  18.166  3.291   1.00 37.93 ? 15  GLN A NE2   1 
ATOM   103  N N     . SER A 1 16  ? 14.327  13.425  2.472   1.00 17.95 ? 16  SER A N     1 
ATOM   104  C CA    . SER A 1 16  ? 13.125  13.432  3.298   1.00 17.91 ? 16  SER A CA    1 
ATOM   105  C C     . SER A 1 16  ? 13.139  12.393  4.410   1.00 16.47 ? 16  SER A C     1 
ATOM   106  O O     . SER A 1 16  ? 12.699  12.685  5.510   1.00 18.09 ? 16  SER A O     1 
ATOM   107  C CB    . SER A 1 16  ? 11.874  13.267  2.450   1.00 18.52 ? 16  SER A CB    1 
ATOM   108  O OG    . SER A 1 16  ? 11.820  14.351  1.544   1.00 21.30 ? 16  SER A OG    1 
ATOM   109  N N     . LEU A 1 17  ? 13.644  11.199  4.114   1.00 16.55 ? 17  LEU A N     1 
ATOM   110  C CA    . LEU A 1 17  ? 13.782  10.130  5.109   1.00 16.36 ? 17  LEU A CA    1 
ATOM   111  C C     . LEU A 1 17  ? 14.740  10.564  6.229   1.00 17.15 ? 17  LEU A C     1 
ATOM   112  O O     . LEU A 1 17  ? 14.461  10.362  7.409   1.00 16.95 ? 17  LEU A O     1 
ATOM   113  C CB    . LEU A 1 17  ? 14.320  8.848   4.459   1.00 17.60 ? 17  LEU A CB    1 
ATOM   114  C CG    . LEU A 1 17  ? 13.340  8.201   3.474   1.00 17.69 ? 17  LEU A CG    1 
ATOM   115  C CD1   . LEU A 1 17  ? 13.988  7.035   2.758   1.00 18.19 ? 17  LEU A CD1   1 
ATOM   116  C CD2   . LEU A 1 17  ? 12.053  7.795   4.151   1.00 19.52 ? 17  LEU A CD2   1 
ATOM   117  N N     . GLU A 1 18  ? 15.853  11.184  5.845   1.00 17.80 ? 18  GLU A N     1 
ATOM   118  C CA    . GLU A 1 18  ? 16.831  11.649  6.837   1.00 22.27 ? 18  GLU A CA    1 
ATOM   119  C C     . GLU A 1 18  ? 16.200  12.689  7.764   1.00 21.71 ? 18  GLU A C     1 
ATOM   120  O O     . GLU A 1 18  ? 16.394  12.637  8.975   1.00 21.67 ? 18  GLU A O     1 
ATOM   121  C CB    . GLU A 1 18  ? 18.095  12.164  6.151   1.00 22.47 ? 18  GLU A CB    1 
ATOM   122  C CG    . GLU A 1 18  ? 18.886  11.034  5.512   1.00 26.21 ? 18  GLU A CG    1 
ATOM   123  C CD    . GLU A 1 18  ? 20.008  11.494  4.599   1.00 31.30 ? 18  GLU A CD    1 
ATOM   124  O OE1   . GLU A 1 18  ? 20.163  12.725  4.399   1.00 32.73 ? 18  GLU A OE1   1 
ATOM   125  O OE2   . GLU A 1 18  ? 20.747  10.609  4.101   1.00 33.99 ? 18  GLU A OE2   1 
ATOM   126  N N     . SER A 1 19  ? 15.399  13.583  7.205   1.00 22.66 ? 19  SER A N     1 
ATOM   127  C CA    . SER A 1 19  ? 14.737  14.635  8.000   1.00 26.46 ? 19  SER A CA    1 
ATOM   128  C C     . SER A 1 19  ? 13.696  14.110  8.976   1.00 25.80 ? 19  SER A C     1 
ATOM   129  O O     . SER A 1 19  ? 13.424  14.732  9.991   1.00 25.89 ? 19  SER A O     1 
ATOM   130  C CB    . SER A 1 19  ? 14.101  15.683  7.088   1.00 28.80 ? 19  SER A CB    1 
ATOM   131  O OG    . SER A 1 19  ? 15.103  16.327  6.327   1.00 35.71 ? 19  SER A OG    1 
ATOM   132  N N     . MET A 1 20  ? 13.097  12.965  8.680   1.00 22.74 ? 20  MET A N     1 
ATOM   133  C CA    . MET A 1 20  ? 12.158  12.364  9.622   1.00 25.02 ? 20  MET A CA    1 
ATOM   134  C C     . MET A 1 20  ? 12.846  11.421  10.623  1.00 24.67 ? 20  MET A C     1 
ATOM   135  O O     . MET A 1 20  ? 12.192  10.819  11.478  1.00 27.68 ? 20  MET A O     1 
ATOM   136  C CB    . MET A 1 20  ? 10.983  11.696  8.874   1.00 26.75 ? 20  MET A CB    1 
ATOM   137  C CG    . MET A 1 20  ? 11.337  10.554  7.977   1.00 26.59 ? 20  MET A CG    1 
ATOM   138  S SD    . MET A 1 20  ? 9.951   10.236  6.845   1.00 27.07 ? 20  MET A SD    1 
ATOM   139  C CE    . MET A 1 20  ? 8.795   9.482   7.991   1.00 26.31 ? 20  MET A CE    1 
ATOM   140  N N     . GLY A 1 21  ? 14.169  11.335  10.550  1.00 23.96 ? 21  GLY A N     1 
ATOM   141  C CA    . GLY A 1 21  ? 14.975  10.574  11.499  1.00 24.41 ? 21  GLY A CA    1 
ATOM   142  C C     . GLY A 1 21  ? 15.339  9.173   11.043  1.00 25.34 ? 21  GLY A C     1 
ATOM   143  O O     . GLY A 1 21  ? 15.822  8.387   11.854  1.00 26.05 ? 21  GLY A O     1 
ATOM   144  N N     . PHE A 1 22  ? 15.126  8.845   9.766   1.00 22.66 ? 22  PHE A N     1 
ATOM   145  C CA    . PHE A 1 22  ? 15.460  7.507   9.251   1.00 24.96 ? 22  PHE A CA    1 
ATOM   146  C C     . PHE A 1 22  ? 16.938  7.531   8.834   1.00 26.19 ? 22  PHE A C     1 
ATOM   147  O O     . PHE A 1 22  ? 17.267  7.799   7.675   1.00 31.49 ? 22  PHE A O     1 
ATOM   148  C CB    . PHE A 1 22  ? 14.562  7.077   8.085   1.00 25.97 ? 22  PHE A CB    1 
ATOM   149  C CG    . PHE A 1 22  ? 13.134  6.723   8.456   1.00 24.37 ? 22  PHE A CG    1 
ATOM   150  C CD1   . PHE A 1 22  ? 12.534  7.151   9.645   1.00 26.47 ? 22  PHE A CD1   1 
ATOM   151  C CD2   . PHE A 1 22  ? 12.364  5.977   7.569   1.00 25.37 ? 22  PHE A CD2   1 
ATOM   152  C CE1   . PHE A 1 22  ? 11.214  6.836   9.927   1.00 25.18 ? 22  PHE A CE1   1 
ATOM   153  C CE2   . PHE A 1 22  ? 11.050  5.645   7.852   1.00 25.09 ? 22  PHE A CE2   1 
ATOM   154  C CZ    . PHE A 1 22  ? 10.467  6.084   9.034   1.00 25.02 ? 22  PHE A CZ    1 
ATOM   155  N N     . LYS A 1 23  ? 17.814  7.261   9.792   1.00 24.16 ? 23  LYS A N     1 
ATOM   156  C CA    . LYS A 1 23  ? 19.275  7.320   9.548   1.00 26.40 ? 23  LYS A CA    1 
ATOM   157  C C     . LYS A 1 23  ? 19.820  6.097   8.808   1.00 26.85 ? 23  LYS A C     1 
ATOM   158  O O     . LYS A 1 23  ? 20.805  6.210   8.072   1.00 29.33 ? 23  LYS A O     1 
ATOM   159  C CB    . LYS A 1 23  ? 20.035  7.467   10.862  1.00 28.99 ? 23  LYS A CB    1 
ATOM   160  C CG    . LYS A 1 23  ? 19.750  8.752   11.634  1.00 31.78 ? 23  LYS A CG    1 
ATOM   161  C CD    . LYS A 1 23  ? 20.522  8.796   12.961  1.00 36.62 ? 23  LYS A CD    1 
ATOM   162  C CE    . LYS A 1 23  ? 19.704  9.430   14.082  1.00 40.99 ? 23  LYS A CE    1 
ATOM   163  N NZ    . LYS A 1 23  ? 19.288  10.820  13.750  1.00 43.09 ? 23  LYS A NZ    1 
ATOM   164  N N     . GLU A 1 24  ? 19.209  4.943   9.046   1.00 23.79 ? 24  GLU A N     1 
ATOM   165  C CA    . GLU A 1 24  ? 19.642  3.671   8.487   1.00 25.33 ? 24  GLU A CA    1 
ATOM   166  C C     . GLU A 1 24  ? 18.378  2.860   8.236   1.00 20.66 ? 24  GLU A C     1 
ATOM   167  O O     . GLU A 1 24  ? 17.454  2.923   9.053   1.00 18.54 ? 24  GLU A O     1 
ATOM   168  C CB    . GLU A 1 24  ? 20.469  2.965   9.554   1.00 30.17 ? 24  GLU A CB    1 
ATOM   169  C CG    . GLU A 1 24  ? 21.451  1.947   9.059   1.00 37.64 ? 24  GLU A CG    1 
ATOM   170  C CD    . GLU A 1 24  ? 22.420  1.583   10.163  1.00 42.20 ? 24  GLU A CD    1 
ATOM   171  O OE1   . GLU A 1 24  ? 23.640  1.807   9.986   1.00 47.43 ? 24  GLU A OE1   1 
ATOM   172  O OE2   . GLU A 1 24  ? 21.943  1.136   11.230  1.00 46.11 ? 24  GLU A OE2   1 
ATOM   173  N N     . PRO A 1 25  ? 18.346  2.065   7.154   1.00 18.86 ? 25  PRO A N     1 
ATOM   174  C CA    . PRO A 1 25  ? 17.156  1.200   6.957   1.00 17.88 ? 25  PRO A CA    1 
ATOM   175  C C     . PRO A 1 25  ? 17.056  0.130   8.021   1.00 17.92 ? 25  PRO A C     1 
ATOM   176  O O     . PRO A 1 25  ? 18.098  -0.352  8.496   1.00 18.07 ? 25  PRO A O     1 
ATOM   177  C CB    . PRO A 1 25  ? 17.367  0.563   5.589   1.00 17.98 ? 25  PRO A CB    1 
ATOM   178  C CG    . PRO A 1 25  ? 18.699  1.024   5.090   1.00 18.81 ? 25  PRO A CG    1 
ATOM   179  C CD    . PRO A 1 25  ? 19.322  1.965   6.060   1.00 19.31 ? 25  PRO A CD    1 
ATOM   180  N N     . THR A 1 26  ? 15.830  -0.236  8.381   1.00 16.01 ? 26  THR A N     1 
ATOM   181  C CA    . THR A 1 26  ? 15.570  -1.387  9.254   1.00 16.94 ? 26  THR A CA    1 
ATOM   182  C C     . THR A 1 26  ? 15.849  -2.710  8.512   1.00 17.78 ? 26  THR A C     1 
ATOM   183  O O     . THR A 1 26  ? 15.923  -2.723  7.278   1.00 16.26 ? 26  THR A O     1 
ATOM   184  C CB    . THR A 1 26  ? 14.130  -1.439  9.789   1.00 17.91 ? 26  THR A CB    1 
ATOM   185  O OG1   . THR A 1 26  ? 13.206  -1.718  8.730   1.00 19.49 ? 26  THR A OG1   1 
ATOM   186  C CG2   . THR A 1 26  ? 13.743  -0.156  10.500  1.00 17.75 ? 26  THR A CG2   1 
ATOM   187  N N     . PRO A 1 27  ? 16.028  -3.819  9.248   1.00 18.83 ? 27  PRO A N     1 
ATOM   188  C CA    . PRO A 1 27  ? 16.208  -5.120  8.579   1.00 19.16 ? 27  PRO A CA    1 
ATOM   189  C C     . PRO A 1 27  ? 15.153  -5.462  7.492   1.00 19.66 ? 27  PRO A C     1 
ATOM   190  O O     . PRO A 1 27  ? 15.536  -5.857  6.397   1.00 19.11 ? 27  PRO A O     1 
ATOM   191  C CB    . PRO A 1 27  ? 16.197  -6.113  9.761   1.00 20.90 ? 27  PRO A CB    1 
ATOM   192  C CG    . PRO A 1 27  ? 16.799  -5.304  10.880  1.00 21.78 ? 27  PRO A CG    1 
ATOM   193  C CD    . PRO A 1 27  ? 16.203  -3.937  10.718  1.00 20.78 ? 27  PRO A CD    1 
ATOM   194  N N     . ILE A 1 28  ? 13.863  -5.257  7.751   1.00 19.21 ? 28  ILE A N     1 
ATOM   195  C CA    . ILE A 1 28  ? 12.827  -5.533  6.724   1.00 18.98 ? 28  ILE A CA    1 
ATOM   196  C C     . ILE A 1 28  ? 12.926  -4.594  5.525   1.00 16.92 ? 28  ILE A C     1 
ATOM   197  O O     . ILE A 1 28  ? 12.649  -4.999  4.378   1.00 15.35 ? 28  ILE A O     1 
ATOM   198  C CB    . ILE A 1 28  ? 11.389  -5.543  7.296   1.00 20.50 ? 28  ILE A CB    1 
ATOM   199  C CG1   . ILE A 1 28  ? 10.427  -6.190  6.292   1.00 22.97 ? 28  ILE A CG1   1 
ATOM   200  C CG2   . ILE A 1 28  ? 10.888  -4.162  7.682   1.00 21.69 ? 28  ILE A CG2   1 
ATOM   201  C CD1   . ILE A 1 28  ? 9.036   -6.341  6.843   1.00 24.77 ? 28  ILE A CD1   1 
ATOM   202  N N     . GLN A 1 29  ? 13.373  -3.357  5.760   1.00 16.16 ? 29  GLN A N     1 
ATOM   203  C CA    . GLN A 1 29  ? 13.555  -2.402  4.650   1.00 15.84 ? 29  GLN A CA    1 
ATOM   204  C C     . GLN A 1 29  ? 14.738  -2.803  3.794   1.00 16.54 ? 29  GLN A C     1 
ATOM   205  O O     . GLN A 1 29  ? 14.631  -2.809  2.568   1.00 15.33 ? 29  GLN A O     1 
ATOM   206  C CB    . GLN A 1 29  ? 13.727  -0.997  5.195   1.00 15.12 ? 29  GLN A CB    1 
ATOM   207  C CG    . GLN A 1 29  ? 12.416  -0.509  5.799   1.00 14.43 ? 29  GLN A CG    1 
ATOM   208  C CD    . GLN A 1 29  ? 12.573  0.672   6.727   1.00 14.08 ? 29  GLN A CD    1 
ATOM   209  O OE1   . GLN A 1 29  ? 13.689  1.198   6.910   1.00 13.85 ? 29  GLN A OE1   1 
ATOM   210  N NE2   . GLN A 1 29  ? 11.467  1.105   7.317   1.00 13.88 ? 29  GLN A NE2   1 
ATOM   211  N N     . LYS A 1 30  ? 15.831  -3.233  4.437   1.00 16.92 ? 30  LYS A N     1 
ATOM   212  C CA    . LYS A 1 30  ? 17.002  -3.707  3.707   1.00 19.23 ? 30  LYS A CA    1 
ATOM   213  C C     . LYS A 1 30  ? 16.710  -4.952  2.896   1.00 19.79 ? 30  LYS A C     1 
ATOM   214  O O     . LYS A 1 30  ? 17.240  -5.090  1.802   1.00 19.28 ? 30  LYS A O     1 
ATOM   215  C CB    . LYS A 1 30  ? 18.179  -4.034  4.647   1.00 22.24 ? 30  LYS A CB    1 
ATOM   216  C CG    . LYS A 1 30  ? 18.838  -2.837  5.268   1.00 25.63 ? 30  LYS A CG    1 
ATOM   217  C CD    . LYS A 1 30  ? 20.060  -3.233  6.094   1.00 28.74 ? 30  LYS A CD    1 
ATOM   218  C CE    . LYS A 1 30  ? 20.644  -2.044  6.845   1.00 32.48 ? 30  LYS A CE    1 
ATOM   219  N NZ    . LYS A 1 30  ? 21.697  -2.423  7.838   1.00 36.70 ? 30  LYS A NZ    1 
ATOM   220  N N     . ASP A 1 31  ? 15.867  -5.830  3.425   1.00 20.55 ? 31  ASP A N     1 
ATOM   221  C CA    . ASP A 1 31  ? 15.541  -7.097  2.759   1.00 23.95 ? 31  ASP A CA    1 
ATOM   222  C C     . ASP A 1 31  ? 14.483  -6.951  1.656   1.00 24.06 ? 31  ASP A C     1 
ATOM   223  O O     . ASP A 1 31  ? 14.549  -7.665  0.680   1.00 28.91 ? 31  ASP A O     1 
ATOM   224  C CB    . ASP A 1 31  ? 15.102  -8.161  3.779   1.00 26.38 ? 31  ASP A CB    1 
ATOM   225  C CG    . ASP A 1 31  ? 16.237  -8.598  4.704   1.00 30.42 ? 31  ASP A CG    1 
ATOM   226  O OD1   . ASP A 1 31  ? 17.409  -8.229  4.467   1.00 34.93 ? 31  ASP A OD1   1 
ATOM   227  O OD2   . ASP A 1 31  ? 15.957  -9.324  5.680   1.00 34.42 ? 31  ASP A OD2   1 
ATOM   228  N N     . SER A 1 32  ? 13.547  -6.016  1.806   1.00 20.41 ? 32  SER A N     1 
ATOM   229  C CA    . SER A 1 32  ? 12.381  -5.861  0.915   1.00 21.33 ? 32  SER A CA    1 
ATOM   230  C C     . SER A 1 32  ? 12.588  -4.866  -0.201  1.00 18.82 ? 32  SER A C     1 
ATOM   231  O O     . SER A 1 32  ? 12.220  -5.109  -1.353  1.00 16.93 ? 32  SER A O     1 
ATOM   232  C CB    . SER A 1 32  ? 11.184  -5.337  1.713   1.00 24.40 ? 32  SER A CB    1 
ATOM   233  O OG    . SER A 1 32  ? 10.889  -6.162  2.815   1.00 33.04 ? 32  SER A OG    1 
ATOM   234  N N     . ILE A 1 33  ? 13.147  -3.711  0.150   1.00 16.85 ? 33  ILE A N     1 
ATOM   235  C CA    . ILE A 1 33  ? 13.179  -2.601  -0.781  1.00 16.13 ? 33  ILE A CA    1 
ATOM   236  C C     . ILE A 1 33  ? 13.825  -2.921  -2.150  1.00 16.00 ? 33  ILE A C     1 
ATOM   237  O O     . ILE A 1 33  ? 13.252  -2.566  -3.179  1.00 15.97 ? 33  ILE A O     1 
ATOM   238  C CB    . ILE A 1 33  ? 13.758  -1.317  -0.116  1.00 16.40 ? 33  ILE A CB    1 
ATOM   239  C CG1   . ILE A 1 33  ? 12.774  -0.816  0.917   1.00 16.06 ? 33  ILE A CG1   1 
ATOM   240  C CG2   . ILE A 1 33  ? 14.035  -0.234  -1.148  1.00 16.90 ? 33  ILE A CG2   1 
ATOM   241  C CD1   . ILE A 1 33  ? 13.152  0.381   1.750   1.00 16.47 ? 33  ILE A CD1   1 
ATOM   242  N N     . PRO A 1 34  ? 15.003  -3.569  -2.175  1.00 16.62 ? 34  PRO A N     1 
ATOM   243  C CA    . PRO A 1 34  ? 15.615  -3.899  -3.503  1.00 17.81 ? 34  PRO A CA    1 
ATOM   244  C C     . PRO A 1 34  ? 14.706  -4.799  -4.373  1.00 17.15 ? 34  PRO A C     1 
ATOM   245  O O     . PRO A 1 34  ? 14.626  -4.605  -5.594  1.00 17.32 ? 34  PRO A O     1 
ATOM   246  C CB    . PRO A 1 34  ? 16.928  -4.568  -3.130  1.00 19.02 ? 34  PRO A CB    1 
ATOM   247  C CG    . PRO A 1 34  ? 17.244  -4.038  -1.762  1.00 18.92 ? 34  PRO A CG    1 
ATOM   248  C CD    . PRO A 1 34  ? 15.910  -3.908  -1.064  1.00 17.54 ? 34  PRO A CD    1 
ATOM   249  N N     . TYR A 1 35  ? 13.943  -5.672  -3.736  1.00 16.82 ? 35  TYR A N     1 
ATOM   250  C CA    . TYR A 1 35  ? 12.995  -6.556  -4.436  1.00 17.62 ? 35  TYR A CA    1 
ATOM   251  C C     . TYR A 1 35  ? 11.768  -5.799  -4.886  1.00 16.41 ? 35  TYR A C     1 
ATOM   252  O O     . TYR A 1 35  ? 11.335  -5.970  -6.022  1.00 16.84 ? 35  TYR A O     1 
ATOM   253  C CB    . TYR A 1 35  ? 12.599  -7.735  -3.561  1.00 19.59 ? 35  TYR A CB    1 
ATOM   254  C CG    . TYR A 1 35  ? 13.759  -8.686  -3.420  1.00 23.37 ? 35  TYR A CG    1 
ATOM   255  C CD1   . TYR A 1 35  ? 14.004  -9.661  -4.383  1.00 26.20 ? 35  TYR A CD1   1 
ATOM   256  C CD2   . TYR A 1 35  ? 14.652  -8.567  -2.350  1.00 25.27 ? 35  TYR A CD2   1 
ATOM   257  C CE1   . TYR A 1 35  ? 15.096  -10.515 -4.268  1.00 28.97 ? 35  TYR A CE1   1 
ATOM   258  C CE2   . TYR A 1 35  ? 15.752  -9.405  -2.228  1.00 28.43 ? 35  TYR A CE2   1 
ATOM   259  C CZ    . TYR A 1 35  ? 15.962  -10.391 -3.194  1.00 30.92 ? 35  TYR A CZ    1 
ATOM   260  O OH    . TYR A 1 35  ? 17.037  -11.246 -3.084  1.00 36.22 ? 35  TYR A OH    1 
ATOM   261  N N     . ALA A 1 36  ? 11.236  -4.948  -4.008  1.00 14.66 ? 36  ALA A N     1 
ATOM   262  C CA    . ALA A 1 36  ? 10.099  -4.078  -4.352  1.00 14.82 ? 36  ALA A CA    1 
ATOM   263  C C     . ALA A 1 36  ? 10.401  -3.176  -5.538  1.00 15.62 ? 36  ALA A C     1 
ATOM   264  O O     . ALA A 1 36  ? 9.582   -3.048  -6.461  1.00 16.21 ? 36  ALA A O     1 
ATOM   265  C CB    . ALA A 1 36  ? 9.667   -3.265  -3.154  1.00 15.52 ? 36  ALA A CB    1 
ATOM   266  N N     . LEU A 1 37  ? 11.591  -2.599  -5.565  1.00 16.08 ? 37  LEU A N     1 
ATOM   267  C CA    . LEU A 1 37  ? 12.006  -1.794  -6.718  1.00 18.56 ? 37  LEU A CA    1 
ATOM   268  C C     . LEU A 1 37  ? 12.091  -2.556  -8.053  1.00 21.44 ? 37  LEU A C     1 
ATOM   269  O O     . LEU A 1 37  ? 11.901  -1.942  -9.113  1.00 22.16 ? 37  LEU A O     1 
ATOM   270  C CB    . LEU A 1 37  ? 13.329  -1.094  -6.433  1.00 19.06 ? 37  LEU A CB    1 
ATOM   271  C CG    . LEU A 1 37  ? 13.329  -0.040  -5.342  1.00 19.70 ? 37  LEU A CG    1 
ATOM   272  C CD1   . LEU A 1 37  ? 14.748  0.327   -4.947  1.00 20.72 ? 37  LEU A CD1   1 
ATOM   273  C CD2   . LEU A 1 37  ? 12.537  1.190   -5.702  1.00 20.48 ? 37  LEU A CD2   1 
ATOM   274  N N     . GLN A 1 38  ? 12.410  -3.852  -7.984  1.00 21.20 ? 38  GLN A N     1 
ATOM   275  C CA    . GLN A 1 38  ? 12.484  -4.775  -9.133  1.00 24.88 ? 38  GLN A CA    1 
ATOM   276  C C     . GLN A 1 38  ? 11.096  -5.148  -9.670  1.00 22.52 ? 38  GLN A C     1 
ATOM   277  O O     . GLN A 1 38  ? 10.998  -5.779  -10.725 1.00 21.45 ? 38  GLN A O     1 
ATOM   278  C CB    . GLN A 1 38  ? 13.200  -6.086  -8.744  1.00 30.61 ? 38  GLN A CB    1 
ATOM   279  C CG    . GLN A 1 38  ? 14.694  -6.187  -9.019  1.00 38.78 ? 38  GLN A CG    1 
ATOM   280  C CD    . GLN A 1 38  ? 15.199  -7.646  -9.149  1.00 46.65 ? 38  GLN A CD    1 
ATOM   281  O OE1   . GLN A 1 38  ? 15.890  -8.011  -10.115 1.00 49.44 ? 38  GLN A OE1   1 
ATOM   282  N NE2   . GLN A 1 38  ? 14.864  -8.482  -8.169  1.00 49.34 ? 38  GLN A NE2   1 
ATOM   283  N N     . GLY A 1 39  ? 10.041  -4.763  -8.952  1.00 19.66 ? 39  GLY A N     1 
ATOM   284  C CA    . GLY A 1 39  ? 8.658   -5.036  -9.328  1.00 20.48 ? 39  GLY A CA    1 
ATOM   285  C C     . GLY A 1 39  ? 8.102   -6.369  -8.882  1.00 21.16 ? 39  GLY A C     1 
ATOM   286  O O     . GLY A 1 39  ? 7.010   -6.737  -9.304  1.00 20.49 ? 39  GLY A O     1 
ATOM   287  N N     . ILE A 1 40  ? 8.811   -7.067  -7.996  1.00 20.59 ? 40  ILE A N     1 
ATOM   288  C CA    . ILE A 1 40  ? 8.465   -8.447  -7.589  1.00 23.41 ? 40  ILE A CA    1 
ATOM   289  C C     . ILE A 1 40  ? 7.368   -8.395  -6.520  1.00 20.85 ? 40  ILE A C     1 
ATOM   290  O O     . ILE A 1 40  ? 7.349   -7.449  -5.732  1.00 19.86 ? 40  ILE A O     1 
ATOM   291  C CB    . ILE A 1 40  ? 9.746   -9.151  -7.045  1.00 27.26 ? 40  ILE A CB    1 
ATOM   292  C CG1   . ILE A 1 40  ? 10.735  -9.327  -8.202  1.00 30.73 ? 40  ILE A CG1   1 
ATOM   293  C CG2   . ILE A 1 40  ? 9.457   -10.519 -6.455  1.00 30.07 ? 40  ILE A CG2   1 
ATOM   294  C CD1   . ILE A 1 40  ? 12.153  -9.452  -7.733  1.00 32.29 ? 40  ILE A CD1   1 
ATOM   295  N N     . ASP A 1 41  ? 6.461   -9.377  -6.502  1.00 19.35 ? 41  ASP A N     1 
ATOM   296  C CA    . ASP A 1 41  ? 5.443   -9.450  -5.436  1.00 19.13 ? 41  ASP A CA    1 
ATOM   297  C C     . ASP A 1 41  ? 6.140   -9.856  -4.156  1.00 19.45 ? 41  ASP A C     1 
ATOM   298  O O     . ASP A 1 41  ? 7.124   -10.633 -4.180  1.00 20.58 ? 41  ASP A O     1 
ATOM   299  C CB    . ASP A 1 41  ? 4.311   -10.427 -5.774  1.00 19.01 ? 41  ASP A CB    1 
ATOM   300  C CG    . ASP A 1 41  ? 3.303   -9.884  -6.786  1.00 21.04 ? 41  ASP A CG    1 
ATOM   301  O OD1   . ASP A 1 41  ? 3.478   -8.780  -7.392  1.00 20.47 ? 41  ASP A OD1   1 
ATOM   302  O OD2   . ASP A 1 41  ? 2.262   -10.586 -6.965  1.00 23.97 ? 41  ASP A OD2   1 
ATOM   303  N N     . ILE A 1 42  ? 5.674   -9.316  -3.028  1.00 17.99 ? 42  ILE A N     1 
ATOM   304  C CA    . ILE A 1 42  ? 6.318   -9.529  -1.756  1.00 18.55 ? 42  ILE A CA    1 
ATOM   305  C C     . ILE A 1 42  ? 5.297   -10.011 -0.732  1.00 17.66 ? 42  ILE A C     1 
ATOM   306  O O     . ILE A 1 42  ? 4.220   -9.442  -0.608  1.00 15.64 ? 42  ILE A O     1 
ATOM   307  C CB    . ILE A 1 42  ? 7.018   -8.231  -1.316  1.00 20.93 ? 42  ILE A CB    1 
ATOM   308  C CG1   . ILE A 1 42  ? 8.363   -8.113  -2.082  1.00 24.99 ? 42  ILE A CG1   1 
ATOM   309  C CG2   . ILE A 1 42  ? 7.246   -8.162  0.194   1.00 20.93 ? 42  ILE A CG2   1 
ATOM   310  C CD1   . ILE A 1 42  ? 8.825   -6.705  -2.232  1.00 28.28 ? 42  ILE A CD1   1 
ATOM   311  N N     . LEU A 1 43  ? 5.675   -11.064 -0.013  1.00 16.85 ? 43  LEU A N     1 
ATOM   312  C CA    . LEU A 1 43  ? 4.923   -11.567 1.110   1.00 17.46 ? 43  LEU A CA    1 
ATOM   313  C C     . LEU A 1 43  ? 5.764   -11.326 2.356   1.00 18.51 ? 43  LEU A C     1 
ATOM   314  O O     . LEU A 1 43  ? 6.772   -12.010 2.590   1.00 18.72 ? 43  LEU A O     1 
ATOM   315  C CB    . LEU A 1 43  ? 4.635   -13.052 0.889   1.00 18.50 ? 43  LEU A CB    1 
ATOM   316  C CG    . LEU A 1 43  ? 3.806   -13.812 1.907   1.00 20.50 ? 43  LEU A CG    1 
ATOM   317  C CD1   . LEU A 1 43  ? 2.429   -13.180 2.047   1.00 21.55 ? 43  LEU A CD1   1 
ATOM   318  C CD2   . LEU A 1 43  ? 3.643   -15.239 1.442   1.00 20.86 ? 43  LEU A CD2   1 
ATOM   319  N N     . GLY A 1 44  ? 5.390   -10.305 3.121   1.00 19.23 ? 44  GLY A N     1 
ATOM   320  C CA    . GLY A 1 44  ? 6.116   -9.934  4.319   1.00 20.79 ? 44  GLY A CA    1 
ATOM   321  C C     . GLY A 1 44  ? 5.491   -10.494 5.581   1.00 22.77 ? 44  GLY A C     1 
ATOM   322  O O     . GLY A 1 44  ? 4.364   -10.116 5.956   1.00 22.14 ? 44  GLY A O     1 
ATOM   323  N N     . GLN A 1 45  ? 6.206   -11.357 6.278   1.00 22.63 ? 45  GLN A N     1 
ATOM   324  C CA    . GLN A 1 45  ? 5.732   -11.779 7.593   1.00 27.19 ? 45  GLN A CA    1 
ATOM   325  C C     . GLN A 1 45  ? 6.440   -10.913 8.617   1.00 27.77 ? 45  GLN A C     1 
ATOM   326  O O     . GLN A 1 45  ? 7.605   -11.140 8.973   1.00 26.18 ? 45  GLN A O     1 
ATOM   327  C CB    . GLN A 1 45  ? 5.884   -13.269 7.856   1.00 34.87 ? 45  GLN A CB    1 
ATOM   328  C CG    . GLN A 1 45  ? 7.153   -13.908 7.409   1.00 40.77 ? 45  GLN A CG    1 
ATOM   329  C CD    . GLN A 1 45  ? 7.269   -15.325 7.932   1.00 47.75 ? 45  GLN A CD    1 
ATOM   330  O OE1   . GLN A 1 45  ? 6.943   -16.276 7.224   1.00 49.60 ? 45  GLN A OE1   1 
ATOM   331  N NE2   . GLN A 1 45  ? 7.713   -15.470 9.192   1.00 49.81 ? 45  GLN A NE2   1 
ATOM   332  N N     . ALA A 1 46  ? 5.742   -9.855  8.999   1.00 28.11 ? 46  ALA A N     1 
ATOM   333  C CA    . ALA A 1 46  ? 6.278   -8.776  9.813   1.00 31.08 ? 46  ALA A CA    1 
ATOM   334  C C     . ALA A 1 46  ? 5.129   -8.163  10.595  1.00 33.47 ? 46  ALA A C     1 
ATOM   335  O O     . ALA A 1 46  ? 3.981   -8.229  10.161  1.00 37.20 ? 46  ALA A O     1 
ATOM   336  C CB    . ALA A 1 46  ? 6.899   -7.713  8.926   1.00 29.81 ? 46  ALA A CB    1 
ATOM   337  N N     . GLN A 1 47  ? 5.453   -7.511  11.698  1.00 34.45 ? 47  GLN A N     1 
ATOM   338  C CA    . GLN A 1 47  ? 4.454   -6.819  12.526  1.00 35.48 ? 47  GLN A CA    1 
ATOM   339  C C     . GLN A 1 47  ? 4.871   -5.365  12.698  1.00 33.18 ? 47  GLN A C     1 
ATOM   340  O O     . GLN A 1 47  ? 6.008   -4.986  12.336  1.00 30.17 ? 47  GLN A O     1 
ATOM   341  C CB    . GLN A 1 47  ? 4.302   -7.514  13.877  1.00 37.43 ? 47  GLN A CB    1 
ATOM   342  C CG    . GLN A 1 47  ? 5.586   -7.657  14.693  1.00 40.80 ? 47  GLN A CG    1 
ATOM   343  C CD    . GLN A 1 47  ? 6.422   -8.871  14.309  1.00 43.84 ? 47  GLN A CD    1 
ATOM   344  O OE1   . GLN A 1 47  ? 7.298   -8.795  13.434  1.00 44.12 ? 47  GLN A OE1   1 
ATOM   345  N NE2   . GLN A 1 47  ? 6.172   -9.994  14.976  1.00 45.59 ? 47  GLN A NE2   1 
ATOM   346  N N     . THR A 1 48  ? 3.977   -4.547  13.262  1.00 32.33 ? 48  THR A N     1 
ATOM   347  C CA    . THR A 1 48  ? 4.329   -3.159  13.559  1.00 32.50 ? 48  THR A CA    1 
ATOM   348  C C     . THR A 1 48  ? 5.514   -3.160  14.502  1.00 27.42 ? 48  THR A C     1 
ATOM   349  O O     . THR A 1 48  ? 5.586   -3.952  15.453  1.00 29.34 ? 48  THR A O     1 
ATOM   350  C CB    . THR A 1 48  ? 3.190   -2.325  14.205  1.00 37.16 ? 48  THR A CB    1 
ATOM   351  O OG1   . THR A 1 48  ? 2.864   -2.857  15.490  1.00 42.76 ? 48  THR A OG1   1 
ATOM   352  C CG2   . THR A 1 48  ? 1.961   -2.311  13.338  1.00 39.10 ? 48  THR A CG2   1 
ATOM   353  N N     . GLY A 1 49  ? 6.450   -2.267  14.232  1.00 25.13 ? 49  GLY A N     1 
ATOM   354  C CA    . GLY A 1 49  ? 7.707   -2.235  14.958  1.00 24.34 ? 49  GLY A CA    1 
ATOM   355  C C     . GLY A 1 49  ? 8.877   -2.595  14.099  1.00 24.41 ? 49  GLY A C     1 
ATOM   356  O O     . GLY A 1 49  ? 9.998   -2.325  14.489  1.00 27.72 ? 49  GLY A O     1 
ATOM   357  N N     . THR A 1 50  ? 8.627   -3.210  12.931  1.00 22.04 ? 50  THR A N     1 
ATOM   358  C CA    . THR A 1 50  ? 9.680   -3.662  12.052  1.00 20.22 ? 50  THR A CA    1 
ATOM   359  C C     . THR A 1 50  ? 10.110  -2.600  11.061  1.00 19.90 ? 50  THR A C     1 
ATOM   360  O O     . THR A 1 50  ? 11.206  -2.686  10.558  1.00 19.00 ? 50  THR A O     1 
ATOM   361  C CB    . THR A 1 50  ? 9.259   -4.901  11.239  1.00 21.78 ? 50  THR A CB    1 
ATOM   362  O OG1   . THR A 1 50  ? 8.021   -4.640  10.545  1.00 22.33 ? 50  THR A OG1   1 
ATOM   363  C CG2   . THR A 1 50  ? 9.105   -6.091  12.155  1.00 23.76 ? 50  THR A CG2   1 
ATOM   364  N N     . GLY A 1 51  ? 9.264   -1.605  10.794  1.00 17.71 ? 51  GLY A N     1 
ATOM   365  C CA    . GLY A 1 51  ? 9.526   -0.654  9.709   1.00 17.40 ? 51  GLY A CA    1 
ATOM   366  C C     . GLY A 1 51  ? 8.817   -1.029  8.414   1.00 15.97 ? 51  GLY A C     1 
ATOM   367  O O     . GLY A 1 51  ? 9.222   -0.646  7.336   1.00 15.91 ? 51  GLY A O     1 
ATOM   368  N N     . LYS A 1 52  ? 7.736   -1.779  8.518   1.00 17.27 ? 52  LYS A N     1 
ATOM   369  C CA    . LYS A 1 52  ? 7.060   -2.283  7.318   1.00 18.86 ? 52  LYS A CA    1 
ATOM   370  C C     . LYS A 1 52  ? 6.405   -1.183  6.475   1.00 17.00 ? 52  LYS A C     1 
ATOM   371  O O     . LYS A 1 52  ? 6.368   -1.320  5.255   1.00 17.55 ? 52  LYS A O     1 
ATOM   372  C CB    . LYS A 1 52  ? 6.088   -3.393  7.655   1.00 21.73 ? 52  LYS A CB    1 
ATOM   373  C CG    . LYS A 1 52  ? 4.991   -3.025  8.589   1.00 24.73 ? 52  LYS A CG    1 
ATOM   374  C CD    . LYS A 1 52  ? 4.259   -4.295  8.987   1.00 27.77 ? 52  LYS A CD    1 
ATOM   375  C CE    . LYS A 1 52  ? 2.796   -4.175  8.757   1.00 29.87 ? 52  LYS A CE    1 
ATOM   376  N NZ    . LYS A 1 52  ? 2.158   -3.465  9.883   1.00 32.72 ? 52  LYS A NZ    1 
ATOM   377  N N     . THR A 1 53  ? 5.983   -0.070  7.080   1.00 16.11 ? 53  THR A N     1 
ATOM   378  C CA    . THR A 1 53  ? 5.434   1.049   6.298   1.00 16.15 ? 53  THR A CA    1 
ATOM   379  C C     . THR A 1 53  ? 6.483   1.607   5.358   1.00 15.75 ? 53  THR A C     1 
ATOM   380  O O     . THR A 1 53  ? 6.204   1.836   4.174   1.00 15.94 ? 53  THR A O     1 
ATOM   381  C CB    . THR A 1 53  ? 4.826   2.155   7.167   1.00 17.90 ? 53  THR A CB    1 
ATOM   382  O OG1   . THR A 1 53  ? 3.807   1.588   8.001   1.00 20.02 ? 53  THR A OG1   1 
ATOM   383  C CG2   . THR A 1 53  ? 4.193   3.208   6.322   1.00 18.25 ? 53  THR A CG2   1 
ATOM   384  N N     . GLY A 1 54  ? 7.718   1.766   5.847   1.00 13.95 ? 54  GLY A N     1 
ATOM   385  C CA    . GLY A 1 54  ? 8.789   2.188   4.989   1.00 13.75 ? 54  GLY A CA    1 
ATOM   386  C C     . GLY A 1 54  ? 9.138   1.148   3.947   1.00 13.26 ? 54  GLY A C     1 
ATOM   387  O O     . GLY A 1 54  ? 9.480   1.513   2.804   1.00 15.16 ? 54  GLY A O     1 
ATOM   388  N N     . ALA A 1 55  ? 9.050   -0.125  4.331   1.00 13.86 ? 55  ALA A N     1 
ATOM   389  C CA    . ALA A 1 55  ? 9.369   -1.233  3.436   1.00 14.90 ? 55  ALA A CA    1 
ATOM   390  C C     . ALA A 1 55  ? 8.528   -1.231  2.145   1.00 16.07 ? 55  ALA A C     1 
ATOM   391  O O     . ALA A 1 55  ? 9.073   -1.408  1.046   1.00 15.75 ? 55  ALA A O     1 
ATOM   392  C CB    . ALA A 1 55  ? 9.260   -2.571  4.163   1.00 15.55 ? 55  ALA A CB    1 
ATOM   393  N N     . PHE A 1 56  ? 7.222   -0.983  2.270   1.00 13.84 ? 56  PHE A N     1 
ATOM   394  C CA    . PHE A 1 56  ? 6.372   -0.849  1.080   1.00 14.73 ? 56  PHE A CA    1 
ATOM   395  C C     . PHE A 1 56  ? 6.268   0.579   0.575   1.00 14.04 ? 56  PHE A C     1 
ATOM   396  O O     . PHE A 1 56  ? 6.138   0.803   -0.613  1.00 14.59 ? 56  PHE A O     1 
ATOM   397  C CB    . PHE A 1 56  ? 4.959   -1.504  1.278   1.00 14.95 ? 56  PHE A CB    1 
ATOM   398  C CG    . PHE A 1 56  ? 4.044   -0.845  2.313   1.00 15.05 ? 56  PHE A CG    1 
ATOM   399  C CD1   . PHE A 1 56  ? 3.351   0.308   2.018   1.00 15.55 ? 56  PHE A CD1   1 
ATOM   400  C CD2   . PHE A 1 56  ? 3.762   -1.492  3.527   1.00 15.23 ? 56  PHE A CD2   1 
ATOM   401  C CE1   . PHE A 1 56  ? 2.472   0.881   2.946   1.00 15.51 ? 56  PHE A CE1   1 
ATOM   402  C CE2   . PHE A 1 56  ? 2.888   -0.934  4.460   1.00 15.52 ? 56  PHE A CE2   1 
ATOM   403  C CZ    . PHE A 1 56  ? 2.242   0.266   4.166   1.00 15.68 ? 56  PHE A CZ    1 
ATOM   404  N N     . GLY A 1 57  ? 6.310   1.552   1.487   1.00 13.07 ? 57  GLY A N     1 
ATOM   405  C CA    . GLY A 1 57  ? 5.992   2.934   1.175   1.00 13.42 ? 57  GLY A CA    1 
ATOM   406  C C     . GLY A 1 57  ? 7.099   3.645   0.436   1.00 13.98 ? 57  GLY A C     1 
ATOM   407  O O     . GLY A 1 57  ? 6.851   4.393   -0.489  1.00 14.34 ? 57  GLY A O     1 
ATOM   408  N N     . ILE A 1 58  ? 8.334   3.405   0.849   1.00 14.18 ? 58  ILE A N     1 
ATOM   409  C CA    . ILE A 1 58  ? 9.463   4.046   0.202   1.00 15.82 ? 58  ILE A CA    1 
ATOM   410  C C     . ILE A 1 58  ? 9.587   3.673   -1.298  1.00 15.66 ? 58  ILE A C     1 
ATOM   411  O O     . ILE A 1 58  ? 9.643   4.579   -2.153  1.00 18.00 ? 58  ILE A O     1 
ATOM   412  C CB    . ILE A 1 58  ? 10.768  3.801   1.018   1.00 15.98 ? 58  ILE A CB    1 
ATOM   413  C CG1   . ILE A 1 58  ? 10.675  4.535   2.362   1.00 16.98 ? 58  ILE A CG1   1 
ATOM   414  C CG2   . ILE A 1 58  ? 11.972  4.310   0.265   1.00 17.13 ? 58  ILE A CG2   1 
ATOM   415  C CD1   . ILE A 1 58  ? 11.652  4.042   3.410   1.00 17.81 ? 58  ILE A CD1   1 
ATOM   416  N N     . PRO A 1 59  ? 9.607   2.371   -1.640  1.00 15.56 ? 59  PRO A N     1 
ATOM   417  C CA    . PRO A 1 59  ? 9.584   2.041   -3.079  1.00 16.84 ? 59  PRO A CA    1 
ATOM   418  C C     . PRO A 1 59  ? 8.318   2.439   -3.841  1.00 16.55 ? 59  PRO A C     1 
ATOM   419  O O     . PRO A 1 59  ? 8.401   2.730   -5.026  1.00 16.95 ? 59  PRO A O     1 
ATOM   420  C CB    . PRO A 1 59  ? 9.823   0.546   -3.130  1.00 16.88 ? 59  PRO A CB    1 
ATOM   421  C CG    . PRO A 1 59  ? 9.713   0.025   -1.729  1.00 16.00 ? 59  PRO A CG    1 
ATOM   422  C CD    . PRO A 1 59  ? 9.744   1.173   -0.772  1.00 15.86 ? 59  PRO A CD    1 
ATOM   423  N N     . LEU A 1 60  ? 7.171   2.493   -3.164  1.00 16.97 ? 60  LEU A N     1 
ATOM   424  C CA    . LEU A 1 60  ? 5.956   3.000   -3.803  1.00 17.43 ? 60  LEU A CA    1 
ATOM   425  C C     . LEU A 1 60  ? 6.129   4.474   -4.249  1.00 17.53 ? 60  LEU A C     1 
ATOM   426  O O     . LEU A 1 60  ? 5.752   4.850   -5.355  1.00 17.37 ? 60  LEU A O     1 
ATOM   427  C CB    . LEU A 1 60  ? 4.762   2.829   -2.861  1.00 16.67 ? 60  LEU A CB    1 
ATOM   428  C CG    . LEU A 1 60  ? 3.419   3.378   -3.345  1.00 17.58 ? 60  LEU A CG    1 
ATOM   429  C CD1   . LEU A 1 60  ? 3.014   2.595   -4.555  1.00 18.13 ? 60  LEU A CD1   1 
ATOM   430  C CD2   . LEU A 1 60  ? 2.384   3.287   -2.241  1.00 18.09 ? 60  LEU A CD2   1 
ATOM   431  N N     . ILE A 1 61  ? 6.707   5.314   -3.393  1.00 17.86 ? 61  ILE A N     1 
ATOM   432  C CA    . ILE A 1 61  ? 6.972   6.703   -3.779  1.00 18.53 ? 61  ILE A CA    1 
ATOM   433  C C     . ILE A 1 61  ? 7.825   6.766   -5.041  1.00 20.62 ? 61  ILE A C     1 
ATOM   434  O O     . ILE A 1 61  ? 7.493   7.497   -5.979  1.00 21.47 ? 61  ILE A O     1 
ATOM   435  C CB    . ILE A 1 61  ? 7.710   7.504   -2.659  1.00 19.38 ? 61  ILE A CB    1 
ATOM   436  C CG1   . ILE A 1 61  ? 6.888   7.596   -1.372  1.00 18.34 ? 61  ILE A CG1   1 
ATOM   437  C CG2   . ILE A 1 61  ? 8.085   8.895   -3.147  1.00 19.79 ? 61  ILE A CG2   1 
ATOM   438  C CD1   . ILE A 1 61  ? 5.428   7.862   -1.559  1.00 18.39 ? 61  ILE A CD1   1 
ATOM   439  N N     . GLU A 1 62  ? 8.891   5.966   -5.068  1.00 21.74 ? 62  GLU A N     1 
ATOM   440  C CA    . GLU A 1 62  ? 9.785   5.900   -6.234  1.00 24.07 ? 62  GLU A CA    1 
ATOM   441  C C     . GLU A 1 62  ? 9.012   5.490   -7.514  1.00 22.54 ? 62  GLU A C     1 
ATOM   442  O O     . GLU A 1 62  ? 9.283   5.983   -8.618  1.00 22.83 ? 62  GLU A O     1 
ATOM   443  C CB    . GLU A 1 62  ? 10.939  4.928   -5.974  1.00 26.82 ? 62  GLU A CB    1 
ATOM   444  C CG    . GLU A 1 62  ? 11.822  5.307   -4.789  1.00 31.93 ? 62  GLU A CG    1 
ATOM   445  C CD    . GLU A 1 62  ? 12.517  6.633   -4.993  1.00 36.92 ? 62  GLU A CD    1 
ATOM   446  O OE1   . GLU A 1 62  ? 13.503  6.637   -5.743  1.00 40.73 ? 62  GLU A OE1   1 
ATOM   447  O OE2   . GLU A 1 62  ? 12.082  7.672   -4.409  1.00 43.96 ? 62  GLU A OE2   1 
ATOM   448  N N     . LYS A 1 63  ? 8.020   4.626   -7.342  1.00 20.02 ? 63  LYS A N     1 
ATOM   449  C CA    . LYS A 1 63  ? 7.229   4.110   -8.450  1.00 19.32 ? 63  LYS A CA    1 
ATOM   450  C C     . LYS A 1 63  ? 6.193   5.085   -9.020  1.00 18.79 ? 63  LYS A C     1 
ATOM   451  O O     . LYS A 1 63  ? 5.972   5.085   -10.224 1.00 19.67 ? 63  LYS A O     1 
ATOM   452  C CB    . LYS A 1 63  ? 6.494   2.846   -8.000  1.00 21.14 ? 63  LYS A CB    1 
ATOM   453  C CG    . LYS A 1 63  ? 5.780   2.100   -9.112  1.00 21.56 ? 63  LYS A CG    1 
ATOM   454  C CD    . LYS A 1 63  ? 5.298   0.763   -8.605  1.00 22.24 ? 63  LYS A CD    1 
ATOM   455  C CE    . LYS A 1 63  ? 4.751   -0.052  -9.762  1.00 22.59 ? 63  LYS A CE    1 
ATOM   456  N NZ    . LYS A 1 63  ? 4.309   -1.383  -9.265  1.00 22.33 ? 63  LYS A NZ    1 
ATOM   457  N N     . VAL A 1 64  ? 5.542   5.876   -8.170  1.00 16.13 ? 64  VAL A N     1 
ATOM   458  C CA    . VAL A 1 64  ? 4.407   6.707   -8.597  1.00 17.98 ? 64  VAL A CA    1 
ATOM   459  C C     . VAL A 1 64  ? 4.730   8.160   -8.881  1.00 20.63 ? 64  VAL A C     1 
ATOM   460  O O     . VAL A 1 64  ? 3.927   8.865   -9.480  1.00 21.94 ? 64  VAL A O     1 
ATOM   461  C CB    . VAL A 1 64  ? 3.222   6.647   -7.597  1.00 18.20 ? 64  VAL A CB    1 
ATOM   462  C CG1   . VAL A 1 64  ? 2.935   5.210   -7.260  1.00 17.65 ? 64  VAL A CG1   1 
ATOM   463  C CG2   . VAL A 1 64  ? 3.469   7.478   -6.337  1.00 18.32 ? 64  VAL A CG2   1 
ATOM   464  N N     . VAL A 1 65  ? 5.888   8.612   -8.432  1.00 22.32 ? 65  VAL A N     1 
ATOM   465  C CA    . VAL A 1 65  ? 6.289   9.978   -8.634  1.00 24.73 ? 65  VAL A CA    1 
ATOM   466  C C     . VAL A 1 65  ? 6.366   10.257  -10.150 1.00 25.05 ? 65  VAL A C     1 
ATOM   467  O O     . VAL A 1 65  ? 6.903   9.454   -10.912 1.00 23.67 ? 65  VAL A O     1 
ATOM   468  C CB    . VAL A 1 65  ? 7.615   10.250  -7.893  1.00 26.43 ? 65  VAL A CB    1 
ATOM   469  C CG1   . VAL A 1 65  ? 8.262   11.461  -8.429  1.00 30.13 ? 65  VAL A CG1   1 
ATOM   470  C CG2   . VAL A 1 65  ? 7.353   10.495  -6.414  1.00 28.78 ? 65  VAL A CG2   1 
ATOM   471  N N     . GLY A 1 66  ? 5.757   11.364  -10.568 1.00 27.22 ? 66  GLY A N     1 
ATOM   472  C CA    . GLY A 1 66  ? 5.719   11.751  -11.978 1.00 28.60 ? 66  GLY A CA    1 
ATOM   473  C C     . GLY A 1 66  ? 4.657   11.072  -12.822 1.00 31.75 ? 66  GLY A C     1 
ATOM   474  O O     . GLY A 1 66  ? 4.614   11.312  -14.031 1.00 35.74 ? 66  GLY A O     1 
ATOM   475  N N     . LYS A 1 67  ? 3.805   10.236  -12.212 1.00 29.52 ? 67  LYS A N     1 
ATOM   476  C CA    . LYS A 1 67  ? 2.714   9.545   -12.917 1.00 31.23 ? 67  LYS A CA    1 
ATOM   477  C C     . LYS A 1 67  ? 1.404   10.229  -12.574 1.00 31.40 ? 67  LYS A C     1 
ATOM   478  O O     . LYS A 1 67  ? 1.343   10.980  -11.589 1.00 33.01 ? 67  LYS A O     1 
ATOM   479  C CB    . LYS A 1 67  ? 2.696   8.047   -12.564 1.00 33.17 ? 67  LYS A CB    1 
ATOM   480  C CG    . LYS A 1 67  ? 3.840   7.298   -13.248 1.00 35.62 ? 67  LYS A CG    1 
ATOM   481  C CD    . LYS A 1 67  ? 4.024   5.842   -12.851 1.00 38.80 ? 67  LYS A CD    1 
ATOM   482  C CE    . LYS A 1 67  ? 5.266   5.254   -13.536 1.00 43.48 ? 67  LYS A CE    1 
ATOM   483  N NZ    . LYS A 1 67  ? 6.036   4.245   -12.734 1.00 47.41 ? 67  LYS A NZ    1 
ATOM   484  N N     . GLN A 1 68  ? 0.380   9.993   -13.400 1.00 30.87 ? 68  GLN A N     1 
ATOM   485  C CA    . GLN A 1 68  ? -0.922  10.668  -13.306 1.00 34.06 ? 68  GLN A CA    1 
ATOM   486  C C     . GLN A 1 68  ? -2.054  9.671   -13.047 1.00 31.09 ? 68  GLN A C     1 
ATOM   487  O O     . GLN A 1 68  ? -2.047  8.563   -13.579 1.00 31.47 ? 68  GLN A O     1 
ATOM   488  C CB    . GLN A 1 68  ? -1.220  11.437  -14.609 1.00 37.64 ? 68  GLN A CB    1 
ATOM   489  C CG    . GLN A 1 68  ? -0.441  12.745  -14.760 1.00 43.54 ? 68  GLN A CG    1 
ATOM   490  C CD    . GLN A 1 68  ? -0.820  13.520  -16.020 1.00 50.68 ? 68  GLN A CD    1 
ATOM   491  O OE1   . GLN A 1 68  ? -1.853  13.253  -16.647 1.00 54.72 ? 68  GLN A OE1   1 
ATOM   492  N NE2   . GLN A 1 68  ? 0.017   14.489  -16.395 1.00 54.48 ? 68  GLN A NE2   1 
ATOM   493  N N     . GLY A 1 69  ? -3.036  10.081  -12.247 1.00 26.54 ? 69  GLY A N     1 
ATOM   494  C CA    . GLY A 1 69  ? -4.188  9.257   -11.946 1.00 24.52 ? 69  GLY A CA    1 
ATOM   495  C C     . GLY A 1 69  ? -3.858  8.317   -10.797 1.00 22.13 ? 69  GLY A C     1 
ATOM   496  O O     . GLY A 1 69  ? -2.728  8.297   -10.318 1.00 21.93 ? 69  GLY A O     1 
ATOM   497  N N     . VAL A 1 70  ? -4.860  7.575   -10.339 1.00 19.54 ? 70  VAL A N     1 
ATOM   498  C CA    . VAL A 1 70  ? -4.681  6.659   -9.241  1.00 19.24 ? 70  VAL A CA    1 
ATOM   499  C C     . VAL A 1 70  ? -3.806  5.503   -9.687  1.00 18.30 ? 70  VAL A C     1 
ATOM   500  O O     . VAL A 1 70  ? -4.169  4.770   -10.587 1.00 20.30 ? 70  VAL A O     1 
ATOM   501  C CB    . VAL A 1 70  ? -6.018  6.140   -8.659  1.00 20.08 ? 70  VAL A CB    1 
ATOM   502  C CG1   . VAL A 1 70  ? -5.746  5.210   -7.489  1.00 21.08 ? 70  VAL A CG1   1 
ATOM   503  C CG2   . VAL A 1 70  ? -6.908  7.289   -8.205  1.00 19.49 ? 70  VAL A CG2   1 
ATOM   504  N N     . GLN A 1 71  ? -2.670  5.350   -9.009  1.00 16.38 ? 71  GLN A N     1 
ATOM   505  C CA    . GLN A 1 71  ? -1.635  4.400   -9.336  1.00 16.63 ? 71  GLN A CA    1 
ATOM   506  C C     . GLN A 1 71  ? -1.521  3.256   -8.345  1.00 14.59 ? 71  GLN A C     1 
ATOM   507  O O     . GLN A 1 71  ? -0.934  2.245   -8.672  1.00 12.86 ? 71  GLN A O     1 
ATOM   508  C CB    . GLN A 1 71  ? -0.253  5.076   -9.346  1.00 18.60 ? 71  GLN A CB    1 
ATOM   509  C CG    . GLN A 1 71  ? -0.115  6.149   -10.391 1.00 21.76 ? 71  GLN A CG    1 
ATOM   510  C CD    . GLN A 1 71  ? -0.036  5.588   -11.774 1.00 24.38 ? 71  GLN A CD    1 
ATOM   511  O OE1   . GLN A 1 71  ? 0.639   4.573   -12.018 1.00 25.54 ? 71  GLN A OE1   1 
ATOM   512  N NE2   . GLN A 1 71  ? -0.699  6.244   -12.707 1.00 27.02 ? 71  GLN A NE2   1 
ATOM   513  N N     . SER A 1 72  ? -2.011  3.448   -7.138  1.00 14.11 ? 72  SER A N     1 
ATOM   514  C CA    . SER A 1 72  ? -1.787  2.487   -6.078  1.00 14.21 ? 72  SER A CA    1 
ATOM   515  C C     . SER A 1 72  ? -2.858  2.552   -5.019  1.00 13.48 ? 72  SER A C     1 
ATOM   516  O O     . SER A 1 72  ? -3.459  3.602   -4.783  1.00 14.70 ? 72  SER A O     1 
ATOM   517  C CB    . SER A 1 72  ? -0.418  2.728   -5.460  1.00 15.43 ? 72  SER A CB    1 
ATOM   518  O OG    . SER A 1 72  ? -0.344  4.057   -4.925  1.00 18.76 ? 72  SER A OG    1 
ATOM   519  N N     . LEU A 1 73  ? -3.084  1.403   -4.371  1.00 13.49 ? 73  LEU A N     1 
ATOM   520  C CA    . LEU A 1 73  ? -4.125  1.264   -3.361  1.00 13.06 ? 73  LEU A CA    1 
ATOM   521  C C     . LEU A 1 73  ? -3.487  0.497   -2.190  1.00 12.81 ? 73  LEU A C     1 
ATOM   522  O O     . LEU A 1 73  ? -2.868  -0.530  -2.412  1.00 13.10 ? 73  LEU A O     1 
ATOM   523  C CB    . LEU A 1 73  ? -5.328  0.510   -3.921  1.00 14.17 ? 73  LEU A CB    1 
ATOM   524  C CG    . LEU A 1 73  ? -6.452  0.228   -2.942  1.00 14.76 ? 73  LEU A CG    1 
ATOM   525  C CD1   . LEU A 1 73  ? -7.022  1.498   -2.317  1.00 15.64 ? 73  LEU A CD1   1 
ATOM   526  C CD2   . LEU A 1 73  ? -7.549  -0.572  -3.625  1.00 16.05 ? 73  LEU A CD2   1 
ATOM   527  N N     . ILE A 1 74  ? -3.608  1.025   -0.972  1.00 11.64 ? 74  ILE A N     1 
ATOM   528  C CA    . ILE A 1 74  ? -3.104  0.356   0.220   1.00 12.85 ? 74  ILE A CA    1 
ATOM   529  C C     . ILE A 1 74  ? -4.309  0.096   1.086   1.00 13.00 ? 74  ILE A C     1 
ATOM   530  O O     . ILE A 1 74  ? -5.071  1.027   1.373   1.00 13.07 ? 74  ILE A O     1 
ATOM   531  C CB    . ILE A 1 74  ? -2.106  1.232   1.005   1.00 14.23 ? 74  ILE A CB    1 
ATOM   532  C CG1   . ILE A 1 74  ? -0.918  1.585   0.108   1.00 15.90 ? 74  ILE A CG1   1 
ATOM   533  C CG2   . ILE A 1 74  ? -1.692  0.565   2.325   1.00 15.49 ? 74  ILE A CG2   1 
ATOM   534  C CD1   . ILE A 1 74  ? -0.041  2.654   0.664   1.00 16.70 ? 74  ILE A CD1   1 
ATOM   535  N N     . LEU A 1 75  ? -4.504  -1.151  1.480   1.00 12.57 ? 75  LEU A N     1 
ATOM   536  C CA    . LEU A 1 75  ? -5.610  -1.524  2.354   1.00 13.50 ? 75  LEU A CA    1 
ATOM   537  C C     . LEU A 1 75  ? -5.088  -1.729  3.760   1.00 13.92 ? 75  LEU A C     1 
ATOM   538  O O     . LEU A 1 75  ? -4.053  -2.374  3.951   1.00 12.72 ? 75  LEU A O     1 
ATOM   539  C CB    . LEU A 1 75  ? -6.267  -2.802  1.849   1.00 14.05 ? 75  LEU A CB    1 
ATOM   540  C CG    . LEU A 1 75  ? -6.910  -2.792  0.462   1.00 15.09 ? 75  LEU A CG    1 
ATOM   541  C CD1   . LEU A 1 75  ? -7.521  -4.150  0.176   1.00 16.81 ? 75  LEU A CD1   1 
ATOM   542  C CD2   . LEU A 1 75  ? -7.961  -1.698  0.372   1.00 15.63 ? 75  LEU A CD2   1 
ATOM   543  N N     . ALA A 1 76  ? -5.812  -1.169  4.721   1.00 14.02 ? 76  ALA A N     1 
ATOM   544  C CA    . ALA A 1 76  ? -5.507  -1.278  6.156   1.00 15.18 ? 76  ALA A CA    1 
ATOM   545  C C     . ALA A 1 76  ? -6.764  -1.685  6.943   1.00 14.67 ? 76  ALA A C     1 
ATOM   546  O O     . ALA A 1 76  ? -7.875  -1.413  6.519   1.00 15.28 ? 76  ALA A O     1 
ATOM   547  C CB    . ALA A 1 76  ? -5.011  0.054   6.657   1.00 15.31 ? 76  ALA A CB    1 
ATOM   548  N N     . PRO A 1 77  ? -6.590  -2.297  8.115   1.00 14.67 ? 77  PRO A N     1 
ATOM   549  C CA    . PRO A 1 77  ? -7.773  -2.762  8.866   1.00 14.66 ? 77  PRO A CA    1 
ATOM   550  C C     . PRO A 1 77  ? -8.571  -1.727  9.601   1.00 15.59 ? 77  PRO A C     1 
ATOM   551  O O     . PRO A 1 77  ? -9.751  -1.988  9.916   1.00 16.86 ? 77  PRO A O     1 
ATOM   552  C CB    . PRO A 1 77  ? -7.187  -3.764  9.858   1.00 14.58 ? 77  PRO A CB    1 
ATOM   553  C CG    . PRO A 1 77  ? -5.765  -3.425  10.003  1.00 14.85 ? 77  PRO A CG    1 
ATOM   554  C CD    . PRO A 1 77  ? -5.342  -2.860  8.665   1.00 15.86 ? 77  PRO A CD    1 
ATOM   555  N N     . THR A 1 78  ? -7.943  -0.626  9.959   1.00 14.67 ? 78  THR A N     1 
ATOM   556  C CA    . THR A 1 78  ? -8.554  0.402   10.785  1.00 15.78 ? 78  THR A CA    1 
ATOM   557  C C     . THR A 1 78  ? -8.259  1.789   10.252  1.00 17.03 ? 78  THR A C     1 
ATOM   558  O O     . THR A 1 78  ? -7.225  2.037   9.623   1.00 17.23 ? 78  THR A O     1 
ATOM   559  C CB    . THR A 1 78  ? -8.018  0.381   12.257  1.00 16.56 ? 78  THR A CB    1 
ATOM   560  O OG1   . THR A 1 78  ? -6.618  0.688   12.301  1.00 16.59 ? 78  THR A OG1   1 
ATOM   561  C CG2   . THR A 1 78  ? -8.261  -0.959  12.961  1.00 17.09 ? 78  THR A CG2   1 
ATOM   562  N N     . ARG A 1 79  ? -9.175  2.701   10.527  1.00 18.07 ? 79  ARG A N     1 
ATOM   563  C CA    . ARG A 1 79  ? -8.991  4.123   10.272  1.00 21.65 ? 79  ARG A CA    1 
ATOM   564  C C     . ARG A 1 79  ? -7.687  4.611   10.902  1.00 20.25 ? 79  ARG A C     1 
ATOM   565  O O     . ARG A 1 79  ? -6.959  5.390   10.316  1.00 18.79 ? 79  ARG A O     1 
ATOM   566  C CB    . ARG A 1 79  ? -10.202 4.896   10.834  1.00 24.81 ? 79  ARG A CB    1 
ATOM   567  C CG    . ARG A 1 79  ? -9.916  6.223   11.504  1.00 34.55 ? 79  ARG A CG    1 
ATOM   568  C CD    . ARG A 1 79  ? -11.205 6.892   11.968  1.00 37.30 ? 79  ARG A CD    1 
ATOM   569  N NE    . ARG A 1 79  ? -11.792 6.197   13.121  1.00 43.41 ? 79  ARG A NE    1 
ATOM   570  C CZ    . ARG A 1 79  ? -11.355 6.277   14.386  1.00 46.47 ? 79  ARG A CZ    1 
ATOM   571  N NH1   . ARG A 1 79  ? -10.281 7.003   14.716  1.00 49.03 ? 79  ARG A NH1   1 
ATOM   572  N NH2   . ARG A 1 79  ? -11.982 5.592   15.339  1.00 50.31 ? 79  ARG A NH2   1 
ATOM   573  N N     . GLU A 1 80  ? -7.384  4.141   12.100  1.00 20.86 ? 80  GLU A N     1 
ATOM   574  C CA    . GLU A 1 80  ? -6.160  4.608   12.736  1.00 23.29 ? 80  GLU A CA    1 
ATOM   575  C C     . GLU A 1 80  ? -4.876  4.216   12.025  1.00 20.45 ? 80  GLU A C     1 
ATOM   576  O O     . GLU A 1 80  ? -3.966  5.051   11.848  1.00 19.53 ? 80  GLU A O     1 
ATOM   577  C CB    . GLU A 1 80  ? -6.068  4.129   14.160  1.00 28.23 ? 80  GLU A CB    1 
ATOM   578  C CG    . GLU A 1 80  ? -5.349  5.205   14.923  1.00 36.17 ? 80  GLU A CG    1 
ATOM   579  C CD    . GLU A 1 80  ? -6.180  6.481   15.135  1.00 41.08 ? 80  GLU A CD    1 
ATOM   580  O OE1   . GLU A 1 80  ? -5.577  7.573   15.326  1.00 45.89 ? 80  GLU A OE1   1 
ATOM   581  O OE2   . GLU A 1 80  ? -7.432  6.408   15.083  1.00 46.01 ? 80  GLU A OE2   1 
ATOM   582  N N     . LEU A 1 81  ? -4.797  2.958   11.611  1.00 17.83 ? 81  LEU A N     1 
ATOM   583  C CA    . LEU A 1 81  ? -3.644  2.539   10.835  1.00 18.38 ? 81  LEU A CA    1 
ATOM   584  C C     . LEU A 1 81  ? -3.589  3.206   9.462   1.00 16.65 ? 81  LEU A C     1 
ATOM   585  O O     . LEU A 1 81  ? -2.503  3.625   9.010   1.00 16.92 ? 81  LEU A O     1 
ATOM   586  C CB    . LEU A 1 81  ? -3.565  1.018   10.740  1.00 18.90 ? 81  LEU A CB    1 
ATOM   587  C CG    . LEU A 1 81  ? -2.271  0.456   10.155  1.00 20.34 ? 81  LEU A CG    1 
ATOM   588  C CD1   . LEU A 1 81  ? -1.015  0.965   10.858  1.00 21.21 ? 81  LEU A CD1   1 
ATOM   589  C CD2   . LEU A 1 81  ? -2.330  -1.049  10.136  1.00 22.01 ? 81  LEU A CD2   1 
ATOM   590  N N     . ALA A 1 82  ? -4.736  3.376   8.811   1.00 15.97 ? 82  ALA A N     1 
ATOM   591  C CA    . ALA A 1 82  ? -4.776  4.114   7.532   1.00 15.60 ? 82  ALA A CA    1 
ATOM   592  C C     . ALA A 1 82  ? -4.240  5.521   7.654   1.00 15.56 ? 82  ALA A C     1 
ATOM   593  O O     . ALA A 1 82  ? -3.471  5.946   6.817   1.00 13.86 ? 82  ALA A O     1 
ATOM   594  C CB    . ALA A 1 82  ? -6.180  4.134   6.963   1.00 15.92 ? 82  ALA A CB    1 
ATOM   595  N N     . MET A 1 83  ? -4.633  6.227   8.711   1.00 16.82 ? 83  MET A N     1 
ATOM   596  C CA    . MET A 1 83  ? -4.176  7.600   8.927   1.00 19.19 ? 83  MET A CA    1 
ATOM   597  C C     . MET A 1 83  ? -2.668  7.674   9.145   1.00 18.70 ? 83  MET A C     1 
ATOM   598  O O     . MET A 1 83  ? -1.970  8.509   8.549   1.00 18.51 ? 83  MET A O     1 
ATOM   599  C CB    . MET A 1 83  ? -4.923  8.233   10.086  1.00 22.76 ? 83  MET A CB    1 
ATOM   600  C CG    . MET A 1 83  ? -6.360  8.589   9.740   1.00 28.07 ? 83  MET A CG    1 
ATOM   601  S SD    . MET A 1 83  ? -7.222  9.373   11.139  1.00 39.24 ? 83  MET A SD    1 
ATOM   602  C CE    . MET A 1 83  ? -7.129  8.165   12.442  1.00 37.36 ? 83  MET A CE    1 
ATOM   603  N N     . GLN A 1 84  ? -2.167  6.761   9.952   1.00 18.05 ? 84  GLN A N     1 
ATOM   604  C CA    . GLN A 1 84  ? -0.742  6.704   10.254  1.00 19.00 ? 84  GLN A CA    1 
ATOM   605  C C     . GLN A 1 84  ? 0.096   6.395   8.990   1.00 17.35 ? 84  GLN A C     1 
ATOM   606  O O     . GLN A 1 84  ? 1.157   6.979   8.766   1.00 17.24 ? 84  GLN A O     1 
ATOM   607  C CB    . GLN A 1 84  ? -0.514  5.634   11.312  1.00 22.35 ? 84  GLN A CB    1 
ATOM   608  C CG    . GLN A 1 84  ? 0.932   5.373   11.692  1.00 25.45 ? 84  GLN A CG    1 
ATOM   609  C CD    . GLN A 1 84  ? 1.026   4.329   12.780  1.00 30.99 ? 84  GLN A CD    1 
ATOM   610  O OE1   . GLN A 1 84  ? 1.333   3.170   12.516  1.00 36.10 ? 84  GLN A OE1   1 
ATOM   611  N NE2   . GLN A 1 84  ? 0.687   4.723   14.004  1.00 32.45 ? 84  GLN A NE2   1 
ATOM   612  N N     . VAL A 1 85  ? -0.379  5.460   8.193   1.00 15.65 ? 85  VAL A N     1 
ATOM   613  C CA    . VAL A 1 85  ? 0.308   5.116   6.949   1.00 15.16 ? 85  VAL A CA    1 
ATOM   614  C C     . VAL A 1 85  ? 0.296   6.306   5.999   1.00 14.24 ? 85  VAL A C     1 
ATOM   615  O O     . VAL A 1 85  ? 1.323   6.629   5.405   1.00 13.99 ? 85  VAL A O     1 
ATOM   616  C CB    . VAL A 1 85  ? -0.320  3.873   6.289   1.00 14.77 ? 85  VAL A CB    1 
ATOM   617  C CG1   . VAL A 1 85  ? 0.168   3.671   4.868   1.00 14.58 ? 85  VAL A CG1   1 
ATOM   618  C CG2   . VAL A 1 85  ? -0.031  2.644   7.150   1.00 15.98 ? 85  VAL A CG2   1 
ATOM   619  N N     . ALA A 1 86  ? -0.867  6.928   5.823   1.00 14.30 ? 86  ALA A N     1 
ATOM   620  C CA    . ALA A 1 86  ? -0.962  8.101   4.951   1.00 15.58 ? 86  ALA A CA    1 
ATOM   621  C C     . ALA A 1 86  ? -0.010  9.205   5.400   1.00 16.80 ? 86  ALA A C     1 
ATOM   622  O O     . ALA A 1 86  ? 0.664   9.805   4.560   1.00 16.59 ? 86  ALA A O     1 
ATOM   623  C CB    . ALA A 1 86  ? -2.368  8.640   4.913   1.00 16.06 ? 86  ALA A CB    1 
ATOM   624  N N     . GLU A 1 87  ? 0.036   9.493   6.705   1.00 17.97 ? 87  GLU A N     1 
ATOM   625  C CA    . GLU A 1 87  ? 0.961   10.511  7.225   1.00 21.15 ? 87  GLU A CA    1 
ATOM   626  C C     . GLU A 1 87  ? 2.410   10.216  6.855   1.00 19.18 ? 87  GLU A C     1 
ATOM   627  O O     . GLU A 1 87  ? 3.143   11.123  6.421   1.00 18.00 ? 87  GLU A O     1 
ATOM   628  C CB    . GLU A 1 87  ? 0.860   10.666  8.744   1.00 27.33 ? 87  GLU A CB    1 
ATOM   629  C CG    . GLU A 1 87  ? 1.655   11.872  9.285   1.00 33.82 ? 87  GLU A CG    1 
ATOM   630  C CD    . GLU A 1 87  ? 2.076   11.764  10.751  1.00 43.87 ? 87  GLU A CD    1 
ATOM   631  O OE1   . GLU A 1 87  ? 2.378   12.829  11.349  1.00 51.75 ? 87  GLU A OE1   1 
ATOM   632  O OE2   . GLU A 1 87  ? 2.119   10.639  11.317  1.00 47.95 ? 87  GLU A OE2   1 
ATOM   633  N N     . GLN A 1 88  ? 2.833   8.966   7.043   1.00 17.58 ? 88  GLN A N     1 
ATOM   634  C CA    . GLN A 1 88  ? 4.208   8.567   6.716   1.00 16.90 ? 88  GLN A CA    1 
ATOM   635  C C     . GLN A 1 88  ? 4.516   8.739   5.217   1.00 14.91 ? 88  GLN A C     1 
ATOM   636  O O     . GLN A 1 88  ? 5.580   9.275   4.809   1.00 14.06 ? 88  GLN A O     1 
ATOM   637  C CB    . GLN A 1 88  ? 4.479   7.119   7.098   1.00 19.61 ? 88  GLN A CB    1 
ATOM   638  C CG    . GLN A 1 88  ? 4.636   6.794   8.565   1.00 24.00 ? 88  GLN A CG    1 
ATOM   639  C CD    . GLN A 1 88  ? 6.063   6.327   8.901   1.00 28.46 ? 88  GLN A CD    1 
ATOM   640  O OE1   . GLN A 1 88  ? 6.477   5.128   8.713   1.00 27.66 ? 88  GLN A OE1   1 
ATOM   641  N NE2   . GLN A 1 88  ? 6.833   7.267   9.411   1.00 27.00 ? 88  GLN A NE2   1 
ATOM   642  N N     . LEU A 1 89  ? 3.607   8.269   4.378   1.00 14.53 ? 89  LEU A N     1 
ATOM   643  C CA    . LEU A 1 89  ? 3.760   8.402   2.904   1.00 15.55 ? 89  LEU A CA    1 
ATOM   644  C C     . LEU A 1 89  ? 3.852   9.854   2.441   1.00 15.93 ? 89  LEU A C     1 
ATOM   645  O O     . LEU A 1 89  ? 4.633   10.176  1.526   1.00 14.64 ? 89  LEU A O     1 
ATOM   646  C CB    . LEU A 1 89  ? 2.625   7.708   2.158   1.00 16.58 ? 89  LEU A CB    1 
ATOM   647  C CG    . LEU A 1 89  ? 2.523   6.201   2.296   1.00 17.95 ? 89  LEU A CG    1 
ATOM   648  C CD1   . LEU A 1 89  ? 1.212   5.754   1.703   1.00 18.44 ? 89  LEU A CD1   1 
ATOM   649  C CD2   . LEU A 1 89  ? 3.659   5.474   1.615   1.00 18.39 ? 89  LEU A CD2   1 
ATOM   650  N N     . ARG A 1 90  ? 3.093   10.749  3.082   1.00 15.25 ? 90  ARG A N     1 
ATOM   651  C CA    . ARG A 1 90  ? 3.178   12.169  2.748   1.00 17.33 ? 90  ARG A CA    1 
ATOM   652  C C     . ARG A 1 90  ? 4.534   12.719  3.168   1.00 19.07 ? 90  ARG A C     1 
ATOM   653  O O     . ARG A 1 90  ? 5.078   13.571  2.467   1.00 20.88 ? 90  ARG A O     1 
ATOM   654  C CB    . ARG A 1 90  ? 2.090   12.974  3.434   1.00 17.51 ? 90  ARG A CB    1 
ATOM   655  C CG    . ARG A 1 90  ? 0.722   12.701  2.888   1.00 18.45 ? 90  ARG A CG    1 
ATOM   656  C CD    . ARG A 1 90  ? -0.316  13.567  3.545   1.00 19.37 ? 90  ARG A CD    1 
ATOM   657  N NE    . ARG A 1 90  ? -1.632  13.095  3.125   1.00 21.07 ? 90  ARG A NE    1 
ATOM   658  C CZ    . ARG A 1 90  ? -2.584  12.607  3.925   1.00 22.72 ? 90  ARG A CZ    1 
ATOM   659  N NH1   . ARG A 1 90  ? -2.445  12.528  5.244   1.00 22.42 ? 90  ARG A NH1   1 
ATOM   660  N NH2   . ARG A 1 90  ? -3.714  12.195  3.380   1.00 23.48 ? 90  ARG A NH2   1 
ATOM   661  N N     . GLU A 1 91  ? 5.078   12.235  4.296   1.00 19.29 ? 91  GLU A N     1 
ATOM   662  C CA    . GLU A 1 91  ? 6.427   12.642  4.722   1.00 21.00 ? 91  GLU A CA    1 
ATOM   663  C C     . GLU A 1 91  ? 7.525   12.097  3.803   1.00 19.97 ? 91  GLU A C     1 
ATOM   664  O O     . GLU A 1 91  ? 8.500   12.812  3.510   1.00 20.60 ? 91  GLU A O     1 
ATOM   665  C CB    . GLU A 1 91  ? 6.699   12.259  6.182   1.00 23.74 ? 91  GLU A CB    1 
ATOM   666  C CG    . GLU A 1 91  ? 6.022   13.209  7.153   1.00 30.31 ? 91  GLU A CG    1 
ATOM   667  C CD    . GLU A 1 91  ? 6.208   12.857  8.616   1.00 38.77 ? 91  GLU A CD    1 
ATOM   668  O OE1   . GLU A 1 91  ? 7.075   12.016  8.952   1.00 46.75 ? 91  GLU A OE1   1 
ATOM   669  O OE2   . GLU A 1 91  ? 5.475   13.449  9.438   1.00 44.96 ? 91  GLU A OE2   1 
ATOM   670  N N     . PHE A 1 92  ? 7.385   10.844  3.359   1.00 16.36 ? 92  PHE A N     1 
ATOM   671  C CA    . PHE A 1 92  ? 8.344   10.287  2.431   1.00 16.61 ? 92  PHE A CA    1 
ATOM   672  C C     . PHE A 1 92  ? 8.427   11.075  1.121   1.00 16.65 ? 92  PHE A C     1 
ATOM   673  O O     . PHE A 1 92  ? 9.495   11.203  0.521   1.00 16.99 ? 92  PHE A O     1 
ATOM   674  C CB    . PHE A 1 92  ? 8.024   8.823   2.047   1.00 16.10 ? 92  PHE A CB    1 
ATOM   675  C CG    . PHE A 1 92  ? 7.996   7.832   3.191   1.00 16.29 ? 92  PHE A CG    1 
ATOM   676  C CD1   . PHE A 1 92  ? 8.672   8.031   4.366   1.00 16.47 ? 92  PHE A CD1   1 
ATOM   677  C CD2   . PHE A 1 92  ? 7.299   6.628   3.030   1.00 16.13 ? 92  PHE A CD2   1 
ATOM   678  C CE1   . PHE A 1 92  ? 8.617   7.081   5.391   1.00 17.28 ? 92  PHE A CE1   1 
ATOM   679  C CE2   . PHE A 1 92  ? 7.224   5.687   4.050   1.00 16.47 ? 92  PHE A CE2   1 
ATOM   680  C CZ    . PHE A 1 92  ? 7.888   5.925   5.238   1.00 16.06 ? 92  PHE A CZ    1 
ATOM   681  N N     . SER A 1 93  ? 7.282   11.480  0.635   1.00 15.49 ? 93  SER A N     1 
ATOM   682  C CA    . SER A 1 93  ? 7.147   12.140  -0.643  1.00 16.68 ? 93  SER A CA    1 
ATOM   683  C C     . SER A 1 93  ? 7.095   13.671  -0.647  1.00 17.03 ? 93  SER A C     1 
ATOM   684  O O     . SER A 1 93  ? 6.758   14.251  -1.603  1.00 16.89 ? 93  SER A O     1 
ATOM   685  C CB    . SER A 1 93  ? 5.896   11.620  -1.307  1.00 16.71 ? 93  SER A CB    1 
ATOM   686  O OG    . SER A 1 93  ? 4.760   11.938  -0.589  1.00 17.93 ? 93  SER A OG    1 
ATOM   687  N N     . ARG A 1 94  ? 7.434   14.248  0.466   1.00 19.29 ? 94  ARG A N     1 
ATOM   688  C CA    . ARG A 1 94  ? 7.460   15.669  0.663   1.00 22.71 ? 94  ARG A CA    1 
ATOM   689  C C     . ARG A 1 94  ? 8.040   16.421  -0.559  1.00 20.34 ? 94  ARG A C     1 
ATOM   690  O O     . ARG A 1 94  ? 9.107   16.142  -0.966  1.00 19.92 ? 94  ARG A O     1 
ATOM   691  C CB    . ARG A 1 94  ? 8.460   15.886  1.796   1.00 28.93 ? 94  ARG A CB    1 
ATOM   692  C CG    . ARG A 1 94  ? 8.215   16.839  2.908   1.00 36.56 ? 94  ARG A CG    1 
ATOM   693  C CD    . ARG A 1 94  ? 9.467   16.896  3.804   1.00 39.07 ? 94  ARG A CD    1 
ATOM   694  N NE    . ARG A 1 94  ? 10.692  16.838  3.004   1.00 44.06 ? 94  ARG A NE    1 
ATOM   695  C CZ    . ARG A 1 94  ? 11.930  17.143  3.363   1.00 49.33 ? 94  ARG A CZ    1 
ATOM   696  N NH1   . ARG A 1 94  ? 12.880  17.021  2.458   1.00 48.79 ? 94  ARG A NH1   1 
ATOM   697  N NH2   . ARG A 1 94  ? 12.240  17.543  4.591   1.00 50.09 ? 94  ARG A NH2   1 
ATOM   698  N N     . GLY A 1 95  ? 7.306   17.373  -1.098  1.00 19.92 ? 95  GLY A N     1 
ATOM   699  C CA    . GLY A 1 95  ? 7.761   18.181  -2.206  1.00 19.88 ? 95  GLY A CA    1 
ATOM   700  C C     . GLY A 1 95  ? 7.930   17.612  -3.595  1.00 19.34 ? 95  GLY A C     1 
ATOM   701  O O     . GLY A 1 95  ? 8.513   18.247  -4.444  1.00 19.38 ? 95  GLY A O     1 
ATOM   702  N N     . GLN A 1 96  ? 7.409   16.417  -3.813  1.00 17.39 ? 96  GLN A N     1 
ATOM   703  C CA    . GLN A 1 96  ? 7.549   15.720  -5.096  1.00 18.04 ? 96  GLN A CA    1 
ATOM   704  C C     . GLN A 1 96  ? 6.231   15.609  -5.886  1.00 17.39 ? 96  GLN A C     1 
ATOM   705  O O     . GLN A 1 96  ? 6.188   14.886  -6.862  1.00 19.21 ? 96  GLN A O     1 
ATOM   706  C CB    . GLN A 1 96  ? 8.108   14.327  -4.856  1.00 18.37 ? 96  GLN A CB    1 
ATOM   707  C CG    . GLN A 1 96  ? 9.531   14.366  -4.269  1.00 19.28 ? 96  GLN A CG    1 
ATOM   708  C CD    . GLN A 1 96  ? 10.224  13.016  -4.397  1.00 21.82 ? 96  GLN A CD    1 
ATOM   709  O OE1   . GLN A 1 96  ? 10.360  12.488  -5.505  1.00 26.57 ? 96  GLN A OE1   1 
ATOM   710  N NE2   . GLN A 1 96  ? 10.660  12.449  -3.274  1.00 20.77 ? 96  GLN A NE2   1 
ATOM   711  N N     . GLY A 1 97  ? 5.168   16.251  -5.418  1.00 17.41 ? 97  GLY A N     1 
ATOM   712  C CA    . GLY A 1 97  ? 3.917   16.325  -6.163  1.00 17.22 ? 97  GLY A CA    1 
ATOM   713  C C     . GLY A 1 97  ? 3.069   15.057  -6.109  1.00 17.36 ? 97  GLY A C     1 
ATOM   714  O O     . GLY A 1 97  ? 2.298   14.768  -7.034  1.00 18.54 ? 97  GLY A O     1 
ATOM   715  N N     . VAL A 1 98  ? 3.217   14.306  -5.029  1.00 15.62 ? 98  VAL A N     1 
ATOM   716  C CA    . VAL A 1 98  ? 2.462   13.069  -4.816  1.00 17.33 ? 98  VAL A CA    1 
ATOM   717  C C     . VAL A 1 98  ? 1.298   13.336  -3.895  1.00 16.52 ? 98  VAL A C     1 
ATOM   718  O O     . VAL A 1 98  ? 1.493   13.884  -2.814  1.00 18.75 ? 98  VAL A O     1 
ATOM   719  C CB    . VAL A 1 98  ? 3.351   11.969  -4.191  1.00 17.29 ? 98  VAL A CB    1 
ATOM   720  C CG1   . VAL A 1 98  ? 2.516   10.736  -3.834  1.00 17.52 ? 98  VAL A CG1   1 
ATOM   721  C CG2   . VAL A 1 98  ? 4.456   11.600  -5.162  1.00 17.62 ? 98  VAL A CG2   1 
ATOM   722  N N     . GLN A 1 99  ? 0.074   12.993  -4.321  1.00 15.77 ? 99  GLN A N     1 
ATOM   723  C CA    . GLN A 1 99  ? -1.087  13.152  -3.474  1.00 17.04 ? 99  GLN A CA    1 
ATOM   724  C C     . GLN A 1 99  ? -1.405  11.807  -2.828  1.00 15.49 ? 99  GLN A C     1 
ATOM   725  O O     . GLN A 1 99  ? -1.371  10.766  -3.505  1.00 14.62 ? 99  GLN A O     1 
ATOM   726  C CB    . GLN A 1 99  ? -2.290  13.588  -4.327  1.00 20.92 ? 99  GLN A CB    1 
ATOM   727  C CG    . GLN A 1 99  ? -3.475  14.097  -3.504  1.00 25.14 ? 99  GLN A CG    1 
ATOM   728  C CD    . GLN A 1 99  ? -4.716  14.438  -4.338  1.00 27.74 ? 99  GLN A CD    1 
ATOM   729  O OE1   . GLN A 1 99  ? -5.828  14.592  -3.779  1.00 34.72 ? 99  GLN A OE1   1 
ATOM   730  N NE2   . GLN A 1 99  ? -4.559  14.540  -5.677  1.00 27.58 ? 99  GLN A NE2   1 
ATOM   731  N N     . VAL A 1 100 ? -1.707  11.827  -1.547  1.00 16.47 ? 100 VAL A N     1 
ATOM   732  C CA    . VAL A 1 100 ? -2.201  10.662  -0.822  1.00 16.69 ? 100 VAL A CA    1 
ATOM   733  C C     . VAL A 1 100 ? -3.587  10.976  -0.267  1.00 17.32 ? 100 VAL A C     1 
ATOM   734  O O     . VAL A 1 100 ? -3.754  11.968  0.451   1.00 17.48 ? 100 VAL A O     1 
ATOM   735  C CB    . VAL A 1 100 ? -1.270  10.268  0.339   1.00 16.77 ? 100 VAL A CB    1 
ATOM   736  C CG1   . VAL A 1 100 ? -1.754  8.984   0.976   1.00 18.87 ? 100 VAL A CG1   1 
ATOM   737  C CG2   . VAL A 1 100 ? 0.196   10.167  -0.123  1.00 17.29 ? 100 VAL A CG2   1 
ATOM   738  N N     . VAL A 1 101 ? -4.558  10.130  -0.558  1.00 16.75 ? 101 VAL A N     1 
ATOM   739  C CA    . VAL A 1 101 ? -5.947  10.336  -0.102  1.00 17.71 ? 101 VAL A CA    1 
ATOM   740  C C     . VAL A 1 101 ? -6.323  9.137   0.755   1.00 18.24 ? 101 VAL A C     1 
ATOM   741  O O     . VAL A 1 101 ? -6.013  7.994   0.383   1.00 16.40 ? 101 VAL A O     1 
ATOM   742  C CB    . VAL A 1 101 ? -6.873  10.500  -1.300  1.00 19.61 ? 101 VAL A CB    1 
ATOM   743  C CG1   . VAL A 1 101 ? -8.350  10.374  -0.911  1.00 19.50 ? 101 VAL A CG1   1 
ATOM   744  C CG2   . VAL A 1 101 ? -6.600  11.837  -1.986  1.00 20.60 ? 101 VAL A CG2   1 
ATOM   745  N N     . THR A 1 102 ? -6.969  9.403   1.892   1.00 17.51 ? 102 THR A N     1 
ATOM   746  C CA    . THR A 1 102 ? -7.478  8.345   2.760   1.00 18.90 ? 102 THR A CA    1 
ATOM   747  C C     . THR A 1 102 ? -8.972  8.151   2.585   1.00 20.21 ? 102 THR A C     1 
ATOM   748  O O     . THR A 1 102 ? -9.716  9.123   2.428   1.00 19.71 ? 102 THR A O     1 
ATOM   749  C CB    . THR A 1 102 ? -7.222  8.629   4.231   1.00 21.84 ? 102 THR A CB    1 
ATOM   750  O OG1   . THR A 1 102 ? -7.787  9.904   4.575   1.00 23.51 ? 102 THR A OG1   1 
ATOM   751  C CG2   . THR A 1 102 ? -5.750  8.595   4.523   1.00 23.12 ? 102 THR A CG2   1 
ATOM   752  N N     . VAL A 1 103 ? -9.409  6.896   2.573   1.00 19.18 ? 103 VAL A N     1 
ATOM   753  C CA    . VAL A 1 103 ? -10.838 6.606   2.462   1.00 20.31 ? 103 VAL A CA    1 
ATOM   754  C C     . VAL A 1 103 ? -11.184 5.584   3.522   1.00 20.70 ? 103 VAL A C     1 
ATOM   755  O O     . VAL A 1 103 ? -10.825 4.422   3.423   1.00 21.72 ? 103 VAL A O     1 
ATOM   756  C CB    . VAL A 1 103 ? -11.299 6.185   1.045   1.00 21.63 ? 103 VAL A CB    1 
ATOM   757  C CG1   . VAL A 1 103 ? -10.973 7.284   0.043   1.00 22.13 ? 103 VAL A CG1   1 
ATOM   758  C CG2   . VAL A 1 103 ? -10.712 4.877   0.586   1.00 21.57 ? 103 VAL A CG2   1 
ATOM   759  N N     . PHE A 1 104 ? -11.885 6.034   4.547   1.00 21.11 ? 104 PHE A N     1 
ATOM   760  C CA    . PHE A 1 104 ? -12.430 5.123   5.555   1.00 22.39 ? 104 PHE A CA    1 
ATOM   761  C C     . PHE A 1 104 ? -13.797 5.625   5.972   1.00 23.37 ? 104 PHE A C     1 
ATOM   762  O O     . PHE A 1 104 ? -14.256 6.662   5.483   1.00 22.88 ? 104 PHE A O     1 
ATOM   763  C CB    . PHE A 1 104 ? -11.482 4.958   6.747   1.00 24.66 ? 104 PHE A CB    1 
ATOM   764  C CG    . PHE A 1 104 ? -10.790 6.215   7.163   1.00 27.23 ? 104 PHE A CG    1 
ATOM   765  C CD1   . PHE A 1 104 ? -11.477 7.220   7.819   1.00 30.42 ? 104 PHE A CD1   1 
ATOM   766  C CD2   . PHE A 1 104 ? -9.444  6.382   6.923   1.00 30.49 ? 104 PHE A CD2   1 
ATOM   767  C CE1   . PHE A 1 104 ? -10.824 8.383   8.231   1.00 32.95 ? 104 PHE A CE1   1 
ATOM   768  C CE2   . PHE A 1 104 ? -8.778  7.529   7.340   1.00 30.38 ? 104 PHE A CE2   1 
ATOM   769  C CZ    . PHE A 1 104 ? -9.473  8.534   7.991   1.00 30.52 ? 104 PHE A CZ    1 
ATOM   770  N N     . GLY A 1 105 ? -14.449 4.876   6.838   1.00 25.95 ? 105 GLY A N     1 
ATOM   771  C CA    . GLY A 1 105 ? -15.792 5.239   7.320   1.00 30.69 ? 105 GLY A CA    1 
ATOM   772  C C     . GLY A 1 105 ? -15.840 6.407   8.274   1.00 33.06 ? 105 GLY A C     1 
ATOM   773  O O     . GLY A 1 105 ? -14.810 6.918   8.703   1.00 30.78 ? 105 GLY A O     1 
ATOM   774  N N     . GLY A 1 106 ? -17.065 6.846   8.589   1.00 39.90 ? 106 GLY A N     1 
ATOM   775  C CA    . GLY A 1 106 ? -17.306 7.912   9.575   1.00 41.20 ? 106 GLY A CA    1 
ATOM   776  C C     . GLY A 1 106 ? -17.577 9.303   9.015   1.00 43.33 ? 106 GLY A C     1 
ATOM   777  O O     . GLY A 1 106 ? -18.061 10.168  9.745   1.00 45.84 ? 106 GLY A O     1 
ATOM   778  N N     . MET A 1 107 ? -17.233 9.532   7.749   1.00 41.29 ? 107 MET A N     1 
ATOM   779  C CA    . MET A 1 107 ? -17.532 10.775  7.050   1.00 44.42 ? 107 MET A CA    1 
ATOM   780  C C     . MET A 1 107 ? -18.486 10.442  5.911   1.00 38.17 ? 107 MET A C     1 
ATOM   781  O O     . MET A 1 107 ? -18.516 9.296   5.448   1.00 35.35 ? 107 MET A O     1 
ATOM   782  C CB    . MET A 1 107 ? -16.258 11.403  6.455   1.00 52.07 ? 107 MET A CB    1 
ATOM   783  C CG    . MET A 1 107 ? -15.084 11.588  7.413   1.00 59.69 ? 107 MET A CG    1 
ATOM   784  S SD    . MET A 1 107 ? -15.448 12.483  8.946   1.00 68.93 ? 107 MET A SD    1 
ATOM   785  C CE    . MET A 1 107 ? -16.232 13.973  8.320   1.00 67.60 ? 107 MET A CE    1 
ATOM   786  N N     . PRO A 1 108 ? -19.250 11.435  5.437   1.00 35.27 ? 108 PRO A N     1 
ATOM   787  C CA    . PRO A 1 108 ? -20.003 11.262  4.202   1.00 33.99 ? 108 PRO A CA    1 
ATOM   788  C C     . PRO A 1 108 ? -19.077 10.970  3.035   1.00 29.95 ? 108 PRO A C     1 
ATOM   789  O O     . PRO A 1 108 ? -18.023 11.580  2.912   1.00 32.50 ? 108 PRO A O     1 
ATOM   790  C CB    . PRO A 1 108 ? -20.658 12.636  4.006   1.00 33.53 ? 108 PRO A CB    1 
ATOM   791  C CG    . PRO A 1 108 ? -20.817 13.138  5.392   1.00 34.88 ? 108 PRO A CG    1 
ATOM   792  C CD    . PRO A 1 108 ? -19.518 12.760  6.025   1.00 35.03 ? 108 PRO A CD    1 
ATOM   793  N N     . ILE A 1 109 ? -19.505 10.079  2.165   1.00 29.51 ? 109 ILE A N     1 
ATOM   794  C CA    . ILE A 1 109 ? -18.650 9.629   1.070   1.00 28.12 ? 109 ILE A CA    1 
ATOM   795  C C     . ILE A 1 109 ? -18.355 10.741  0.031   1.00 27.71 ? 109 ILE A C     1 
ATOM   796  O O     . ILE A 1 109 ? -17.308 10.687  -0.610  1.00 20.44 ? 109 ILE A O     1 
ATOM   797  C CB    . ILE A 1 109 ? -19.228 8.344   0.444   1.00 29.05 ? 109 ILE A CB    1 
ATOM   798  C CG1   . ILE A 1 109 ? -18.148 7.580   -0.321  1.00 28.96 ? 109 ILE A CG1   1 
ATOM   799  C CG2   . ILE A 1 109 ? -20.462 8.653   -0.401  1.00 29.26 ? 109 ILE A CG2   1 
ATOM   800  C CD1   . ILE A 1 109 ? -18.621 6.229   -0.809  1.00 29.29 ? 109 ILE A CD1   1 
ATOM   801  N N     . GLU A 1 110 ? -19.233 11.766  -0.071  1.00 27.73 ? 110 GLU A N     1 
ATOM   802  C CA    . GLU A 1 110 ? -19.026 12.931  -0.982  1.00 29.83 ? 110 GLU A CA    1 
ATOM   803  C C     . GLU A 1 110 ? -17.645 13.617  -0.892  1.00 27.22 ? 110 GLU A C     1 
ATOM   804  O O     . GLU A 1 110 ? -17.039 13.890  -1.910  1.00 26.27 ? 110 GLU A O     1 
ATOM   805  C CB    . GLU A 1 110 ? -20.176 13.982  -0.906  1.00 35.28 ? 110 GLU A CB    1 
ATOM   806  C CG    . GLU A 1 110 ? -20.237 14.900  0.330   1.00 41.41 ? 110 GLU A CG    1 
ATOM   807  C CD    . GLU A 1 110 ? -21.389 15.948  0.318   1.00 46.51 ? 110 GLU A CD    1 
ATOM   808  O OE1   . GLU A 1 110 ? -21.361 16.890  1.152   1.00 46.31 ? 110 GLU A OE1   1 
ATOM   809  O OE2   . GLU A 1 110 ? -22.356 15.849  -0.485  1.00 44.88 ? 110 GLU A OE2   1 
ATOM   810  N N     . ARG A 1 111 ? -17.159 13.859  0.317   1.00 28.82 ? 111 ARG A N     1 
ATOM   811  C CA    . ARG A 1 111 ? -15.826 14.447  0.574   1.00 30.68 ? 111 ARG A CA    1 
ATOM   812  C C     . ARG A 1 111 ? -14.684 13.653  -0.093  1.00 25.93 ? 111 ARG A C     1 
ATOM   813  O O     . ARG A 1 111 ? -13.786 14.203  -0.745  1.00 22.01 ? 111 ARG A O     1 
ATOM   814  C CB    . ARG A 1 111 ? -15.619 14.507  2.098   1.00 36.06 ? 111 ARG A CB    1 
ATOM   815  C CG    . ARG A 1 111 ? -14.389 15.261  2.581   1.00 43.87 ? 111 ARG A CG    1 
ATOM   816  C CD    . ARG A 1 111 ? -14.447 15.551  4.086   1.00 51.13 ? 111 ARG A CD    1 
ATOM   817  N NE    . ARG A 1 111 ? -13.635 16.732  4.424   1.00 57.07 ? 111 ARG A NE    1 
ATOM   818  C CZ    . ARG A 1 111 ? -12.573 16.776  5.240   1.00 59.89 ? 111 ARG A CZ    1 
ATOM   819  N NH1   . ARG A 1 111 ? -12.128 15.704  5.900   1.00 59.54 ? 111 ARG A NH1   1 
ATOM   820  N NH2   . ARG A 1 111 ? -11.949 17.940  5.414   1.00 61.98 ? 111 ARG A NH2   1 
ATOM   821  N N     . GLN A 1 112 ? -14.736 12.342  0.088   1.00 22.76 ? 112 GLN A N     1 
ATOM   822  C CA    . GLN A 1 112 ? -13.773 11.431  -0.520  1.00 20.66 ? 112 GLN A CA    1 
ATOM   823  C C     . GLN A 1 112 ? -13.919 11.387  -2.044  1.00 20.79 ? 112 GLN A C     1 
ATOM   824  O O     . GLN A 1 112 ? -12.934 11.345  -2.775  1.00 18.90 ? 112 GLN A O     1 
ATOM   825  C CB    . GLN A 1 112 ? -13.929 10.039  0.094   1.00 20.12 ? 112 GLN A CB    1 
ATOM   826  C CG    . GLN A 1 112 ? -13.407 9.945   1.511   1.00 20.48 ? 112 GLN A CG    1 
ATOM   827  C CD    . GLN A 1 112 ? -13.957 8.759   2.270   1.00 20.31 ? 112 GLN A CD    1 
ATOM   828  O OE1   . GLN A 1 112 ? -14.622 7.895   1.703   1.00 21.24 ? 112 GLN A OE1   1 
ATOM   829  N NE2   . GLN A 1 112 ? -13.688 8.715   3.548   1.00 20.87 ? 112 GLN A NE2   1 
ATOM   830  N N     . ILE A 1 113 ? -15.152 11.438  -2.538  1.00 19.72 ? 113 ILE A N     1 
ATOM   831  C CA    . ILE A 1 113 ? -15.372 11.359  -3.962  1.00 21.12 ? 113 ILE A CA    1 
ATOM   832  C C     . ILE A 1 113 ? -14.676 12.524  -4.636  1.00 21.16 ? 113 ILE A C     1 
ATOM   833  O O     . ILE A 1 113 ? -14.061 12.345  -5.686  1.00 21.52 ? 113 ILE A O     1 
ATOM   834  C CB    . ILE A 1 113 ? -16.880 11.343  -4.329  1.00 21.36 ? 113 ILE A CB    1 
ATOM   835  C CG1   . ILE A 1 113 ? -17.500 10.039  -3.832  1.00 21.10 ? 113 ILE A CG1   1 
ATOM   836  C CG2   . ILE A 1 113 ? -17.053 11.446  -5.842  1.00 22.52 ? 113 ILE A CG2   1 
ATOM   837  C CD1   . ILE A 1 113 ? -19.013 9.926   -3.992  1.00 21.02 ? 113 ILE A CD1   1 
ATOM   838  N N     . LYS A 1 114 ? -14.763 13.695  -4.012  1.00 23.65 ? 114 LYS A N     1 
ATOM   839  C CA    . LYS A 1 114 ? -14.157 14.906  -4.545  1.00 27.08 ? 114 LYS A CA    1 
ATOM   840  C C     . LYS A 1 114 ? -12.638 14.807  -4.600  1.00 26.61 ? 114 LYS A C     1 
ATOM   841  O O     . LYS A 1 114 ? -12.034 15.205  -5.595  1.00 29.23 ? 114 LYS A O     1 
ATOM   842  C CB    . LYS A 1 114 ? -14.585 16.127  -3.724  1.00 30.34 ? 114 LYS A CB    1 
ATOM   843  C CG    . LYS A 1 114 ? -16.060 16.468  -3.884  1.00 35.51 ? 114 LYS A CG    1 
ATOM   844  C CD    . LYS A 1 114 ? -16.487 17.683  -3.079  1.00 39.31 ? 114 LYS A CD    1 
ATOM   845  C CE    . LYS A 1 114 ? -17.926 18.069  -3.428  1.00 41.73 ? 114 LYS A CE    1 
ATOM   846  N NZ    . LYS A 1 114 ? -18.358 19.334  -2.771  1.00 45.18 ? 114 LYS A NZ    1 
ATOM   847  N N     . ALA A 1 115 ? -12.039 14.258  -3.546  1.00 24.23 ? 115 ALA A N     1 
ATOM   848  C CA    . ALA A 1 115 ? -10.600 14.028  -3.501  1.00 22.52 ? 115 ALA A CA    1 
ATOM   849  C C     . ALA A 1 115 ? -10.163 13.038  -4.587  1.00 21.11 ? 115 ALA A C     1 
ATOM   850  O O     . ALA A 1 115 ? -9.157  13.251  -5.256  1.00 21.02 ? 115 ALA A O     1 
ATOM   851  C CB    . ALA A 1 115 ? -10.204 13.535  -2.102  1.00 23.08 ? 115 ALA A CB    1 
ATOM   852  N N     . LEU A 1 116 ? -10.929 11.967  -4.790  1.00 19.28 ? 116 LEU A N     1 
ATOM   853  C CA    . LEU A 1 116 ? -10.585 10.946  -5.789  1.00 20.34 ? 116 LEU A CA    1 
ATOM   854  C C     . LEU A 1 116 ? -10.678 11.425  -7.243  1.00 22.35 ? 116 LEU A C     1 
ATOM   855  O O     . LEU A 1 116 ? -9.929  10.946  -8.083  1.00 23.41 ? 116 LEU A O     1 
ATOM   856  C CB    . LEU A 1 116 ? -11.434 9.681   -5.611  1.00 20.03 ? 116 LEU A CB    1 
ATOM   857  C CG    . LEU A 1 116 ? -11.174 8.884   -4.337  1.00 20.52 ? 116 LEU A CG    1 
ATOM   858  C CD1   . LEU A 1 116 ? -12.233 7.818   -4.207  1.00 22.48 ? 116 LEU A CD1   1 
ATOM   859  C CD2   . LEU A 1 116 ? -9.805  8.243   -4.374  1.00 20.39 ? 116 LEU A CD2   1 
ATOM   860  N N     . LYS A 1 117 ? -11.581 12.374  -7.510  1.00 24.97 ? 117 LYS A N     1 
ATOM   861  C CA    . LYS A 1 117 ? -11.738 12.981  -8.843  1.00 28.08 ? 117 LYS A CA    1 
ATOM   862  C C     . LYS A 1 117 ? -10.466 13.656  -9.344  1.00 27.49 ? 117 LYS A C     1 
ATOM   863  O O     . LYS A 1 117 ? -10.288 13.798  -10.553 1.00 25.92 ? 117 LYS A O     1 
ATOM   864  C CB    . LYS A 1 117 ? -12.849 14.039  -8.843  1.00 32.13 ? 117 LYS A CB    1 
ATOM   865  C CG    . LYS A 1 117 ? -14.254 13.479  -8.807  1.00 37.27 ? 117 LYS A CG    1 
ATOM   866  C CD    . LYS A 1 117 ? -15.247 14.605  -8.563  1.00 41.15 ? 117 LYS A CD    1 
ATOM   867  C CE    . LYS A 1 117 ? -16.592 14.043  -8.149  1.00 44.41 ? 117 LYS A CE    1 
ATOM   868  N NZ    . LYS A 1 117 ? -17.701 15.029  -8.196  1.00 46.44 ? 117 LYS A NZ    1 
ATOM   869  N N     . LYS A 1 118 ? -9.598  14.071  -8.422  1.00 25.77 ? 118 LYS A N     1 
ATOM   870  C CA    . LYS A 1 118 ? -8.325  14.701  -8.783  1.00 25.98 ? 118 LYS A CA    1 
ATOM   871  C C     . LYS A 1 118 ? -7.222  13.729  -9.151  1.00 24.63 ? 118 LYS A C     1 
ATOM   872  O O     . LYS A 1 118 ? -6.175  14.164  -9.619  1.00 23.43 ? 118 LYS A O     1 
ATOM   873  C CB    . LYS A 1 118 ? -7.876  15.639  -7.669  1.00 28.26 ? 118 LYS A CB    1 
ATOM   874  C CG    . LYS A 1 118 ? -8.944  16.672  -7.382  1.00 33.03 ? 118 LYS A CG    1 
ATOM   875  C CD    . LYS A 1 118 ? -8.455  17.800  -6.519  1.00 38.01 ? 118 LYS A CD    1 
ATOM   876  C CE    . LYS A 1 118 ? -9.596  18.420  -5.737  1.00 39.22 ? 118 LYS A CE    1 
ATOM   877  N NZ    . LYS A 1 118 ? -9.112  19.635  -5.035  1.00 42.11 ? 118 LYS A NZ    1 
ATOM   878  N N     . GLY A 1 119 ? -7.469  12.426  -8.982  1.00 19.41 ? 119 GLY A N     1 
ATOM   879  C CA    . GLY A 1 119 ? -6.561  11.400  -9.420  1.00 19.38 ? 119 GLY A CA    1 
ATOM   880  C C     . GLY A 1 119 ? -5.324  11.328  -8.577  1.00 18.14 ? 119 GLY A C     1 
ATOM   881  O O     . GLY A 1 119 ? -4.191  11.392  -9.123  1.00 17.44 ? 119 GLY A O     1 
ATOM   882  N N     . PRO A 1 120 ? -5.506  11.141  -7.251  1.00 17.08 ? 120 PRO A N     1 
ATOM   883  C CA    . PRO A 1 120 ? -4.327  11.007  -6.359  1.00 16.24 ? 120 PRO A CA    1 
ATOM   884  C C     . PRO A 1 120 ? -3.553  9.739   -6.711  1.00 16.08 ? 120 PRO A C     1 
ATOM   885  O O     . PRO A 1 120 ? -4.125  8.680   -7.015  1.00 17.29 ? 120 PRO A O     1 
ATOM   886  C CB    . PRO A 1 120 ? -4.947  10.906  -4.955  1.00 16.51 ? 120 PRO A CB    1 
ATOM   887  C CG    . PRO A 1 120 ? -6.331  10.316  -5.230  1.00 17.02 ? 120 PRO A CG    1 
ATOM   888  C CD    . PRO A 1 120 ? -6.763  10.906  -6.522  1.00 16.82 ? 120 PRO A CD    1 
ATOM   889  N N     . GLN A 1 121 ? -2.233  9.818   -6.677  1.00 14.90 ? 121 GLN A N     1 
ATOM   890  C CA    . GLN A 1 121 ? -1.439  8.654   -7.017  1.00 14.93 ? 121 GLN A CA    1 
ATOM   891  C C     . GLN A 1 121 ? -1.615  7.534   -6.020  1.00 14.97 ? 121 GLN A C     1 
ATOM   892  O O     . GLN A 1 121 ? -1.553  6.356   -6.409  1.00 14.64 ? 121 GLN A O     1 
ATOM   893  C CB    . GLN A 1 121 ? 0.045   9.002   -7.088  1.00 17.01 ? 121 GLN A CB    1 
ATOM   894  C CG    . GLN A 1 121 ? 0.380   9.939   -8.227  1.00 18.95 ? 121 GLN A CG    1 
ATOM   895  C CD    . GLN A 1 121 ? 0.465   11.399  -7.806  1.00 21.84 ? 121 GLN A CD    1 
ATOM   896  O OE1   . GLN A 1 121 ? -0.208  11.862  -6.879  1.00 21.38 ? 121 GLN A OE1   1 
ATOM   897  N NE2   . GLN A 1 121 ? 1.280   12.140  -8.512  1.00 27.26 ? 121 GLN A NE2   1 
ATOM   898  N N     . ILE A 1 122 ? -1.816  7.882   -4.755  1.00 13.70 ? 122 ILE A N     1 
ATOM   899  C CA    . ILE A 1 122 ? -1.935  6.878   -3.691  1.00 13.39 ? 122 ILE A CA    1 
ATOM   900  C C     . ILE A 1 122 ? -3.244  7.020   -2.924  1.00 13.21 ? 122 ILE A C     1 
ATOM   901  O O     . ILE A 1 122 ? -3.551  8.075   -2.367  1.00 14.43 ? 122 ILE A O     1 
ATOM   902  C CB    . ILE A 1 122 ? -0.743  6.929   -2.697  1.00 13.16 ? 122 ILE A CB    1 
ATOM   903  C CG1   . ILE A 1 122 ? 0.589   6.777   -3.431  1.00 13.46 ? 122 ILE A CG1   1 
ATOM   904  C CG2   . ILE A 1 122 ? -0.877  5.805   -1.669  1.00 13.75 ? 122 ILE A CG2   1 
ATOM   905  C CD1   . ILE A 1 122 ? 1.807   7.084   -2.569  1.00 13.62 ? 122 ILE A CD1   1 
ATOM   906  N N     . VAL A 1 123 ? -3.967  5.928   -2.837  1.00 12.95 ? 123 VAL A N     1 
ATOM   907  C CA    . VAL A 1 123 ? -5.159  5.841   -2.031  1.00 13.02 ? 123 VAL A CA    1 
ATOM   908  C C     . VAL A 1 123 ? -4.916  4.821   -0.898  1.00 12.68 ? 123 VAL A C     1 
ATOM   909  O O     . VAL A 1 123 ? -4.462  3.699   -1.164  1.00 12.92 ? 123 VAL A O     1 
ATOM   910  C CB    . VAL A 1 123 ? -6.387  5.386   -2.872  1.00 13.80 ? 123 VAL A CB    1 
ATOM   911  C CG1   . VAL A 1 123 ? -7.588  5.220   -1.970  1.00 13.75 ? 123 VAL A CG1   1 
ATOM   912  C CG2   . VAL A 1 123 ? -6.671  6.365   -4.008  1.00 15.20 ? 123 VAL A CG2   1 
ATOM   913  N N     . VAL A 1 124 ? -5.223  5.208   0.341   1.00 12.80 ? 124 VAL A N     1 
ATOM   914  C CA    . VAL A 1 124 ? -5.047  4.338   1.517   1.00 12.96 ? 124 VAL A CA    1 
ATOM   915  C C     . VAL A 1 124 ? -6.432  4.210   2.117   1.00 14.35 ? 124 VAL A C     1 
ATOM   916  O O     . VAL A 1 124 ? -7.045  5.217   2.435   1.00 14.90 ? 124 VAL A O     1 
ATOM   917  C CB    . VAL A 1 124 ? -4.120  4.947   2.574   1.00 14.18 ? 124 VAL A CB    1 
ATOM   918  C CG1   . VAL A 1 124 ? -3.859  3.974   3.730   1.00 14.39 ? 124 VAL A CG1   1 
ATOM   919  C CG2   . VAL A 1 124 ? -2.791  5.367   1.955   1.00 14.62 ? 124 VAL A CG2   1 
ATOM   920  N N     . GLY A 1 125 ? -6.937  2.999   2.286   1.00 14.46 ? 125 GLY A N     1 
ATOM   921  C CA    . GLY A 1 125 ? -8.246  2.893   2.886   1.00 14.84 ? 125 GLY A CA    1 
ATOM   922  C C     . GLY A 1 125 ? -8.557  1.616   3.593   1.00 15.06 ? 125 GLY A C     1 
ATOM   923  O O     . GLY A 1 125 ? -7.797  0.667   3.581   1.00 15.01 ? 125 GLY A O     1 
ATOM   924  N N     . THR A 1 126 ? -9.737  1.591   4.174   1.00 14.89 ? 126 THR A N     1 
ATOM   925  C CA    . THR A 1 126 ? -10.246 0.378   4.781   1.00 16.72 ? 126 THR A CA    1 
ATOM   926  C C     . THR A 1 126 ? -11.119 -0.360  3.730   1.00 17.07 ? 126 THR A C     1 
ATOM   927  O O     . THR A 1 126 ? -11.698 0.285   2.841   1.00 15.30 ? 126 THR A O     1 
ATOM   928  C CB    . THR A 1 126 ? -11.025 0.676   6.062   1.00 18.17 ? 126 THR A CB    1 
ATOM   929  O OG1   . THR A 1 126 ? -12.037 1.651   5.792   1.00 18.31 ? 126 THR A OG1   1 
ATOM   930  C CG2   . THR A 1 126 ? -10.080 1.187   7.150   1.00 19.28 ? 126 THR A CG2   1 
ATOM   931  N N     . PRO A 1 127 ? -11.185 -1.721  3.798   1.00 17.37 ? 127 PRO A N     1 
ATOM   932  C CA    . PRO A 1 127 ? -11.733 -2.463  2.677   1.00 17.79 ? 127 PRO A CA    1 
ATOM   933  C C     . PRO A 1 127 ? -13.195 -2.144  2.349   1.00 18.09 ? 127 PRO A C     1 
ATOM   934  O O     . PRO A 1 127 ? -13.548 -2.054  1.160   1.00 18.58 ? 127 PRO A O     1 
ATOM   935  C CB    . PRO A 1 127 ? -11.576 -3.916  3.124   1.00 19.18 ? 127 PRO A CB    1 
ATOM   936  C CG    . PRO A 1 127 ? -10.381 -3.891  4.004   1.00 18.50 ? 127 PRO A CG    1 
ATOM   937  C CD    . PRO A 1 127 ? -10.597 -2.643  4.789   1.00 18.44 ? 127 PRO A CD    1 
ATOM   938  N N     . GLY A 1 128 ? -13.988 -1.944  3.368   1.00 18.38 ? 128 GLY A N     1 
ATOM   939  C CA    . GLY A 1 128 ? -15.383 -1.641  3.212   1.00 19.07 ? 128 GLY A CA    1 
ATOM   940  C C     . GLY A 1 128 ? -15.635 -0.332  2.472   1.00 19.04 ? 128 GLY A C     1 
ATOM   941  O O     . GLY A 1 128 ? -16.444 -0.295  1.574   1.00 16.90 ? 128 GLY A O     1 
ATOM   942  N N     . ARG A 1 129 ? -14.934 0.720   2.887   1.00 18.23 ? 129 ARG A N     1 
ATOM   943  C CA    . ARG A 1 129 ? -15.068 2.031   2.273   1.00 17.14 ? 129 ARG A CA    1 
ATOM   944  C C     . ARG A 1 129 ? -14.575 1.956   0.838   1.00 15.13 ? 129 ARG A C     1 
ATOM   945  O O     . ARG A 1 129 ? -15.210 2.484   -0.074  1.00 14.67 ? 129 ARG A O     1 
ATOM   946  C CB    . ARG A 1 129 ? -14.270 3.076   3.053   1.00 17.41 ? 129 ARG A CB    1 
ATOM   947  C CG    . ARG A 1 129 ? -14.431 4.495   2.534   1.00 18.97 ? 129 ARG A CG    1 
ATOM   948  C CD    . ARG A 1 129 ? -15.866 4.768   2.112   1.00 21.10 ? 129 ARG A CD    1 
ATOM   949  N NE    . ARG A 1 129 ? -16.762 4.882   3.258   1.00 23.31 ? 129 ARG A NE    1 
ATOM   950  C CZ    . ARG A 1 129 ? -17.247 6.031   3.717   1.00 23.29 ? 129 ARG A CZ    1 
ATOM   951  N NH1   . ARG A 1 129 ? -16.922 7.173   3.125   1.00 23.20 ? 129 ARG A NH1   1 
ATOM   952  N NH2   . ARG A 1 129 ? -18.056 6.040   4.767   1.00 25.08 ? 129 ARG A NH2   1 
ATOM   953  N N     . VAL A 1 130 ? -13.440 1.294   0.643   1.00 14.01 ? 130 VAL A N     1 
ATOM   954  C CA    . VAL A 1 130 ? -12.893 1.151   -0.686  1.00 14.81 ? 130 VAL A CA    1 
ATOM   955  C C     . VAL A 1 130 ? -13.972 0.515   -1.602  1.00 15.83 ? 130 VAL A C     1 
ATOM   956  O O     . VAL A 1 130 ? -14.187 0.965   -2.669  1.00 16.52 ? 130 VAL A O     1 
ATOM   957  C CB    . VAL A 1 130 ? -11.598 0.375   -0.709  1.00 14.98 ? 130 VAL A CB    1 
ATOM   958  C CG1   . VAL A 1 130 ? -11.227 -0.064  -2.102  1.00 15.66 ? 130 VAL A CG1   1 
ATOM   959  C CG2   . VAL A 1 130 ? -10.507 1.188   -0.082  1.00 14.86 ? 130 VAL A CG2   1 
ATOM   960  N N     . ILE A 1 131 ? -14.639 -0.535  -1.149  1.00 16.06 ? 131 ILE A N     1 
ATOM   961  C CA    . ILE A 1 131 ? -15.673 -1.177  -1.962  1.00 18.66 ? 131 ILE A CA    1 
ATOM   962  C C     . ILE A 1 131 ? -16.832 -0.245  -2.339  1.00 19.57 ? 131 ILE A C     1 
ATOM   963  O O     . ILE A 1 131 ? -17.300 -0.294  -3.435  1.00 18.05 ? 131 ILE A O     1 
ATOM   964  C CB    . ILE A 1 131 ? -16.097 -2.494  -1.383  1.00 20.33 ? 131 ILE A CB    1 
ATOM   965  C CG1   . ILE A 1 131 ? -14.880 -3.418  -1.486  1.00 21.90 ? 131 ILE A CG1   1 
ATOM   966  C CG2   . ILE A 1 131 ? -17.284 -3.048  -2.144  1.00 22.42 ? 131 ILE A CG2   1 
ATOM   967  C CD1   . ILE A 1 131 ? -15.107 -4.840  -1.074  1.00 23.05 ? 131 ILE A CD1   1 
ATOM   968  N N     . ASP A 1 132 ? -17.250 0.581   -1.400  1.00 19.74 ? 132 ASP A N     1 
ATOM   969  C CA    . ASP A 1 132 ? -18.252 1.627   -1.675  1.00 21.31 ? 132 ASP A CA    1 
ATOM   970  C C     . ASP A 1 132 ? -17.817 2.478   -2.874  1.00 20.29 ? 132 ASP A C     1 
ATOM   971  O O     . ASP A 1 132 ? -18.601 2.730   -3.764  1.00 19.20 ? 132 ASP A O     1 
ATOM   972  C CB    . ASP A 1 132 ? -18.462 2.541   -0.467  1.00 26.48 ? 132 ASP A CB    1 
ATOM   973  C CG    . ASP A 1 132 ? -19.098 1.845   0.712   1.00 32.59 ? 132 ASP A CG    1 
ATOM   974  O OD1   . ASP A 1 132 ? -19.863 0.862   0.500   1.00 40.00 ? 132 ASP A OD1   1 
ATOM   975  O OD2   . ASP A 1 132 ? -18.835 2.294   1.866   1.00 36.67 ? 132 ASP A OD2   1 
ATOM   976  N N     . HIS A 1 133 ? -16.560 2.904   -2.920  1.00 16.53 ? 133 HIS A N     1 
ATOM   977  C CA    . HIS A 1 133 ? -16.091 3.680   -4.047  1.00 16.74 ? 133 HIS A CA    1 
ATOM   978  C C     . HIS A 1 133 ? -16.026 2.876   -5.334  1.00 18.17 ? 133 HIS A C     1 
ATOM   979  O O     . HIS A 1 133 ? -16.385 3.386   -6.393  1.00 21.43 ? 133 HIS A O     1 
ATOM   980  C CB    . HIS A 1 133 ? -14.741 4.302   -3.746  1.00 16.33 ? 133 HIS A CB    1 
ATOM   981  C CG    . HIS A 1 133 ? -14.832 5.438   -2.786  1.00 15.44 ? 133 HIS A CG    1 
ATOM   982  N ND1   . HIS A 1 133 ? -15.322 6.666   -3.161  1.00 15.40 ? 133 HIS A ND1   1 
ATOM   983  C CD2   . HIS A 1 133 ? -14.510 5.540   -1.479  1.00 15.91 ? 133 HIS A CD2   1 
ATOM   984  C CE1   . HIS A 1 133 ? -15.296 7.482   -2.124  1.00 15.09 ? 133 HIS A CE1   1 
ATOM   985  N NE2   . HIS A 1 133 ? -14.806 6.822   -1.092  1.00 16.02 ? 133 HIS A NE2   1 
ATOM   986  N N     . LEU A 1 134 ? -15.595 1.628   -5.250  1.00 18.68 ? 134 LEU A N     1 
ATOM   987  C CA    . LEU A 1 134 ? -15.571 0.755   -6.432  1.00 21.62 ? 134 LEU A CA    1 
ATOM   988  C C     . LEU A 1 134 ? -16.959 0.559   -7.022  1.00 23.15 ? 134 LEU A C     1 
ATOM   989  O O     . LEU A 1 134 ? -17.112 0.693   -8.234  1.00 27.95 ? 134 LEU A O     1 
ATOM   990  C CB    . LEU A 1 134 ? -14.928 -0.603  -6.107  1.00 21.97 ? 134 LEU A CB    1 
ATOM   991  C CG    . LEU A 1 134 ? -13.428 -0.543  -5.842  1.00 21.71 ? 134 LEU A CG    1 
ATOM   992  C CD1   . LEU A 1 134 ? -12.945 -1.898  -5.329  1.00 22.69 ? 134 LEU A CD1   1 
ATOM   993  C CD2   . LEU A 1 134 ? -12.633 -0.113  -7.055  1.00 23.23 ? 134 LEU A CD2   1 
ATOM   994  N N     . ASN A 1 135 ? -17.947 0.290   -6.176  1.00 24.51 ? 135 ASN A N     1 
ATOM   995  C CA    . ASN A 1 135 ? -19.338 0.071   -6.604  1.00 27.93 ? 135 ASN A CA    1 
ATOM   996  C C     . ASN A 1 135 ? -19.953 1.331   -7.225  1.00 29.87 ? 135 ASN A C     1 
ATOM   997  O O     . ASN A 1 135 ? -20.730 1.227   -8.153  1.00 31.30 ? 135 ASN A O     1 
ATOM   998  C CB    . ASN A 1 135 ? -20.247 -0.337  -5.445  1.00 28.05 ? 135 ASN A CB    1 
ATOM   999  C CG    . ASN A 1 135 ? -19.897 -1.693  -4.813  1.00 29.21 ? 135 ASN A CG    1 
ATOM   1000 O OD1   . ASN A 1 135 ? -19.270 -2.579  -5.413  1.00 28.78 ? 135 ASN A OD1   1 
ATOM   1001 N ND2   . ASN A 1 135 ? -20.340 -1.857  -3.590  1.00 31.54 ? 135 ASN A ND2   1 
ATOM   1002 N N     . ARG A 1 136 ? -19.584 2.506   -6.719  1.00 29.33 ? 136 ARG A N     1 
ATOM   1003 C CA    . ARG A 1 136 ? -20.044 3.779   -7.265  1.00 30.08 ? 136 ARG A CA    1 
ATOM   1004 C C     . ARG A 1 136 ? -19.241 4.273   -8.456  1.00 29.73 ? 136 ARG A C     1 
ATOM   1005 O O     . ARG A 1 136 ? -19.565 5.330   -8.983  1.00 27.42 ? 136 ARG A O     1 
ATOM   1006 C CB    . ARG A 1 136 ? -20.021 4.845   -6.188  1.00 32.27 ? 136 ARG A CB    1 
ATOM   1007 C CG    . ARG A 1 136 ? -20.848 4.488   -4.969  1.00 36.70 ? 136 ARG A CG    1 
ATOM   1008 C CD    . ARG A 1 136 ? -20.488 5.390   -3.813  1.00 38.05 ? 136 ARG A CD    1 
ATOM   1009 N NE    . ARG A 1 136 ? -21.137 6.678   -3.997  1.00 41.87 ? 136 ARG A NE    1 
ATOM   1010 C CZ    . ARG A 1 136 ? -22.193 7.130   -3.315  1.00 39.77 ? 136 ARG A CZ    1 
ATOM   1011 N NH1   . ARG A 1 136 ? -22.758 6.415   -2.343  1.00 42.76 ? 136 ARG A NH1   1 
ATOM   1012 N NH2   . ARG A 1 136 ? -22.669 8.334   -3.605  1.00 38.73 ? 136 ARG A NH2   1 
ATOM   1013 N N     . ARG A 1 137 ? -18.184 3.545   -8.853  1.00 27.60 ? 137 ARG A N     1 
ATOM   1014 C CA    . ARG A 1 137 ? -17.280 3.942   -9.930  1.00 31.49 ? 137 ARG A CA    1 
ATOM   1015 C C     . ARG A 1 137 ? -16.509 5.245   -9.661  1.00 29.50 ? 137 ARG A C     1 
ATOM   1016 O O     . ARG A 1 137 ? -16.036 5.912   -10.591 1.00 31.64 ? 137 ARG A O     1 
ATOM   1017 C CB    . ARG A 1 137 ? -18.018 3.979   -11.292 1.00 36.56 ? 137 ARG A CB    1 
ATOM   1018 C CG    . ARG A 1 137 ? -18.238 2.619   -11.930 1.00 43.24 ? 137 ARG A CG    1 
ATOM   1019 C CD    . ARG A 1 137 ? -17.040 2.201   -12.775 1.00 50.50 ? 137 ARG A CD    1 
ATOM   1020 N NE    . ARG A 1 137 ? -17.393 1.146   -13.726 1.00 56.53 ? 137 ARG A NE    1 
ATOM   1021 C CZ    . ARG A 1 137 ? -17.582 -0.143  -13.420 1.00 59.58 ? 137 ARG A CZ    1 
ATOM   1022 N NH1   . ARG A 1 137 ? -17.904 -0.999  -14.383 1.00 58.57 ? 137 ARG A NH1   1 
ATOM   1023 N NH2   . ARG A 1 137 ? -17.463 -0.594  -12.167 1.00 62.33 ? 137 ARG A NH2   1 
ATOM   1024 N N     . THR A 1 138 ? -16.320 5.583   -8.388  1.00 25.78 ? 138 THR A N     1 
ATOM   1025 C CA    . THR A 1 138 ? -15.620 6.817   -8.027  1.00 25.77 ? 138 THR A CA    1 
ATOM   1026 C C     . THR A 1 138 ? -14.128 6.565   -7.750  1.00 24.66 ? 138 THR A C     1 
ATOM   1027 O O     . THR A 1 138 ? -13.348 7.523   -7.646  1.00 26.13 ? 138 THR A O     1 
ATOM   1028 C CB    . THR A 1 138 ? -16.290 7.497   -6.829  1.00 26.92 ? 138 THR A CB    1 
ATOM   1029 O OG1   . THR A 1 138 ? -16.459 6.545   -5.759  1.00 26.22 ? 138 THR A OG1   1 
ATOM   1030 C CG2   . THR A 1 138 ? -17.650 8.036   -7.243  1.00 28.46 ? 138 THR A CG2   1 
ATOM   1031 N N     . LEU A 1 139 ? -13.750 5.287   -7.617  1.00 23.26 ? 139 LEU A N     1 
ATOM   1032 C CA    . LEU A 1 139 ? -12.349 4.855   -7.590  1.00 23.53 ? 139 LEU A CA    1 
ATOM   1033 C C     . LEU A 1 139 ? -12.113 4.048   -8.862  1.00 25.13 ? 139 LEU A C     1 
ATOM   1034 O O     . LEU A 1 139 ? -12.691 2.975   -9.025  1.00 25.59 ? 139 LEU A O     1 
ATOM   1035 C CB    . LEU A 1 139 ? -12.065 4.018   -6.337  1.00 24.58 ? 139 LEU A CB    1 
ATOM   1036 C CG    . LEU A 1 139 ? -10.694 3.327   -6.229  1.00 25.04 ? 139 LEU A CG    1 
ATOM   1037 C CD1   . LEU A 1 139 ? -9.567  4.337   -6.445  1.00 26.30 ? 139 LEU A CD1   1 
ATOM   1038 C CD2   . LEU A 1 139 ? -10.565 2.634   -4.888  1.00 25.62 ? 139 LEU A CD2   1 
ATOM   1039 N N     . LYS A 1 140 ? -11.297 4.601   -9.751  1.00 25.32 ? 140 LYS A N     1 
ATOM   1040 C CA    . LYS A 1 140 ? -10.974 4.010   -11.052 1.00 30.45 ? 140 LYS A CA    1 
ATOM   1041 C C     . LYS A 1 140 ? -9.826  3.036   -10.829 1.00 30.71 ? 140 LYS A C     1 
ATOM   1042 O O     . LYS A 1 140 ? -8.839  3.400   -10.185 1.00 28.16 ? 140 LYS A O     1 
ATOM   1043 C CB    . LYS A 1 140 ? -10.536 5.109   -12.036 1.00 32.32 ? 140 LYS A CB    1 
ATOM   1044 C CG    . LYS A 1 140 ? -11.603 6.158   -12.360 1.00 36.99 ? 140 LYS A CG    1 
ATOM   1045 C CD    . LYS A 1 140 ? -12.646 5.633   -13.344 1.00 39.67 ? 140 LYS A CD    1 
ATOM   1046 C CE    . LYS A 1 140 ? -13.926 6.463   -13.327 1.00 42.87 ? 140 LYS A CE    1 
ATOM   1047 N NZ    . LYS A 1 140 ? -13.696 7.913   -13.600 1.00 46.37 ? 140 LYS A NZ    1 
ATOM   1048 N N     . THR A 1 141 ? -9.970  1.809   -11.322 1.00 29.29 ? 141 THR A N     1 
ATOM   1049 C CA    . THR A 1 141 ? -8.978  0.745   -11.104 1.00 31.22 ? 141 THR A CA    1 
ATOM   1050 C C     . THR A 1 141 ? -8.012  0.549   -12.261 1.00 31.61 ? 141 THR A C     1 
ATOM   1051 O O     . THR A 1 141 ? -7.059  -0.229  -12.139 1.00 28.55 ? 141 THR A O     1 
ATOM   1052 C CB    . THR A 1 141 ? -9.675  -0.604  -10.923 1.00 31.93 ? 141 THR A CB    1 
ATOM   1053 O OG1   . THR A 1 141 ? -10.494 -0.849  -12.069 1.00 33.62 ? 141 THR A OG1   1 
ATOM   1054 C CG2   . THR A 1 141 ? -10.511 -0.606  -9.675  1.00 32.47 ? 141 THR A CG2   1 
ATOM   1055 N N     . ASP A 1 142 ? -8.254  1.251   -13.370 1.00 31.73 ? 142 ASP A N     1 
ATOM   1056 C CA    . ASP A 1 142 ? -7.545  1.011   -14.636 1.00 36.14 ? 142 ASP A CA    1 
ATOM   1057 C C     . ASP A 1 142 ? -6.037  1.292   -14.576 1.00 31.62 ? 142 ASP A C     1 
ATOM   1058 O O     . ASP A 1 142 ? -5.254  0.576   -15.189 1.00 30.85 ? 142 ASP A O     1 
ATOM   1059 C CB    . ASP A 1 142 ? -8.200  1.833   -15.754 1.00 40.06 ? 142 ASP A CB    1 
ATOM   1060 C CG    . ASP A 1 142 ? -9.724  1.746   -15.714 1.00 46.84 ? 142 ASP A CG    1 
ATOM   1061 O OD1   . ASP A 1 142 ? -10.244 0.644   -16.008 1.00 54.34 ? 142 ASP A OD1   1 
ATOM   1062 O OD2   . ASP A 1 142 ? -10.387 2.754   -15.330 1.00 46.98 ? 142 ASP A OD2   1 
ATOM   1063 N N     . GLY A 1 143 ? -5.648  2.329   -13.832 1.00 28.42 ? 143 GLY A N     1 
ATOM   1064 C CA    . GLY A 1 143 ? -4.252  2.700   -13.660 1.00 26.48 ? 143 GLY A CA    1 
ATOM   1065 C C     . GLY A 1 143 ? -3.589  2.087   -12.432 1.00 24.47 ? 143 GLY A C     1 
ATOM   1066 O O     . GLY A 1 143 ? -2.431  2.405   -12.164 1.00 24.58 ? 143 GLY A O     1 
ATOM   1067 N N     . ILE A 1 144 ? -4.296  1.245   -11.672 1.00 20.77 ? 144 ILE A N     1 
ATOM   1068 C CA    . ILE A 1 144 ? -3.739  0.757   -10.400 1.00 21.62 ? 144 ILE A CA    1 
ATOM   1069 C C     . ILE A 1 144 ? -2.719  -0.337  -10.684 1.00 20.49 ? 144 ILE A C     1 
ATOM   1070 O O     . ILE A 1 144 ? -3.092  -1.469  -10.969 1.00 21.39 ? 144 ILE A O     1 
ATOM   1071 C CB    . ILE A 1 144 ? -4.811  0.252   -9.414  1.00 22.29 ? 144 ILE A CB    1 
ATOM   1072 C CG1   . ILE A 1 144 ? -5.790  1.363   -9.092  1.00 23.15 ? 144 ILE A CG1   1 
ATOM   1073 C CG2   . ILE A 1 144 ? -4.179  -0.232  -8.098  1.00 23.52 ? 144 ILE A CG2   1 
ATOM   1074 C CD1   . ILE A 1 144 ? -6.807  0.985   -8.038  1.00 23.39 ? 144 ILE A CD1   1 
ATOM   1075 N N     . HIS A 1 145 ? -1.451  0.010   -10.506 1.00 17.82 ? 145 HIS A N     1 
ATOM   1076 C CA    . HIS A 1 145 ? -0.319  -0.872  -10.738 1.00 18.79 ? 145 HIS A CA    1 
ATOM   1077 C C     . HIS A 1 145 ? 0.317   -1.421  -9.465  1.00 16.55 ? 145 HIS A C     1 
ATOM   1078 O O     . HIS A 1 145 ? 1.195   -2.247  -9.569  1.00 16.53 ? 145 HIS A O     1 
ATOM   1079 C CB    . HIS A 1 145 ? 0.761   -0.133  -11.545 1.00 21.08 ? 145 HIS A CB    1 
ATOM   1080 C CG    . HIS A 1 145 ? 0.337   0.228   -12.931 1.00 25.39 ? 145 HIS A CG    1 
ATOM   1081 N ND1   . HIS A 1 145 ? 0.106   -0.715  -13.903 1.00 30.88 ? 145 HIS A ND1   1 
ATOM   1082 C CD2   . HIS A 1 145 ? 0.092   1.428   -13.511 1.00 28.02 ? 145 HIS A CD2   1 
ATOM   1083 C CE1   . HIS A 1 145 ? -0.274  -0.121  -15.020 1.00 28.11 ? 145 HIS A CE1   1 
ATOM   1084 N NE2   . HIS A 1 145 ? -0.275  1.180   -14.813 1.00 30.20 ? 145 HIS A NE2   1 
ATOM   1085 N N     . THR A 1 146 ? -0.127  -0.994  -8.272  1.00 14.59 ? 146 THR A N     1 
ATOM   1086 C CA    . THR A 1 146 ? 0.424   -1.532  -7.017  1.00 14.72 ? 146 THR A CA    1 
ATOM   1087 C C     . THR A 1 146 ? -0.716  -1.683  -6.027  1.00 14.50 ? 146 THR A C     1 
ATOM   1088 O O     . THR A 1 146 ? -1.508  -0.759  -5.885  1.00 13.58 ? 146 THR A O     1 
ATOM   1089 C CB    . THR A 1 146 ? 1.558   -0.648  -6.423  1.00 16.50 ? 146 THR A CB    1 
ATOM   1090 O OG1   . THR A 1 146 ? 2.511   -0.303  -7.433  1.00 17.95 ? 146 THR A OG1   1 
ATOM   1091 C CG2   . THR A 1 146 ? 2.298   -1.370  -5.333  1.00 16.99 ? 146 THR A CG2   1 
ATOM   1092 N N     . LEU A 1 147 ? -0.813  -2.856  -5.388  1.00 12.65 ? 147 LEU A N     1 
ATOM   1093 C CA    . LEU A 1 147 ? -1.847  -3.115  -4.376  1.00 12.93 ? 147 LEU A CA    1 
ATOM   1094 C C     . LEU A 1 147 ? -1.119  -3.660  -3.153  1.00 12.44 ? 147 LEU A C     1 
ATOM   1095 O O     . LEU A 1 147 ? -0.335  -4.599  -3.278  1.00 12.59 ? 147 LEU A O     1 
ATOM   1096 C CB    . LEU A 1 147 ? -2.874  -4.109  -4.905  1.00 13.70 ? 147 LEU A CB    1 
ATOM   1097 C CG    . LEU A 1 147 ? -3.936  -4.582  -3.916  1.00 14.37 ? 147 LEU A CG    1 
ATOM   1098 C CD1   . LEU A 1 147 ? -4.780  -3.429  -3.458  1.00 14.42 ? 147 LEU A CD1   1 
ATOM   1099 C CD2   . LEU A 1 147 ? -4.800  -5.671  -4.526  1.00 16.16 ? 147 LEU A CD2   1 
ATOM   1100 N N     . ILE A 1 148 ? -1.322  -3.028  -1.999  1.00 12.44 ? 148 ILE A N     1 
ATOM   1101 C CA    . ILE A 1 148 ? -0.641  -3.398  -0.766  1.00 13.25 ? 148 ILE A CA    1 
ATOM   1102 C C     . ILE A 1 148 ? -1.692  -3.726  0.269   1.00 14.39 ? 148 ILE A C     1 
ATOM   1103 O O     . ILE A 1 148 ? -2.578  -2.923  0.509   1.00 13.28 ? 148 ILE A O     1 
ATOM   1104 C CB    . ILE A 1 148 ? 0.273   -2.258  -0.257  1.00 14.60 ? 148 ILE A CB    1 
ATOM   1105 C CG1   . ILE A 1 148 ? 1.414   -1.966  -1.259  1.00 16.24 ? 148 ILE A CG1   1 
ATOM   1106 C CG2   . ILE A 1 148 ? 0.863   -2.633  1.088   1.00 15.51 ? 148 ILE A CG2   1 
ATOM   1107 C CD1   . ILE A 1 148 ? 1.890   -0.555  -1.240  1.00 18.54 ? 148 ILE A CD1   1 
ATOM   1108 N N     . LEU A 1 149 ? -1.570  -4.911  0.886   1.00 14.30 ? 149 LEU A N     1 
ATOM   1109 C CA    . LEU A 1 149 ? -2.447  -5.332  1.977   1.00 16.38 ? 149 LEU A CA    1 
ATOM   1110 C C     . LEU A 1 149 ? -1.598  -5.241  3.239   1.00 16.80 ? 149 LEU A C     1 
ATOM   1111 O O     . LEU A 1 149 ? -0.642  -5.996  3.429   1.00 17.00 ? 149 LEU A O     1 
ATOM   1112 C CB    . LEU A 1 149 ? -2.998  -6.735  1.740   1.00 18.22 ? 149 LEU A CB    1 
ATOM   1113 C CG    . LEU A 1 149 ? -4.155  -6.873  0.740   1.00 20.69 ? 149 LEU A CG    1 
ATOM   1114 C CD1   . LEU A 1 149 ? -3.645  -6.749  -0.677  1.00 23.91 ? 149 LEU A CD1   1 
ATOM   1115 C CD2   . LEU A 1 149 ? -4.872  -8.212  0.862   1.00 23.71 ? 149 LEU A CD2   1 
ATOM   1116 N N     . ASP A 1 150 ? -1.913  -4.261  4.082   1.00 17.80 ? 150 ASP A N     1 
ATOM   1117 C CA    . ASP A 1 150 ? -1.172  -4.027  5.330   1.00 20.20 ? 150 ASP A CA    1 
ATOM   1118 C C     . ASP A 1 150 ? -1.914  -4.708  6.485   1.00 19.84 ? 150 ASP A C     1 
ATOM   1119 O O     . ASP A 1 150 ? -3.028  -4.355  6.760   1.00 19.32 ? 150 ASP A O     1 
ATOM   1120 C CB    . ASP A 1 150 ? -1.046  -2.516  5.596   1.00 22.10 ? 150 ASP A CB    1 
ATOM   1121 C CG    . ASP A 1 150 ? -0.013  -2.191  6.685   1.00 25.20 ? 150 ASP A CG    1 
ATOM   1122 O OD1   . ASP A 1 150 ? 0.573   -3.134  7.274   1.00 25.32 ? 150 ASP A OD1   1 
ATOM   1123 O OD2   . ASP A 1 150 ? 0.197   -0.985  6.950   1.00 27.42 ? 150 ASP A OD2   1 
ATOM   1124 N N     . GLU A 1 151 ? -1.308  -5.695  7.124   1.00 19.57 ? 151 GLU A N     1 
ATOM   1125 C CA    . GLU A 1 151 ? -1.944  -6.455  8.221   1.00 21.08 ? 151 GLU A CA    1 
ATOM   1126 C C     . GLU A 1 151 ? -3.149  -7.242  7.751   1.00 19.54 ? 151 GLU A C     1 
ATOM   1127 O O     . GLU A 1 151 ? -4.273  -7.070  8.231   1.00 19.21 ? 151 GLU A O     1 
ATOM   1128 C CB    . GLU A 1 151 ? -2.277  -5.557  9.405   1.00 25.36 ? 151 GLU A CB    1 
ATOM   1129 C CG    . GLU A 1 151 ? -1.084  -4.713  9.838   1.00 28.49 ? 151 GLU A CG    1 
ATOM   1130 C CD    . GLU A 1 151 ? -1.084  -4.361  11.311  1.00 33.17 ? 151 GLU A CD    1 
ATOM   1131 O OE1   . GLU A 1 151 ? -0.082  -3.769  11.758  1.00 37.65 ? 151 GLU A OE1   1 
ATOM   1132 O OE2   . GLU A 1 151 ? -2.071  -4.651  12.009  1.00 33.44 ? 151 GLU A OE2   1 
ATOM   1133 N N     . ALA A 1 152 ? -2.891  -8.137  6.802   1.00 18.75 ? 152 ALA A N     1 
ATOM   1134 C CA    . ALA A 1 152 ? -3.948  -8.930  6.190   1.00 18.17 ? 152 ALA A CA    1 
ATOM   1135 C C     . ALA A 1 152 ? -4.692  -9.780  7.203   1.00 18.49 ? 152 ALA A C     1 
ATOM   1136 O O     . ALA A 1 152 ? -5.917  -9.940  7.105   1.00 17.32 ? 152 ALA A O     1 
ATOM   1137 C CB    . ALA A 1 152 ? -3.396  -9.797  5.080   1.00 20.50 ? 152 ALA A CB    1 
ATOM   1138 N N     . ASP A 1 153 ? -3.966  -10.345 8.164   1.00 17.64 ? 153 ASP A N     1 
ATOM   1139 C CA    . ASP A 1 153 ? -4.609  -11.152 9.218   1.00 20.13 ? 153 ASP A CA    1 
ATOM   1140 C C     . ASP A 1 153 ? -5.593  -10.336 10.070  1.00 20.29 ? 153 ASP A C     1 
ATOM   1141 O O     . ASP A 1 153 ? -6.725  -10.792 10.360  1.00 22.81 ? 153 ASP A O     1 
ATOM   1142 C CB    . ASP A 1 153 ? -3.570  -11.857 10.104  1.00 21.56 ? 153 ASP A CB    1 
ATOM   1143 C CG    . ASP A 1 153 ? -2.489  -10.920 10.678  1.00 24.13 ? 153 ASP A CG    1 
ATOM   1144 O OD1   . ASP A 1 153 ? -2.478  -9.675  10.414  1.00 24.43 ? 153 ASP A OD1   1 
ATOM   1145 O OD2   . ASP A 1 153 ? -1.585  -11.483 11.361  1.00 25.43 ? 153 ASP A OD2   1 
ATOM   1146 N N     . GLU A 1 154 ? -5.203  -9.118  10.426  1.00 20.03 ? 154 GLU A N     1 
ATOM   1147 C CA    . GLU A 1 154 ? -6.105  -8.232  11.160  1.00 20.84 ? 154 GLU A CA    1 
ATOM   1148 C C     . GLU A 1 154 ? -7.334  -7.856  10.333  1.00 19.66 ? 154 GLU A C     1 
ATOM   1149 O O     . GLU A 1 154 ? -8.452  -7.809  10.869  1.00 21.63 ? 154 GLU A O     1 
ATOM   1150 C CB    . GLU A 1 154 ? -5.371  -6.997  11.708  1.00 23.34 ? 154 GLU A CB    1 
ATOM   1151 C CG    . GLU A 1 154 ? -4.294  -7.347  12.740  1.00 27.41 ? 154 GLU A CG    1 
ATOM   1152 C CD    . GLU A 1 154 ? -4.763  -8.296  13.852  1.00 31.79 ? 154 GLU A CD    1 
ATOM   1153 O OE1   . GLU A 1 154 ? -5.985  -8.298  14.178  1.00 33.30 ? 154 GLU A OE1   1 
ATOM   1154 O OE2   . GLU A 1 154 ? -3.906  -9.032  14.426  1.00 33.53 ? 154 GLU A OE2   1 
ATOM   1155 N N     . MET A 1 155 ? -7.165  -7.643  9.031   1.00 18.58 ? 155 MET A N     1 
ATOM   1156 C CA    . MET A 1 155 ? -8.328  -7.355  8.166   1.00 18.39 ? 155 MET A CA    1 
ATOM   1157 C C     . MET A 1 155 ? -9.275  -8.558  8.171   1.00 17.24 ? 155 MET A C     1 
ATOM   1158 O O     . MET A 1 155 ? -10.499 -8.394  8.275   1.00 18.48 ? 155 MET A O     1 
ATOM   1159 C CB    . MET A 1 155 ? -7.901  -6.973  6.740   1.00 18.44 ? 155 MET A CB    1 
ATOM   1160 C CG    . MET A 1 155 ? -7.253  -5.627  6.727   1.00 20.40 ? 155 MET A CG    1 
ATOM   1161 S SD    . MET A 1 155 ? -6.958  -4.876  5.130   1.00 24.23 ? 155 MET A SD    1 
ATOM   1162 C CE    . MET A 1 155 ? -5.400  -5.631  4.710   1.00 22.11 ? 155 MET A CE    1 
ATOM   1163 N N     . MET A 1 156 ? -8.726  -9.764  8.126   1.00 18.35 ? 156 MET A N     1 
ATOM   1164 C CA    . MET A 1 156 ? -9.561  -10.958 8.218   1.00 20.25 ? 156 MET A CA    1 
ATOM   1165 C C     . MET A 1 156 ? -10.250 -11.062 9.587   1.00 21.19 ? 156 MET A C     1 
ATOM   1166 O O     . MET A 1 156 ? -11.427 -11.448 9.664   1.00 21.42 ? 156 MET A O     1 
ATOM   1167 C CB    . MET A 1 156 ? -8.744  -12.227 7.955   1.00 21.80 ? 156 MET A CB    1 
ATOM   1168 C CG    . MET A 1 156 ? -9.540  -13.512 8.117   1.00 27.00 ? 156 MET A CG    1 
ATOM   1169 S SD    . MET A 1 156 ? -8.444  -14.915 7.943   1.00 33.11 ? 156 MET A SD    1 
ATOM   1170 C CE    . MET A 1 156 ? -9.344  -16.136 8.917   1.00 34.03 ? 156 MET A CE    1 
ATOM   1171 N N     . ASN A 1 157 ? -9.535  -10.712 10.662  1.00 22.06 ? 157 ASN A N     1 
ATOM   1172 C CA    . ASN A 1 157 ? -10.135 -10.742 12.022  1.00 23.93 ? 157 ASN A CA    1 
ATOM   1173 C C     . ASN A 1 157 ? -11.299 -9.770  12.172  1.00 25.10 ? 157 ASN A C     1 
ATOM   1174 O O     . ASN A 1 157 ? -12.144 -9.971  13.025  1.00 25.96 ? 157 ASN A O     1 
ATOM   1175 C CB    . ASN A 1 157 ? -9.085  -10.487 13.111  1.00 25.56 ? 157 ASN A CB    1 
ATOM   1176 C CG    . ASN A 1 157 ? -8.096  -11.630 13.240  1.00 26.32 ? 157 ASN A CG    1 
ATOM   1177 O OD1   . ASN A 1 157 ? -8.387  -12.774 12.882  1.00 30.33 ? 157 ASN A OD1   1 
ATOM   1178 N ND2   . ASN A 1 157 ? -6.929  -11.335 13.758  1.00 30.59 ? 157 ASN A ND2   1 
ATOM   1179 N N     . MET A 1 158 ? -11.347 -8.733  11.339  1.00 24.66 ? 158 MET A N     1 
ATOM   1180 C CA    . MET A 1 158 ? -12.429 -7.753  11.371  1.00 27.84 ? 158 MET A CA    1 
ATOM   1181 C C     . MET A 1 158 ? -13.517 -7.983  10.320  1.00 24.49 ? 158 MET A C     1 
ATOM   1182 O O     . MET A 1 158 ? -14.336 -7.117  10.096  1.00 28.11 ? 158 MET A O     1 
ATOM   1183 C CB    . MET A 1 158 ? -11.832 -6.368  11.244  1.00 29.60 ? 158 MET A CB    1 
ATOM   1184 C CG    . MET A 1 158 ? -10.961 -6.035  12.438  1.00 33.77 ? 158 MET A CG    1 
ATOM   1185 S SD    . MET A 1 158 ? -10.075 -4.541  12.062  1.00 37.22 ? 158 MET A SD    1 
ATOM   1186 C CE    . MET A 1 158 ? -8.734  -4.644  13.250  1.00 37.75 ? 158 MET A CE    1 
ATOM   1187 N N     . GLY A 1 159 ? -13.510 -9.148  9.683   1.00 21.93 ? 159 GLY A N     1 
ATOM   1188 C CA    . GLY A 1 159 ? -14.569 -9.598  8.793   1.00 21.44 ? 159 GLY A CA    1 
ATOM   1189 C C     . GLY A 1 159 ? -14.377 -9.217  7.337   1.00 21.39 ? 159 GLY A C     1 
ATOM   1190 O O     . GLY A 1 159 ? -15.316 -9.325  6.554   1.00 21.52 ? 159 GLY A O     1 
ATOM   1191 N N     . PHE A 1 160 ? -13.171 -8.783  6.963   1.00 17.69 ? 160 PHE A N     1 
ATOM   1192 C CA    . PHE A 1 160 ? -12.970 -8.219  5.618   1.00 18.50 ? 160 PHE A CA    1 
ATOM   1193 C C     . PHE A 1 160 ? -12.428 -9.230  4.580   1.00 18.94 ? 160 PHE A C     1 
ATOM   1194 O O     . PHE A 1 160 ? -12.059 -8.805  3.490   1.00 21.10 ? 160 PHE A O     1 
ATOM   1195 C CB    . PHE A 1 160 ? -12.027 -7.009  5.631   1.00 20.01 ? 160 PHE A CB    1 
ATOM   1196 C CG    . PHE A 1 160 ? -12.526 -5.798  6.379   1.00 20.97 ? 160 PHE A CG    1 
ATOM   1197 C CD1   . PHE A 1 160 ? -13.718 -5.189  6.039   1.00 24.05 ? 160 PHE A CD1   1 
ATOM   1198 C CD2   . PHE A 1 160 ? -11.722 -5.182  7.347   1.00 22.12 ? 160 PHE A CD2   1 
ATOM   1199 C CE1   . PHE A 1 160 ? -14.151 -4.031  6.721   1.00 25.64 ? 160 PHE A CE1   1 
ATOM   1200 C CE2   . PHE A 1 160 ? -12.140 -4.051  8.028   1.00 24.73 ? 160 PHE A CE2   1 
ATOM   1201 C CZ    . PHE A 1 160 ? -13.360 -3.471  7.709   1.00 25.65 ? 160 PHE A CZ    1 
ATOM   1202 N N     . ILE A 1 161 ? -12.378 -10.527 4.870   1.00 18.44 ? 161 ILE A N     1 
ATOM   1203 C CA    . ILE A 1 161 ? -11.780 -11.465 3.907   1.00 20.58 ? 161 ILE A CA    1 
ATOM   1204 C C     . ILE A 1 161 ? -12.469 -11.411 2.525   1.00 20.08 ? 161 ILE A C     1 
ATOM   1205 O O     . ILE A 1 161 ? -11.790 -11.406 1.507   1.00 18.85 ? 161 ILE A O     1 
ATOM   1206 C CB    . ILE A 1 161 ? -11.689 -12.928 4.449   1.00 21.77 ? 161 ILE A CB    1 
ATOM   1207 C CG1   . ILE A 1 161 ? -10.782 -13.780 3.562   1.00 23.21 ? 161 ILE A CG1   1 
ATOM   1208 C CG2   . ILE A 1 161 ? -13.071 -13.561 4.538   1.00 23.18 ? 161 ILE A CG2   1 
ATOM   1209 C CD1   . ILE A 1 161 ? -9.372  -13.244 3.441   1.00 22.78 ? 161 ILE A CD1   1 
ATOM   1210 N N     . ASP A 1 162 ? -13.807 -11.363 2.481   1.00 22.60 ? 162 ASP A N     1 
ATOM   1211 C CA    . ASP A 1 162 ? -14.502 -11.292 1.187   1.00 24.72 ? 162 ASP A CA    1 
ATOM   1212 C C     . ASP A 1 162 ? -14.250 -9.989  0.455   1.00 22.50 ? 162 ASP A C     1 
ATOM   1213 O O     . ASP A 1 162 ? -14.185 -9.976  -0.787  1.00 20.43 ? 162 ASP A O     1 
ATOM   1214 C CB    . ASP A 1 162 ? -16.010 -11.441 1.342   1.00 28.87 ? 162 ASP A CB    1 
ATOM   1215 C CG    . ASP A 1 162 ? -16.407 -12.772 1.818   1.00 34.07 ? 162 ASP A CG    1 
ATOM   1216 O OD1   . ASP A 1 162 ? -15.738 -13.784 1.479   1.00 41.02 ? 162 ASP A OD1   1 
ATOM   1217 O OD2   . ASP A 1 162 ? -17.422 -12.818 2.539   1.00 44.52 ? 162 ASP A OD2   1 
ATOM   1218 N N     . ASP A 1 163 ? -14.156 -8.898  1.219   1.00 20.58 ? 163 ASP A N     1 
ATOM   1219 C CA    A ASP A 1 163 ? -13.799 -7.595  0.668   0.58 20.55 ? 163 ASP A CA    1 
ATOM   1220 C CA    B ASP A 1 163 ? -13.812 -7.594  0.670   0.42 20.68 ? 163 ASP A CA    1 
ATOM   1221 C C     . ASP A 1 163 ? -12.417 -7.618  0.042   1.00 19.70 ? 163 ASP A C     1 
ATOM   1222 O O     . ASP A 1 163 ? -12.232 -7.126  -1.055  1.00 17.18 ? 163 ASP A O     1 
ATOM   1223 C CB    A ASP A 1 163 ? -13.827 -6.504  1.742   0.58 22.07 ? 163 ASP A CB    1 
ATOM   1224 C CB    B ASP A 1 163 ? -13.896 -6.497  1.744   0.42 22.10 ? 163 ASP A CB    1 
ATOM   1225 C CG    A ASP A 1 163 ? -15.233 -6.134  2.188   0.58 23.26 ? 163 ASP A CG    1 
ATOM   1226 C CG    B ASP A 1 163 ? -15.257 -6.444  2.433   0.42 23.10 ? 163 ASP A CG    1 
ATOM   1227 O OD1   A ASP A 1 163 ? -16.236 -6.642  1.613   0.58 23.22 ? 163 ASP A OD1   1 
ATOM   1228 O OD1   B ASP A 1 163 ? -15.548 -7.373  3.225   0.42 24.26 ? 163 ASP A OD1   1 
ATOM   1229 O OD2   A ASP A 1 163 ? -15.324 -5.289  3.119   0.58 24.81 ? 163 ASP A OD2   1 
ATOM   1230 O OD2   B ASP A 1 163 ? -16.030 -5.475  2.190   0.42 25.10 ? 163 ASP A OD2   1 
ATOM   1231 N N     . MET A 1 164 ? -11.443 -8.203  0.745   1.00 18.86 ? 164 MET A N     1 
ATOM   1232 C CA    . MET A 1 164 ? -10.074 -8.320  0.206   1.00 18.20 ? 164 MET A CA    1 
ATOM   1233 C C     . MET A 1 164 ? -10.059 -9.168  -1.073  1.00 18.52 ? 164 MET A C     1 
ATOM   1234 O O     . MET A 1 164 ? -9.392  -8.817  -2.029  1.00 17.11 ? 164 MET A O     1 
ATOM   1235 C CB    . MET A 1 164 ? -9.107  -8.935  1.257   1.00 20.26 ? 164 MET A CB    1 
ATOM   1236 C CG    . MET A 1 164 ? -8.690  -8.000  2.388   1.00 23.38 ? 164 MET A CG    1 
ATOM   1237 S SD    . MET A 1 164 ? -7.346  -8.737  3.393   1.00 31.01 ? 164 MET A SD    1 
ATOM   1238 C CE    . MET A 1 164 ? -8.436  -9.761  4.346   1.00 26.47 ? 164 MET A CE    1 
ATOM   1239 N N     . ARG A 1 165 ? -10.773 -10.297 -1.069  1.00 17.95 ? 165 ARG A N     1 
ATOM   1240 C CA    . ARG A 1 165 ? -10.885 -11.159 -2.253  1.00 18.44 ? 165 ARG A CA    1 
ATOM   1241 C C     . ARG A 1 165 ? -11.491 -10.393 -3.423  1.00 16.67 ? 165 ARG A C     1 
ATOM   1242 O O     . ARG A 1 165 ? -10.994 -10.464 -4.551  1.00 16.20 ? 165 ARG A O     1 
ATOM   1243 C CB    . ARG A 1 165 ? -11.733 -12.409 -1.952  1.00 20.25 ? 165 ARG A CB    1 
ATOM   1244 C CG    . ARG A 1 165 ? -11.058 -13.395 -1.029  1.00 23.63 ? 165 ARG A CG    1 
ATOM   1245 C CD    . ARG A 1 165 ? -11.927 -14.593 -0.701  1.00 26.89 ? 165 ARG A CD    1 
ATOM   1246 N NE    . ARG A 1 165 ? -12.180 -15.323 -1.928  1.00 28.82 ? 165 ARG A NE    1 
ATOM   1247 C CZ    . ARG A 1 165 ? -11.342 -16.190 -2.510  1.00 32.80 ? 165 ARG A CZ    1 
ATOM   1248 N NH1   . ARG A 1 165 ? -11.706 -16.757 -3.662  1.00 36.61 ? 165 ARG A NH1   1 
ATOM   1249 N NH2   . ARG A 1 165 ? -10.157 -16.516 -1.977  1.00 32.87 ? 165 ARG A NH2   1 
ATOM   1250 N N     . PHE A 1 166 ? -12.545 -9.636  -3.133  1.00 16.23 ? 166 PHE A N     1 
ATOM   1251 C CA    . PHE A 1 166 ? -13.212 -8.883  -4.190  1.00 16.73 ? 166 PHE A CA    1 
ATOM   1252 C C     . PHE A 1 166 ? -12.276 -7.815  -4.809  1.00 16.55 ? 166 PHE A C     1 
ATOM   1253 O O     . PHE A 1 166 ? -12.185 -7.683  -6.039  1.00 16.86 ? 166 PHE A O     1 
ATOM   1254 C CB    . PHE A 1 166 ? -14.492 -8.252  -3.662  1.00 18.06 ? 166 PHE A CB    1 
ATOM   1255 C CG    . PHE A 1 166 ? -15.190 -7.440  -4.679  1.00 18.15 ? 166 PHE A CG    1 
ATOM   1256 C CD1   . PHE A 1 166 ? -15.729 -8.048  -5.786  1.00 19.94 ? 166 PHE A CD1   1 
ATOM   1257 C CD2   . PHE A 1 166 ? -15.264 -6.063  -4.563  1.00 20.08 ? 166 PHE A CD2   1 
ATOM   1258 C CE1   . PHE A 1 166 ? -16.361 -7.306  -6.766  1.00 20.98 ? 166 PHE A CE1   1 
ATOM   1259 C CE2   . PHE A 1 166 ? -15.905 -5.311  -5.521  1.00 21.33 ? 166 PHE A CE2   1 
ATOM   1260 C CZ    . PHE A 1 166 ? -16.462 -5.928  -6.621  1.00 22.67 ? 166 PHE A CZ    1 
ATOM   1261 N N     . ILE A 1 167 ? -11.547 -7.084  -3.963  1.00 16.27 ? 167 ILE A N     1 
ATOM   1262 C CA    . ILE A 1 167 ? -10.665 -6.018  -4.435  1.00 16.90 ? 167 ILE A CA    1 
ATOM   1263 C C     . ILE A 1 167 ? -9.540  -6.597  -5.284  1.00 18.34 ? 167 ILE A C     1 
ATOM   1264 O O     . ILE A 1 167 ? -9.212  -6.052  -6.350  1.00 19.08 ? 167 ILE A O     1 
ATOM   1265 C CB    . ILE A 1 167 ? -10.114 -5.151  -3.267  1.00 17.33 ? 167 ILE A CB    1 
ATOM   1266 C CG1   . ILE A 1 167 ? -11.271 -4.366  -2.638  1.00 17.82 ? 167 ILE A CG1   1 
ATOM   1267 C CG2   . ILE A 1 167 ? -9.059  -4.187  -3.774  1.00 17.41 ? 167 ILE A CG2   1 
ATOM   1268 C CD1   . ILE A 1 167 ? -11.008 -3.816  -1.238  1.00 18.57 ? 167 ILE A CD1   1 
ATOM   1269 N N     . MET A 1 168 ? -8.994  -7.725  -4.827  1.00 18.77 ? 168 MET A N     1 
ATOM   1270 C CA    . MET A 1 168 ? -7.879  -8.397  -5.503  1.00 19.55 ? 168 MET A CA    1 
ATOM   1271 C C     . MET A 1 168 ? -8.320  -8.966  -6.848  1.00 21.73 ? 168 MET A C     1 
ATOM   1272 O O     . MET A 1 168 ? -7.549  -8.963  -7.803  1.00 21.39 ? 168 MET A O     1 
ATOM   1273 C CB    . MET A 1 168 ? -7.257  -9.459  -4.598  1.00 20.22 ? 168 MET A CB    1 
ATOM   1274 C CG    . MET A 1 168 ? -6.512  -8.862  -3.417  1.00 23.11 ? 168 MET A CG    1 
ATOM   1275 S SD    . MET A 1 168 ? -5.746  -10.097 -2.370  1.00 26.96 ? 168 MET A SD    1 
ATOM   1276 C CE    . MET A 1 168 ? -4.095  -10.154 -3.079  1.00 26.94 ? 168 MET A CE    1 
ATOM   1277 N N     . ASP A 1 169 ? -9.576  -9.405  -6.945  1.00 20.75 ? 169 ASP A N     1 
ATOM   1278 C CA    . ASP A 1 169 ? -10.145 -9.855  -8.201  1.00 23.04 ? 169 ASP A CA    1 
ATOM   1279 C C     . ASP A 1 169 ? -10.518 -8.696  -9.139  1.00 23.22 ? 169 ASP A C     1 
ATOM   1280 O O     . ASP A 1 169 ? -10.448 -8.852  -10.352 1.00 24.60 ? 169 ASP A O     1 
ATOM   1281 C CB    . ASP A 1 169 ? -11.393 -10.726 -7.925  1.00 25.09 ? 169 ASP A CB    1 
ATOM   1282 C CG    . ASP A 1 169 ? -11.910 -11.434 -9.181  1.00 30.69 ? 169 ASP A CG    1 
ATOM   1283 O OD1   . ASP A 1 169 ? -11.108 -12.106 -9.869  1.00 32.62 ? 169 ASP A OD1   1 
ATOM   1284 O OD2   . ASP A 1 169 ? -13.124 -11.327 -9.467  1.00 32.53 ? 169 ASP A OD2   1 
ATOM   1285 N N     . LYS A 1 170 ? -10.956 -7.557  -8.591  1.00 22.84 ? 170 LYS A N     1 
ATOM   1286 C CA    . LYS A 1 170 ? -11.484 -6.465  -9.409  1.00 26.21 ? 170 LYS A CA    1 
ATOM   1287 C C     . LYS A 1 170 ? -10.395 -5.628  -10.031 1.00 26.17 ? 170 LYS A C     1 
ATOM   1288 O O     . LYS A 1 170 ? -10.567 -5.122  -11.130 1.00 27.13 ? 170 LYS A O     1 
ATOM   1289 C CB    . LYS A 1 170 ? -12.444 -5.564  -8.627  1.00 28.77 ? 170 LYS A CB    1 
ATOM   1290 C CG    . LYS A 1 170 ? -13.347 -4.773  -9.573  1.00 34.77 ? 170 LYS A CG    1 
ATOM   1291 C CD    . LYS A 1 170 ? -14.383 -3.913  -8.875  1.00 37.43 ? 170 LYS A CD    1 
ATOM   1292 C CE    . LYS A 1 170 ? -15.381 -3.332  -9.877  1.00 40.60 ? 170 LYS A CE    1 
ATOM   1293 N NZ    . LYS A 1 170 ? -14.831 -2.188  -10.645 1.00 43.85 ? 170 LYS A NZ    1 
ATOM   1294 N N     . ILE A 1 171 ? -9.275  -5.460  -9.341  1.00 24.17 ? 171 ILE A N     1 
ATOM   1295 C CA    . ILE A 1 171 ? -8.187  -4.675  -9.909  1.00 25.80 ? 171 ILE A CA    1 
ATOM   1296 C C     . ILE A 1 171 ? -7.459  -5.574  -10.893 1.00 25.72 ? 171 ILE A C     1 
ATOM   1297 O O     . ILE A 1 171 ? -7.069  -6.679  -10.510 1.00 26.04 ? 171 ILE A O     1 
ATOM   1298 C CB    . ILE A 1 171 ? -7.226  -4.132  -8.841  1.00 25.38 ? 171 ILE A CB    1 
ATOM   1299 C CG1   . ILE A 1 171 ? -7.970  -3.138  -7.959  1.00 27.57 ? 171 ILE A CG1   1 
ATOM   1300 C CG2   . ILE A 1 171 ? -6.023  -3.449  -9.512  1.00 27.44 ? 171 ILE A CG2   1 
ATOM   1301 C CD1   . ILE A 1 171 ? -7.244  -2.797  -6.680  1.00 28.51 ? 171 ILE A CD1   1 
ATOM   1302 N N     . PRO A 1 172 ? -7.288  -5.115  -12.157 1.00 27.35 ? 172 PRO A N     1 
ATOM   1303 C CA    . PRO A 1 172 ? -6.525  -5.866  -13.155 1.00 29.04 ? 172 PRO A CA    1 
ATOM   1304 C C     . PRO A 1 172 ? -5.212  -6.383  -12.590 1.00 28.15 ? 172 PRO A C     1 
ATOM   1305 O O     . PRO A 1 172 ? -4.513  -5.617  -11.928 1.00 26.72 ? 172 PRO A O     1 
ATOM   1306 C CB    . PRO A 1 172 ? -6.237  -4.806  -14.219 1.00 29.63 ? 172 PRO A CB    1 
ATOM   1307 C CG    . PRO A 1 172 ? -7.487  -3.971  -14.202 1.00 30.56 ? 172 PRO A CG    1 
ATOM   1308 C CD    . PRO A 1 172 ? -7.807  -3.854  -12.730 1.00 29.21 ? 172 PRO A CD    1 
ATOM   1309 N N     . ALA A 1 173 ? -4.891  -7.651  -12.838 1.00 26.03 ? 173 ALA A N     1 
ATOM   1310 C CA    . ALA A 1 173 ? -3.762  -8.304  -12.177 1.00 28.18 ? 173 ALA A CA    1 
ATOM   1311 C C     . ALA A 1 173 ? -2.469  -8.358  -13.006 1.00 27.13 ? 173 ALA A C     1 
ATOM   1312 O O     . ALA A 1 173 ? -1.386  -8.431  -12.440 1.00 26.06 ? 173 ALA A O     1 
ATOM   1313 C CB    . ALA A 1 173 ? -4.147  -9.716  -11.744 1.00 29.69 ? 173 ALA A CB    1 
ATOM   1314 N N     . VAL A 1 174 ? -2.579  -8.311  -14.328 1.00 26.59 ? 174 VAL A N     1 
ATOM   1315 C CA    . VAL A 1 174 ? -1.424  -8.609  -15.180 1.00 27.47 ? 174 VAL A CA    1 
ATOM   1316 C C     . VAL A 1 174 ? -0.307  -7.568  -14.982 1.00 25.87 ? 174 VAL A C     1 
ATOM   1317 O O     . VAL A 1 174 ? 0.865   -7.942  -14.861 1.00 26.41 ? 174 VAL A O     1 
ATOM   1318 C CB    . VAL A 1 174 ? -1.812  -8.766  -16.658 1.00 28.99 ? 174 VAL A CB    1 
ATOM   1319 C CG1   . VAL A 1 174 ? -0.580  -9.008  -17.524 1.00 29.01 ? 174 VAL A CG1   1 
ATOM   1320 C CG2   . VAL A 1 174 ? -2.779  -9.937  -16.830 1.00 31.51 ? 174 VAL A CG2   1 
ATOM   1321 N N     . GLN A 1 175 ? -0.645  -6.294  -14.901 1.00 25.11 ? 175 GLN A N     1 
ATOM   1322 C CA    . GLN A 1 175 ? 0.396   -5.290  -14.685 1.00 26.56 ? 175 GLN A CA    1 
ATOM   1323 C C     . GLN A 1 175 ? 0.535   -4.834  -13.213 1.00 25.87 ? 175 GLN A C     1 
ATOM   1324 O O     . GLN A 1 175 ? 1.193   -3.887  -12.932 1.00 28.19 ? 175 GLN A O     1 
ATOM   1325 C CB    . GLN A 1 175 ? 0.160   -4.071  -15.557 1.00 28.59 ? 175 GLN A CB    1 
ATOM   1326 C CG    . GLN A 1 175 ? 0.620   -4.222  -16.990 1.00 31.39 ? 175 GLN A CG    1 
ATOM   1327 C CD    . GLN A 1 175 ? 0.606   -2.902  -17.745 1.00 33.80 ? 175 GLN A CD    1 
ATOM   1328 O OE1   . GLN A 1 175 ? -0.436  -2.436  -18.162 1.00 37.25 ? 175 GLN A OE1   1 
ATOM   1329 N NE2   . GLN A 1 175 ? 1.750   -2.303  -17.889 1.00 33.78 ? 175 GLN A NE2   1 
ATOM   1330 N N     . ARG A 1 176 ? -0.092  -5.546  -12.308 1.00 22.13 ? 176 ARG A N     1 
ATOM   1331 C CA    . ARG A 1 176 ? -0.089  -5.192  -10.928 1.00 18.62 ? 176 ARG A CA    1 
ATOM   1332 C C     . ARG A 1 176 ? 0.967   -5.847  -10.040 1.00 17.11 ? 176 ARG A C     1 
ATOM   1333 O O     . ARG A 1 176 ? 1.137   -7.023  -10.114 1.00 17.78 ? 176 ARG A O     1 
ATOM   1334 C CB    . ARG A 1 176 ? -1.421  -5.599  -10.392 1.00 20.43 ? 176 ARG A CB    1 
ATOM   1335 C CG    . ARG A 1 176 ? -1.723  -5.007  -9.057  1.00 20.65 ? 176 ARG A CG    1 
ATOM   1336 C CD    . ARG A 1 176 ? -3.081  -5.426  -8.573  1.00 21.18 ? 176 ARG A CD    1 
ATOM   1337 N NE    . ARG A 1 176 ? -2.994  -6.668  -7.893  1.00 20.87 ? 176 ARG A NE    1 
ATOM   1338 C CZ    . ARG A 1 176 ? -3.922  -7.596  -7.863  1.00 22.57 ? 176 ARG A CZ    1 
ATOM   1339 N NH1   . ARG A 1 176 ? -3.686  -8.684  -7.179  1.00 25.46 ? 176 ARG A NH1   1 
ATOM   1340 N NH2   . ARG A 1 176 ? -5.076  -7.445  -8.468  1.00 23.14 ? 176 ARG A NH2   1 
ATOM   1341 N N     . GLN A 1 177 ? 1.641   -5.068  -9.211  1.00 14.62 ? 177 GLN A N     1 
ATOM   1342 C CA    . GLN A 1 177 ? 2.583   -5.565  -8.244  1.00 15.16 ? 177 GLN A CA    1 
ATOM   1343 C C     . GLN A 1 177 ? 1.765   -5.687  -6.960  1.00 15.27 ? 177 GLN A C     1 
ATOM   1344 O O     . GLN A 1 177 ? 1.117   -4.775  -6.622  1.00 14.71 ? 177 GLN A O     1 
ATOM   1345 C CB    . GLN A 1 177 ? 3.697   -4.578  -7.988  1.00 15.60 ? 177 GLN A CB    1 
ATOM   1346 C CG    . GLN A 1 177 ? 4.702   -5.055  -6.991  1.00 15.95 ? 177 GLN A CG    1 
ATOM   1347 C CD    . GLN A 1 177 ? 5.857   -4.099  -6.862  1.00 17.44 ? 177 GLN A CD    1 
ATOM   1348 O OE1   . GLN A 1 177 ? 5.770   -2.962  -7.275  1.00 18.31 ? 177 GLN A OE1   1 
ATOM   1349 N NE2   . GLN A 1 177 ? 6.927   -4.562  -6.294  1.00 17.64 ? 177 GLN A NE2   1 
ATOM   1350 N N     . THR A 1 178 ? 1.840   -6.796  -6.263  1.00 14.74 ? 178 THR A N     1 
ATOM   1351 C CA    . THR A 1 178 ? 1.064   -6.977  -5.021  1.00 16.05 ? 178 THR A CA    1 
ATOM   1352 C C     . THR A 1 178 ? 2.030   -7.264  -3.862  1.00 16.39 ? 178 THR A C     1 
ATOM   1353 O O     . THR A 1 178 ? 2.985   -8.028  -4.004  1.00 16.28 ? 178 THR A O     1 
ATOM   1354 C CB    . THR A 1 178 ? 0.021   -8.088  -5.167  1.00 17.82 ? 178 THR A CB    1 
ATOM   1355 O OG1   . THR A 1 178 ? -0.747  -7.877  -6.355  1.00 21.85 ? 178 THR A OG1   1 
ATOM   1356 C CG2   . THR A 1 178 ? -0.921  -8.128  -3.977  1.00 20.37 ? 178 THR A CG2   1 
ATOM   1357 N N     . MET A 1 179 ? 1.775   -6.625  -2.712  1.00 16.78 ? 179 MET A N     1 
ATOM   1358 C CA    . MET A 1 179 ? 2.521   -6.904  -1.477  1.00 17.92 ? 179 MET A CA    1 
ATOM   1359 C C     . MET A 1 179 ? 1.544   -7.183  -0.375  1.00 17.68 ? 179 MET A C     1 
ATOM   1360 O O     . MET A 1 179 ? 0.496   -6.534  -0.299  1.00 17.61 ? 179 MET A O     1 
ATOM   1361 C CB    . MET A 1 179 ? 3.378   -5.739  -1.047  1.00 19.47 ? 179 MET A CB    1 
ATOM   1362 C CG    . MET A 1 179 ? 4.093   -5.047  -2.176  1.00 23.25 ? 179 MET A CG    1 
ATOM   1363 S SD    . MET A 1 179 ? 5.363   -3.946  -1.546  1.00 29.65 ? 179 MET A SD    1 
ATOM   1364 C CE    . MET A 1 179 ? 5.954   -3.391  -3.145  1.00 31.43 ? 179 MET A CE    1 
ATOM   1365 N N     . LEU A 1 180 ? 1.868   -8.159  0.460   1.00 15.48 ? 180 LEU A N     1 
ATOM   1366 C CA    . LEU A 1 180 ? 0.968   -8.537  1.533   1.00 16.64 ? 180 LEU A CA    1 
ATOM   1367 C C     . LEU A 1 180 ? 1.818   -8.702  2.763   1.00 16.25 ? 180 LEU A C     1 
ATOM   1368 O O     . LEU A 1 180 ? 2.764   -9.452  2.723   1.00 15.53 ? 180 LEU A O     1 
ATOM   1369 C CB    . LEU A 1 180 ? 0.244   -9.819  1.159   1.00 17.74 ? 180 LEU A CB    1 
ATOM   1370 C CG    . LEU A 1 180 ? -0.873  -10.287 2.082   1.00 19.26 ? 180 LEU A CG    1 
ATOM   1371 C CD1   . LEU A 1 180 ? -1.954  -10.997 1.289   1.00 20.62 ? 180 LEU A CD1   1 
ATOM   1372 C CD2   . LEU A 1 180 ? -0.336  -11.171 3.186   1.00 20.62 ? 180 LEU A CD2   1 
ATOM   1373 N N     . PHE A 1 181 ? 1.507   -7.956  3.823   1.00 17.11 ? 181 PHE A N     1 
ATOM   1374 C CA    . PHE A 1 181 ? 2.197   -8.030  5.087   1.00 17.79 ? 181 PHE A CA    1 
ATOM   1375 C C     . PHE A 1 181 ? 1.252   -8.572  6.112   1.00 19.12 ? 181 PHE A C     1 
ATOM   1376 O O     . PHE A 1 181 ? 0.098   -8.089  6.230   1.00 18.42 ? 181 PHE A O     1 
ATOM   1377 C CB    . PHE A 1 181 ? 2.671   -6.657  5.517   1.00 19.18 ? 181 PHE A CB    1 
ATOM   1378 C CG    . PHE A 1 181 ? 3.714   -6.129  4.635   1.00 20.85 ? 181 PHE A CG    1 
ATOM   1379 C CD1   . PHE A 1 181 ? 3.365   -5.560  3.426   1.00 22.87 ? 181 PHE A CD1   1 
ATOM   1380 C CD2   . PHE A 1 181 ? 5.038   -6.229  4.978   1.00 21.76 ? 181 PHE A CD2   1 
ATOM   1381 C CE1   . PHE A 1 181 ? 4.340   -5.095  2.561   1.00 24.36 ? 181 PHE A CE1   1 
ATOM   1382 C CE2   . PHE A 1 181 ? 6.021   -5.755  4.127   1.00 24.18 ? 181 PHE A CE2   1 
ATOM   1383 C CZ    . PHE A 1 181 ? 5.675   -5.204  2.912   1.00 24.52 ? 181 PHE A CZ    1 
ATOM   1384 N N     . SER A 1 182 ? 1.717   -9.578  6.850   1.00 18.03 ? 182 SER A N     1 
ATOM   1385 C CA    . SER A 1 182 ? 0.868   -10.206 7.863   1.00 20.21 ? 182 SER A CA    1 
ATOM   1386 C C     . SER A 1 182 ? 1.740   -10.988 8.814   1.00 20.73 ? 182 SER A C     1 
ATOM   1387 O O     . SER A 1 182 ? 2.573   -11.748 8.372   1.00 22.56 ? 182 SER A O     1 
ATOM   1388 C CB    . SER A 1 182 ? -0.122  -11.168 7.207   1.00 21.30 ? 182 SER A CB    1 
ATOM   1389 O OG    . SER A 1 182 ? -1.238  -11.450 8.028   1.00 23.13 ? 182 SER A OG    1 
ATOM   1390 N N     . ALA A 1 183 ? 1.487   -10.860 10.102  1.00 22.26 ? 183 ALA A N     1 
ATOM   1391 C CA    . ALA A 1 183 ? 2.227   -11.664 11.095  1.00 22.68 ? 183 ALA A CA    1 
ATOM   1392 C C     . ALA A 1 183 ? 1.851   -13.150 11.048  1.00 23.11 ? 183 ALA A C     1 
ATOM   1393 O O     . ALA A 1 183 ? 2.688   -13.996 11.296  1.00 23.95 ? 183 ALA A O     1 
ATOM   1394 C CB    . ALA A 1 183 ? 2.006   -11.098 12.493  1.00 24.71 ? 183 ALA A CB    1 
ATOM   1395 N N     . THR A 1 184 ? 0.590   -13.439 10.761  1.00 21.97 ? 184 THR A N     1 
ATOM   1396 C CA    . THR A 1 184 ? 0.065   -14.798 10.679  1.00 22.75 ? 184 THR A CA    1 
ATOM   1397 C C     . THR A 1 184 ? -0.551  -14.995 9.317   1.00 24.36 ? 184 THR A C     1 
ATOM   1398 O O     . THR A 1 184 ? -1.006  -14.034 8.684   1.00 24.16 ? 184 THR A O     1 
ATOM   1399 C CB    . THR A 1 184 ? -0.986  -15.063 11.772  1.00 23.62 ? 184 THR A CB    1 
ATOM   1400 O OG1   . THR A 1 184 ? -2.205  -14.389 11.445  1.00 23.90 ? 184 THR A OG1   1 
ATOM   1401 C CG2   . THR A 1 184 ? -0.462  -14.617 13.148  1.00 26.06 ? 184 THR A CG2   1 
ATOM   1402 N N     . MET A 1 185 ? -0.578  -16.238 8.865   1.00 24.81 ? 185 MET A N     1 
ATOM   1403 C CA    . MET A 1 185 ? -1.121  -16.569 7.550   1.00 26.47 ? 185 MET A CA    1 
ATOM   1404 C C     . MET A 1 185 ? -2.013  -17.811 7.632   1.00 25.52 ? 185 MET A C     1 
ATOM   1405 O O     . MET A 1 185 ? -1.607  -18.925 7.276   1.00 25.19 ? 185 MET A O     1 
ATOM   1406 C CB    . MET A 1 185 ? 0.002   -16.685 6.517   1.00 28.50 ? 185 MET A CB    1 
ATOM   1407 C CG    . MET A 1 185 ? 0.451   -15.305 6.023   1.00 31.00 ? 185 MET A CG    1 
ATOM   1408 S SD    . MET A 1 185 ? 1.902   -15.368 4.995   1.00 41.35 ? 185 MET A SD    1 
ATOM   1409 C CE    . MET A 1 185 ? 2.697   -13.794 5.351   1.00 39.85 ? 185 MET A CE    1 
ATOM   1410 N N     . PRO A 1 186 ? -3.230  -17.618 8.140   1.00 24.91 ? 186 PRO A N     1 
ATOM   1411 C CA    . PRO A 1 186 ? -4.203  -18.701 8.093   1.00 24.59 ? 186 PRO A CA    1 
ATOM   1412 C C     . PRO A 1 186 ? -4.620  -19.041 6.665   1.00 21.78 ? 186 PRO A C     1 
ATOM   1413 O O     . PRO A 1 186 ? -4.251  -18.321 5.718   1.00 19.76 ? 186 PRO A O     1 
ATOM   1414 C CB    . PRO A 1 186 ? -5.372  -18.160 8.909   1.00 25.43 ? 186 PRO A CB    1 
ATOM   1415 C CG    . PRO A 1 186 ? -5.257  -16.685 8.815   1.00 26.36 ? 186 PRO A CG    1 
ATOM   1416 C CD    . PRO A 1 186 ? -3.799  -16.384 8.709   1.00 25.98 ? 186 PRO A CD    1 
ATOM   1417 N N     . LYS A 1 187 ? -5.340  -20.152 6.515   1.00 20.81 ? 187 LYS A N     1 
ATOM   1418 C CA    . LYS A 1 187 ? -5.726  -20.650 5.195   1.00 21.68 ? 187 LYS A CA    1 
ATOM   1419 C C     . LYS A 1 187 ? -6.310  -19.572 4.280   1.00 21.00 ? 187 LYS A C     1 
ATOM   1420 O O     . LYS A 1 187 ? -5.950  -19.495 3.100   1.00 20.87 ? 187 LYS A O     1 
ATOM   1421 C CB    . LYS A 1 187 ? -6.740  -21.798 5.299   1.00 24.76 ? 187 LYS A CB    1 
ATOM   1422 C CG    . LYS A 1 187 ? -7.119  -22.367 3.950   1.00 26.82 ? 187 LYS A CG    1 
ATOM   1423 C CD    . LYS A 1 187 ? -8.198  -23.420 3.963   1.00 31.25 ? 187 LYS A CD    1 
ATOM   1424 C CE    . LYS A 1 187 ? -8.285  -24.073 2.589   1.00 33.69 ? 187 LYS A CE    1 
ATOM   1425 N NZ    . LYS A 1 187 ? -9.576  -24.787 2.407   1.00 36.79 ? 187 LYS A NZ    1 
ATOM   1426 N N     . ALA A 1 188 ? -7.193  -18.748 4.820   1.00 20.02 ? 188 ALA A N     1 
ATOM   1427 C CA    . ALA A 1 188 ? -7.880  -17.734 4.004   1.00 21.29 ? 188 ALA A CA    1 
ATOM   1428 C C     . ALA A 1 188 ? -6.874  -16.755 3.350   1.00 20.77 ? 188 ALA A C     1 
ATOM   1429 O O     . ALA A 1 188 ? -7.065  -16.318 2.200   1.00 20.30 ? 188 ALA A O     1 
ATOM   1430 C CB    . ALA A 1 188 ? -8.889  -16.994 4.843   1.00 21.28 ? 188 ALA A CB    1 
ATOM   1431 N N     . ILE A 1 189 ? -5.798  -16.459 4.074   1.00 19.12 ? 189 ILE A N     1 
ATOM   1432 C CA    . ILE A 1 189 ? -4.739  -15.573 3.578   1.00 19.63 ? 189 ILE A CA    1 
ATOM   1433 C C     . ILE A 1 189 ? -3.862  -16.319 2.583   1.00 19.72 ? 189 ILE A C     1 
ATOM   1434 O O     . ILE A 1 189 ? -3.490  -15.783 1.545   1.00 18.00 ? 189 ILE A O     1 
ATOM   1435 C CB    . ILE A 1 189 ? -3.898  -14.959 4.721   1.00 19.87 ? 189 ILE A CB    1 
ATOM   1436 C CG1   . ILE A 1 189 ? -4.799  -14.189 5.727   1.00 21.41 ? 189 ILE A CG1   1 
ATOM   1437 C CG2   . ILE A 1 189 ? -2.830  -13.997 4.180   1.00 20.96 ? 189 ILE A CG2   1 
ATOM   1438 C CD1   . ILE A 1 189 ? -5.684  -13.116 5.112   1.00 21.54 ? 189 ILE A CD1   1 
ATOM   1439 N N     . GLN A 1 190 ? -3.543  -17.574 2.884   1.00 19.23 ? 190 GLN A N     1 
ATOM   1440 C CA    . GLN A 1 190 ? -2.762  -18.391 1.953   1.00 19.60 ? 190 GLN A CA    1 
ATOM   1441 C C     . GLN A 1 190 ? -3.451  -18.550 0.596   1.00 20.04 ? 190 GLN A C     1 
ATOM   1442 O O     . GLN A 1 190 ? -2.791  -18.557 -0.444  1.00 20.80 ? 190 GLN A O     1 
ATOM   1443 C CB    . GLN A 1 190 ? -2.464  -19.758 2.555   1.00 21.64 ? 190 GLN A CB    1 
ATOM   1444 C CG    . GLN A 1 190 ? -1.599  -19.708 3.792   1.00 23.47 ? 190 GLN A CG    1 
ATOM   1445 C CD    . GLN A 1 190 ? -1.499  -21.082 4.460   1.00 27.51 ? 190 GLN A CD    1 
ATOM   1446 O OE1   . GLN A 1 190 ? -1.474  -22.101 3.778   1.00 27.89 ? 190 GLN A OE1   1 
ATOM   1447 N NE2   . GLN A 1 190 ? -1.494  -21.109 5.787   1.00 29.67 ? 190 GLN A NE2   1 
ATOM   1448 N N     . ALA A 1 191 ? -4.775  -18.660 0.622   1.00 19.09 ? 191 ALA A N     1 
ATOM   1449 C CA    . ALA A 1 191 ? -5.593  -18.670 -0.604  1.00 20.38 ? 191 ALA A CA    1 
ATOM   1450 C C     . ALA A 1 191 ? -5.455  -17.375 -1.413  1.00 20.12 ? 191 ALA A C     1 
ATOM   1451 O O     . ALA A 1 191 ? -5.377  -17.434 -2.632  1.00 20.75 ? 191 ALA A O     1 
ATOM   1452 C CB    . ALA A 1 191 ? -7.046  -18.949 -0.268  1.00 21.29 ? 191 ALA A CB    1 
ATOM   1453 N N     . LEU A 1 192 ? -5.369  -16.223 -0.742  1.00 19.62 ? 192 LEU A N     1 
ATOM   1454 C CA    . LEU A 1 192 ? -5.177  -14.929 -1.452  1.00 21.19 ? 192 LEU A CA    1 
ATOM   1455 C C     . LEU A 1 192 ? -3.827  -14.906 -2.175  1.00 20.05 ? 192 LEU A C     1 
ATOM   1456 O O     . LEU A 1 192 ? -3.720  -14.414 -3.295  1.00 21.24 ? 192 LEU A O     1 
ATOM   1457 C CB    . LEU A 1 192 ? -5.244  -13.731 -0.475  1.00 21.39 ? 192 LEU A CB    1 
ATOM   1458 C CG    . LEU A 1 192 ? -6.469  -13.436 0.389   1.00 23.46 ? 192 LEU A CG    1 
ATOM   1459 C CD1   . LEU A 1 192 ? -6.198  -12.157 1.184   1.00 22.99 ? 192 LEU A CD1   1 
ATOM   1460 C CD2   . LEU A 1 192 ? -7.710  -13.297 -0.456  1.00 24.66 ? 192 LEU A CD2   1 
ATOM   1461 N N     . VAL A 1 193 ? -2.800  -15.452 -1.529  1.00 19.64 ? 193 VAL A N     1 
ATOM   1462 C CA    . VAL A 1 193 ? -1.453  -15.469 -2.071  1.00 21.33 ? 193 VAL A CA    1 
ATOM   1463 C C     . VAL A 1 193 ? -1.448  -16.354 -3.305  1.00 22.57 ? 193 VAL A C     1 
ATOM   1464 O O     . VAL A 1 193 ? -0.968  -15.952 -4.365  1.00 22.88 ? 193 VAL A O     1 
ATOM   1465 C CB    . VAL A 1 193 ? -0.430  -15.980 -1.044  1.00 22.19 ? 193 VAL A CB    1 
ATOM   1466 C CG1   . VAL A 1 193 ? 0.936   -16.138 -1.682  1.00 24.59 ? 193 VAL A CG1   1 
ATOM   1467 C CG2   . VAL A 1 193 ? -0.346  -15.021 0.119   1.00 23.04 ? 193 VAL A CG2   1 
ATOM   1468 N N     . GLN A 1 194 ? -2.040  -17.540 -3.157  1.00 22.39 ? 194 GLN A N     1 
ATOM   1469 C CA    . GLN A 1 194 ? -2.085  -18.527 -4.250  1.00 24.27 ? 194 GLN A CA    1 
ATOM   1470 C C     . GLN A 1 194 ? -2.917  -18.074 -5.470  1.00 24.31 ? 194 GLN A C     1 
ATOM   1471 O O     . GLN A 1 194 ? -2.487  -18.244 -6.599  1.00 27.23 ? 194 GLN A O     1 
ATOM   1472 C CB    . GLN A 1 194 ? -2.514  -19.881 -3.697  1.00 27.52 ? 194 GLN A CB    1 
ATOM   1473 C CG    . GLN A 1 194 ? -1.398  -20.464 -2.836  1.00 29.52 ? 194 GLN A CG    1 
ATOM   1474 C CD    . GLN A 1 194 ? -1.851  -21.555 -1.872  1.00 36.67 ? 194 GLN A CD    1 
ATOM   1475 O OE1   . GLN A 1 194 ? -2.926  -22.150 -2.027  1.00 41.21 ? 194 GLN A OE1   1 
ATOM   1476 N NE2   . GLN A 1 194 ? -1.021  -21.825 -0.867  1.00 39.94 ? 194 GLN A NE2   1 
ATOM   1477 N N     . GLN A 1 195 ? -4.043  -17.424 -5.242  1.00 23.74 ? 195 GLN A N     1 
ATOM   1478 C CA    . GLN A 1 195 ? -4.936  -17.010 -6.337  1.00 25.59 ? 195 GLN A CA    1 
ATOM   1479 C C     . GLN A 1 195 ? -4.600  -15.657 -6.941  1.00 25.99 ? 195 GLN A C     1 
ATOM   1480 O O     . GLN A 1 195 ? -4.730  -15.477 -8.159  1.00 26.71 ? 195 GLN A O     1 
ATOM   1481 C CB    . GLN A 1 195 ? -6.379  -17.035 -5.844  1.00 28.98 ? 195 GLN A CB    1 
ATOM   1482 C CG    . GLN A 1 195 ? -6.869  -18.414 -5.405  1.00 33.83 ? 195 GLN A CG    1 
ATOM   1483 C CD    . GLN A 1 195 ? -8.269  -18.358 -4.795  1.00 38.40 ? 195 GLN A CD    1 
ATOM   1484 O OE1   . GLN A 1 195 ? -9.139  -17.648 -5.303  1.00 42.08 ? 195 GLN A OE1   1 
ATOM   1485 N NE2   . GLN A 1 195 ? -8.494  -19.111 -3.718  1.00 37.29 ? 195 GLN A NE2   1 
ATOM   1486 N N     . PHE A 1 196 ? -4.149  -14.709 -6.109  1.00 24.41 ? 196 PHE A N     1 
ATOM   1487 C CA    . PHE A 1 196 ? -4.089  -13.285 -6.496  1.00 23.91 ? 196 PHE A CA    1 
ATOM   1488 C C     . PHE A 1 196 ? -2.706  -12.654 -6.475  1.00 24.89 ? 196 PHE A C     1 
ATOM   1489 O O     . PHE A 1 196 ? -2.609  -11.441 -6.648  1.00 28.12 ? 196 PHE A O     1 
ATOM   1490 C CB    . PHE A 1 196 ? -5.015  -12.472 -5.595  1.00 24.61 ? 196 PHE A CB    1 
ATOM   1491 C CG    . PHE A 1 196 ? -6.444  -12.866 -5.705  1.00 24.88 ? 196 PHE A CG    1 
ATOM   1492 C CD1   . PHE A 1 196 ? -7.136  -12.680 -6.906  1.00 26.16 ? 196 PHE A CD1   1 
ATOM   1493 C CD2   . PHE A 1 196 ? -7.111  -13.413 -4.631  1.00 26.67 ? 196 PHE A CD2   1 
ATOM   1494 C CE1   . PHE A 1 196 ? -8.458  -13.046 -7.024  1.00 26.88 ? 196 PHE A CE1   1 
ATOM   1495 C CE2   . PHE A 1 196 ? -8.444  -13.788 -4.747  1.00 27.40 ? 196 PHE A CE2   1 
ATOM   1496 C CZ    . PHE A 1 196 ? -9.111  -13.607 -5.938  1.00 28.42 ? 196 PHE A CZ    1 
ATOM   1497 N N     . MET A 1 197 ? -1.650  -13.435 -6.218  1.00 23.14 ? 197 MET A N     1 
ATOM   1498 C CA    . MET A 1 197 ? -0.293  -12.937 -6.240  1.00 22.84 ? 197 MET A CA    1 
ATOM   1499 C C     . MET A 1 197 ? 0.526   -13.772 -7.206  1.00 24.15 ? 197 MET A C     1 
ATOM   1500 O O     . MET A 1 197 ? 0.118   -14.861 -7.586  1.00 23.41 ? 197 MET A O     1 
ATOM   1501 C CB    . MET A 1 197 ? 0.328   -12.910 -4.829  1.00 23.23 ? 197 MET A CB    1 
ATOM   1502 C CG    . MET A 1 197 ? -0.477  -12.039 -3.851  1.00 22.80 ? 197 MET A CG    1 
ATOM   1503 S SD    . MET A 1 197 ? 0.246   -11.867 -2.203  1.00 23.41 ? 197 MET A SD    1 
ATOM   1504 C CE    . MET A 1 197 ? 1.758   -10.947 -2.548  1.00 21.43 ? 197 MET A CE    1 
ATOM   1505 N N     . LYS A 1 198 ? 1.692   -13.249 -7.558  1.00 23.73 ? 198 LYS A N     1 
ATOM   1506 C CA    . LYS A 1 198 ? 2.573   -13.816 -8.574  1.00 25.72 ? 198 LYS A CA    1 
ATOM   1507 C C     . LYS A 1 198 ? 3.815   -14.362 -7.910  1.00 27.90 ? 198 LYS A C     1 
ATOM   1508 O O     . LYS A 1 198 ? 4.844   -13.692 -7.881  1.00 28.54 ? 198 LYS A O     1 
ATOM   1509 C CB    . LYS A 1 198 ? 2.961   -12.712 -9.556  1.00 27.15 ? 198 LYS A CB    1 
ATOM   1510 C CG    . LYS A 1 198 ? 1.817   -12.240 -10.414 1.00 26.47 ? 198 LYS A CG    1 
ATOM   1511 C CD    . LYS A 1 198 ? 2.250   -11.036 -11.238 1.00 29.67 ? 198 LYS A CD    1 
ATOM   1512 C CE    . LYS A 1 198 ? 1.081   -10.394 -11.959 1.00 29.96 ? 198 LYS A CE    1 
ATOM   1513 N NZ    . LYS A 1 198 ? 1.433   -9.002  -12.348 1.00 31.77 ? 198 LYS A NZ    1 
ATOM   1514 N N     . SER A 1 199 ? 3.682   -15.555 -7.325  1.00 30.34 ? 199 SER A N     1 
ATOM   1515 C CA    . SER A 1 199 ? 4.777   -16.271 -6.647  1.00 32.88 ? 199 SER A CA    1 
ATOM   1516 C C     . SER A 1 199 ? 5.704   -15.333 -5.868  1.00 29.62 ? 199 SER A C     1 
ATOM   1517 O O     . SER A 1 199 ? 6.841   -15.092 -6.255  1.00 29.07 ? 199 SER A O     1 
ATOM   1518 C CB    . SER A 1 199 ? 5.550   -17.103 -7.663  1.00 34.98 ? 199 SER A CB    1 
ATOM   1519 O OG    . SER A 1 199 ? 4.723   -18.166 -8.072  1.00 39.46 ? 199 SER A OG    1 
ATOM   1520 N N     . PRO A 1 200 ? 5.177   -14.751 -4.803  1.00 28.50 ? 200 PRO A N     1 
ATOM   1521 C CA    . PRO A 1 200 ? 5.932   -13.701 -4.155  1.00 27.16 ? 200 PRO A CA    1 
ATOM   1522 C C     . PRO A 1 200 ? 7.194   -14.175 -3.449  1.00 26.79 ? 200 PRO A C     1 
ATOM   1523 O O     . PRO A 1 200 ? 7.272   -15.329 -2.983  1.00 25.85 ? 200 PRO A O     1 
ATOM   1524 C CB    . PRO A 1 200 ? 4.934   -13.129 -3.134  1.00 27.93 ? 200 PRO A CB    1 
ATOM   1525 C CG    . PRO A 1 200 ? 3.933   -14.208 -2.935  1.00 28.18 ? 200 PRO A CG    1 
ATOM   1526 C CD    . PRO A 1 200 ? 3.814   -14.875 -4.255  1.00 28.41 ? 200 PRO A CD    1 
ATOM   1527 N N     . LYS A 1 201 ? 8.147   -13.259 -3.379  1.00 25.23 ? 201 LYS A N     1 
ATOM   1528 C CA    . LYS A 1 201 ? 9.305   -13.348 -2.521  1.00 25.98 ? 201 LYS A CA    1 
ATOM   1529 C C     . LYS A 1 201 ? 8.843   -13.281 -1.059  1.00 24.87 ? 201 LYS A C     1 
ATOM   1530 O O     . LYS A 1 201 ? 8.154   -12.325 -0.659  1.00 22.89 ? 201 LYS A O     1 
ATOM   1531 C CB    . LYS A 1 201 ? 10.222  -12.170 -2.853  1.00 28.22 ? 201 LYS A CB    1 
ATOM   1532 C CG    . LYS A 1 201 ? 11.456  -11.950 -1.999  1.00 33.57 ? 201 LYS A CG    1 
ATOM   1533 C CD    . LYS A 1 201 ? 12.432  -13.094 -2.118  1.00 35.69 ? 201 LYS A CD    1 
ATOM   1534 C CE    . LYS A 1 201 ? 13.690  -12.782 -1.338  1.00 37.71 ? 201 LYS A CE    1 
ATOM   1535 N NZ    . LYS A 1 201 ? 14.591  -13.956 -1.384  1.00 39.00 ? 201 LYS A NZ    1 
ATOM   1536 N N     . ILE A 1 202 ? 9.244   -14.270 -0.267  1.00 23.69 ? 202 ILE A N     1 
ATOM   1537 C CA    . ILE A 1 202 ? 8.889   -14.320 1.149   1.00 24.93 ? 202 ILE A CA    1 
ATOM   1538 C C     . ILE A 1 202 ? 10.002  -13.630 1.946   1.00 26.38 ? 202 ILE A C     1 
ATOM   1539 O O     . ILE A 1 202 ? 11.175  -14.007 1.829   1.00 23.81 ? 202 ILE A O     1 
ATOM   1540 C CB    . ILE A 1 202 ? 8.667   -15.765 1.632   1.00 28.54 ? 202 ILE A CB    1 
ATOM   1541 C CG1   . ILE A 1 202 ? 7.516   -16.411 0.844   1.00 31.08 ? 202 ILE A CG1   1 
ATOM   1542 C CG2   . ILE A 1 202 ? 8.364   -15.783 3.137   1.00 28.63 ? 202 ILE A CG2   1 
ATOM   1543 C CD1   . ILE A 1 202 ? 7.530   -17.920 0.852   1.00 34.56 ? 202 ILE A CD1   1 
ATOM   1544 N N     . ILE A 1 203 ? 9.637   -12.605 2.720   1.00 24.33 ? 203 ILE A N     1 
ATOM   1545 C CA    . ILE A 1 203 ? 10.587  -11.911 3.575   1.00 29.03 ? 203 ILE A CA    1 
ATOM   1546 C C     . ILE A 1 203 ? 10.159  -12.098 5.018   1.00 28.99 ? 203 ILE A C     1 
ATOM   1547 O O     . ILE A 1 203 ? 8.996   -11.891 5.335   1.00 25.03 ? 203 ILE A O     1 
ATOM   1548 C CB    . ILE A 1 203 ? 10.682  -10.426 3.199   1.00 33.03 ? 203 ILE A CB    1 
ATOM   1549 C CG1   . ILE A 1 203 ? 11.196  -10.306 1.757   1.00 36.05 ? 203 ILE A CG1   1 
ATOM   1550 C CG2   . ILE A 1 203 ? 11.634  -9.682  4.140   1.00 34.88 ? 203 ILE A CG2   1 
ATOM   1551 C CD1   . ILE A 1 203 ? 10.694  -9.085  1.054   1.00 40.43 ? 203 ILE A CD1   1 
ATOM   1552 N N     . LYS A 1 204 ? 11.097  -12.511 5.875   1.00 31.31 ? 204 LYS A N     1 
ATOM   1553 C CA    . LYS A 1 204 ? 10.805  -12.794 7.299   1.00 35.16 ? 204 LYS A CA    1 
ATOM   1554 C C     . LYS A 1 204 ? 11.487  -11.838 8.275   1.00 35.26 ? 204 LYS A C     1 
ATOM   1555 O O     . LYS A 1 204 ? 12.517  -11.254 7.943   1.00 36.02 ? 204 LYS A O     1 
ATOM   1556 C CB    . LYS A 1 204 ? 11.232  -14.220 7.628   1.00 39.31 ? 204 LYS A CB    1 
ATOM   1557 C CG    . LYS A 1 204 ? 10.761  -15.226 6.598   1.00 43.88 ? 204 LYS A CG    1 
ATOM   1558 C CD    . LYS A 1 204 ? 10.778  -16.640 7.134   1.00 47.58 ? 204 LYS A CD    1 
ATOM   1559 C CE    . LYS A 1 204 ? 10.065  -17.570 6.178   1.00 51.48 ? 204 LYS A CE    1 
ATOM   1560 N NZ    . LYS A 1 204 ? 10.007  -18.940 6.735   1.00 53.51 ? 204 LYS A NZ    1 
HETATM 1561 P P     . AMP B 2 .   ? 6.068   0.252   11.302  1.00 21.16 ? 301 AMP A P     1 
HETATM 1562 O O1P   . AMP B 2 .   ? 6.697   -1.072  11.570  1.00 21.83 ? 301 AMP A O1P   1 
HETATM 1563 O O2P   . AMP B 2 .   ? 5.991   0.717   9.865   1.00 21.25 ? 301 AMP A O2P   1 
HETATM 1564 O O3P   . AMP B 2 .   ? 4.734   0.372   12.032  1.00 24.12 ? 301 AMP A O3P   1 
HETATM 1565 O "O5'" . AMP B 2 .   ? 7.062   1.368   11.938  1.00 21.07 ? 301 AMP A "O5'" 1 
HETATM 1566 C "C5'" . AMP B 2 .   ? 7.438   1.370   13.314  1.00 21.90 ? 301 AMP A "C5'" 1 
HETATM 1567 C "C4'" . AMP B 2 .   ? 8.163   2.654   13.681  1.00 22.26 ? 301 AMP A "C4'" 1 
HETATM 1568 O "O4'" . AMP B 2 .   ? 9.497   2.618   13.147  1.00 20.13 ? 301 AMP A "O4'" 1 
HETATM 1569 C "C3'" . AMP B 2 .   ? 7.488   3.921   13.161  1.00 22.06 ? 301 AMP A "C3'" 1 
HETATM 1570 O "O3'" . AMP B 2 .   ? 7.349   4.913   14.178  1.00 26.04 ? 301 AMP A "O3'" 1 
HETATM 1571 C "C2'" . AMP B 2 .   ? 8.432   4.406   12.097  1.00 22.19 ? 301 AMP A "C2'" 1 
HETATM 1572 O "O2'" . AMP B 2 .   ? 8.482   5.821   11.971  1.00 27.21 ? 301 AMP A "O2'" 1 
HETATM 1573 C "C1'" . AMP B 2 .   ? 9.755   3.897   12.598  1.00 20.37 ? 301 AMP A "C1'" 1 
HETATM 1574 N N9    . AMP B 2 .   ? 10.767  3.654   11.577  1.00 18.94 ? 301 AMP A N9    1 
HETATM 1575 C C8    . AMP B 2 .   ? 10.555  2.986   10.420  1.00 17.46 ? 301 AMP A C8    1 
HETATM 1576 N N7    . AMP B 2 .   ? 11.671  2.880   9.709   1.00 17.58 ? 301 AMP A N7    1 
HETATM 1577 C C5    . AMP B 2 .   ? 12.627  3.465   10.450  1.00 18.05 ? 301 AMP A C5    1 
HETATM 1578 C C6    . AMP B 2 .   ? 14.046  3.682   10.270  1.00 18.72 ? 301 AMP A C6    1 
HETATM 1579 N N6    . AMP B 2 .   ? 14.592  3.221   9.146   1.00 17.53 ? 301 AMP A N6    1 
HETATM 1580 N N1    . AMP B 2 .   ? 14.720  4.332   11.267  1.00 17.62 ? 301 AMP A N1    1 
HETATM 1581 C C2    . AMP B 2 .   ? 14.113  4.764   12.383  1.00 20.38 ? 301 AMP A C2    1 
HETATM 1582 N N3    . AMP B 2 .   ? 12.784  4.633   12.622  1.00 18.07 ? 301 AMP A N3    1 
HETATM 1583 C C4    . AMP B 2 .   ? 12.033  3.978   11.688  1.00 19.28 ? 301 AMP A C4    1 
HETATM 1584 O O     . HOH C 3 .   ? 1.995   -0.300  8.499   1.00 29.71 ? 401 HOH A O     1 
HETATM 1585 O O     . HOH C 3 .   ? 0.298   -9.084  -8.333  1.00 22.40 ? 402 HOH A O     1 
HETATM 1586 O O     . HOH C 3 .   ? 4.732   -8.397  -9.616  1.00 25.38 ? 403 HOH A O     1 
HETATM 1587 O O     . HOH C 3 .   ? -6.668  3.937   -11.613 1.00 27.25 ? 404 HOH A O     1 
HETATM 1588 O O     . HOH C 3 .   ? 1.775   1.878   -8.786  1.00 21.66 ? 405 HOH A O     1 
HETATM 1589 O O     . HOH C 3 .   ? 10.410  13.823  -0.690  1.00 21.57 ? 406 HOH A O     1 
HETATM 1590 O O     . HOH C 3 .   ? 3.324   -2.911  -11.604 1.00 22.41 ? 407 HOH A O     1 
HETATM 1591 O O     . HOH C 3 .   ? 17.327  5.006   11.541  1.00 21.94 ? 408 HOH A O     1 
HETATM 1592 O O     . HOH C 3 .   ? -0.055  -8.586  10.999  1.00 28.88 ? 409 HOH A O     1 
HETATM 1593 O O     . HOH C 3 .   ? 9.099   0.704   -6.714  1.00 26.60 ? 410 HOH A O     1 
HETATM 1594 O O     . HOH C 3 .   ? 1.605   -7.025  9.553   1.00 31.12 ? 411 HOH A O     1 
HETATM 1595 O O     . HOH C 3 .   ? 2.036   -10.392 -15.268 1.00 27.16 ? 412 HOH A O     1 
HETATM 1596 O O     . HOH C 3 .   ? 7.981   2.240   8.716   1.00 15.09 ? 413 HOH A O     1 
HETATM 1597 O O     . HOH C 3 .   ? 2.766   3.304   -10.750 1.00 23.10 ? 414 HOH A O     1 
HETATM 1598 O O     . HOH C 3 .   ? 6.646   -11.615 -8.340  1.00 26.44 ? 415 HOH A O     1 
HETATM 1599 O O     . HOH C 3 .   ? 12.946  -4.862  10.441  1.00 21.24 ? 416 HOH A O     1 
HETATM 1600 O O     . HOH C 3 .   ? -11.814 1.701   11.158  1.00 20.30 ? 417 HOH A O     1 
HETATM 1601 O O     . HOH C 3 .   ? -12.940 -12.098 7.250   1.00 22.94 ? 418 HOH A O     1 
HETATM 1602 O O     . HOH C 3 .   ? -14.465 0.019   5.728   1.00 30.49 ? 419 HOH A O     1 
HETATM 1603 O O     . HOH C 3 .   ? -8.490  -19.322 7.390   1.00 22.66 ? 420 HOH A O     1 
HETATM 1604 O O     . HOH C 3 .   ? -7.422  12.268  2.391   1.00 24.56 ? 421 HOH A O     1 
HETATM 1605 O O     . HOH C 3 .   ? 21.476  6.979   1.921   1.00 28.20 ? 422 HOH A O     1 
HETATM 1606 O O     . HOH C 3 .   ? -1.506  14.177  0.331   1.00 24.03 ? 423 HOH A O     1 
HETATM 1607 O O     . HOH C 3 .   ? -5.103  14.847  -0.726  1.00 36.23 ? 424 HOH A O     1 
# 
